data_9CPO
#
_entry.id   9CPO
#
_cell.length_a   1.00
_cell.length_b   1.00
_cell.length_c   1.00
_cell.angle_alpha   90.00
_cell.angle_beta   90.00
_cell.angle_gamma   90.00
#
_symmetry.space_group_name_H-M   'P 1'
#
loop_
_entity.id
_entity.type
_entity.pdbx_description
1 polymer 'RNA-directed RNA polymerase nsp12'
2 polymer 'Non-structural protein 8'
3 polymer 'Non-structural protein 7'
4 polymer 'RNA Primer'
5 polymer 'RNA template'
6 non-polymer 'ZINC ION'
#
loop_
_entity_poly.entity_id
_entity_poly.type
_entity_poly.pdbx_seq_one_letter_code
_entity_poly.pdbx_strand_id
1 'polypeptide(L)'
;FDKNYLNRVRGSSEARLIPLANGCDPDVVKRAFDVCNKESAGMFQNLKRNCARFQEVRDTEDGNLEYCDSYFVVKQTTPS
NYEHEKACYEDLKSEVTADHDFFVFNKNIYNISRQRLTKYTMMDFCYALRHFDPKDCEVLKEILVTYGCIEDYHPKWFEE
NKDWYDPIENPKYYAMLAKMGPIVRRALLNAIEFGNLMVEKGYVGVITLDNQDLNGKFYDFGDFQKTAPGAGVPVFDTYY
SYMMPIIAMTDALAPERYFEYDVHKGYKSYDLLKYDYTEEKQDLFQKYFKYWDQEYHPNCRDCSDDRCLIHCANFNILFS
TLVPQTSFGNLCRKVFVDGVPFIATCGYHSKELGVIMNQDNTMSFSKMGLSQLMQFVGDPALLVGTSNKLVDLRTSCFSV
CALASGITHQTVKPGHFNKDFYDFAEKAGMFKEGSSIPLKHFFYPQTGNAAINDYDYYRYNRPTMFDIRQLLFCLEVTSK
YFECYEGGCIPASQVVVNNLDKSAGYPFNKFGKARLYYEMSLEEQDQLFESTKKNVLPTITQMNLKYAISAKNRARTVAG
VSILSTMTNRQFHQKILKSIVNTRNAPVVIGTTKFYGGWDNMLRNLIQGVEDPILMGWDYPKCDRAMPNLLRIAASLVLA
RKHTNCCTWSERVYRLYNECAQVLSETVLATGGIYVKPGGTSSGDATTAYANSVFNIIQATSANVARLLSVITRDIVYDD
IKSLQYELYQQVYRRVNFDPAFVEKFYSYLCKNFSLMILSDDGVVCYNNTLAKQGLVADISGFREVLYYQNNVFMADSKC
WVEPDLEKGPHEFCSQHTMLVEVDGEPRYLPYPDPSRILCACVFVDDLDKTESVAVMERYIALAIDAYPLVHHENEEYKK
VFFVLLSYIRKLYQELSQNMLMDYSFVMDIDKGSKFWEQEFYENMYRAPT
;
A
2 'polypeptide(L)'
;FSHIPSYAEYERAKSIYEKVLADSKNGGVTQQELAAYRKAANIAKSVFDRDLAVQKKLDSMAERAMTTMYKEARVTDRRA
KLVSSLHALLFSMLKKIDSEKLNVLFDQANSGVVPLATVPIVCSNKLTLVIPDPETWVKCVEGVHVTYSTVVWNIDCVTD
ADGTELHPTSTGSGLTYCISGDNIAWPLKVNLTRN
;
B,D
3 'polypeptide(L)' KLSDVKCTTVVLMQLLTKLNVEANSKMHAYLVELHNKILASDDVGECMDNLLGMLITLFCIDSTIDLGEYCD C
4 'polyribonucleotide' UCUCCUAAGAAGCUAUUAAAAUCACAGAUU P
5 'polyribonucleotide' AAAAAUCUGUGAUUUUAAUAGCUUCUUAGGAGA T
#
loop_
_chem_comp.id
_chem_comp.type
_chem_comp.name
_chem_comp.formula
A RNA linking ADENOSINE-5'-MONOPHOSPHATE 'C10 H14 N5 O7 P'
C RNA linking CYTIDINE-5'-MONOPHOSPHATE 'C9 H14 N3 O8 P'
G RNA linking GUANOSINE-5'-MONOPHOSPHATE 'C10 H14 N5 O8 P'
U RNA linking URIDINE-5'-MONOPHOSPHATE 'C9 H13 N2 O9 P'
ZN non-polymer 'ZINC ION' 'Zn 2'
#
# COMPACT_ATOMS: atom_id res chain seq x y z
N PHE A 1 -37.57 -29.94 44.58
CA PHE A 1 -38.07 -28.60 44.15
C PHE A 1 -39.07 -28.04 45.15
N ASP A 2 -39.06 -26.72 45.32
CA ASP A 2 -39.97 -26.03 46.22
C ASP A 2 -40.77 -25.00 45.44
N LYS A 3 -42.07 -24.95 45.69
CA LYS A 3 -42.95 -23.97 45.05
C LYS A 3 -43.14 -22.72 45.88
N ASN A 4 -43.01 -22.82 47.21
CA ASN A 4 -43.18 -21.64 48.06
C ASN A 4 -42.12 -20.59 47.78
N TYR A 5 -40.87 -21.03 47.54
CA TYR A 5 -39.81 -20.08 47.24
C TYR A 5 -40.11 -19.32 45.96
N LEU A 6 -40.54 -20.03 44.91
CA LEU A 6 -40.90 -19.36 43.67
C LEU A 6 -42.08 -18.40 43.89
N ASN A 7 -43.08 -18.84 44.65
CA ASN A 7 -44.24 -17.99 44.90
C ASN A 7 -43.81 -16.70 45.58
N ARG A 8 -42.92 -16.79 46.57
CA ARG A 8 -42.45 -15.58 47.24
C ARG A 8 -41.63 -14.71 46.28
N VAL A 9 -40.75 -15.32 45.49
CA VAL A 9 -39.93 -14.54 44.56
C VAL A 9 -40.82 -13.81 43.56
N ARG A 10 -41.99 -14.36 43.26
CA ARG A 10 -42.89 -13.71 42.31
C ARG A 10 -43.22 -12.29 42.74
N GLY A 11 -43.36 -12.06 44.04
CA GLY A 11 -43.65 -10.73 44.52
C GLY A 11 -45.00 -10.23 44.01
N SER A 12 -45.07 -8.93 43.78
CA SER A 12 -46.28 -8.28 43.30
C SER A 12 -46.23 -7.94 41.81
N SER A 13 -45.22 -8.42 41.09
CA SER A 13 -45.10 -8.09 39.67
C SER A 13 -46.26 -8.66 38.87
N GLU A 14 -46.92 -9.70 39.36
CA GLU A 14 -48.00 -10.37 38.64
C GLU A 14 -47.52 -10.85 37.27
N ALA A 15 -46.48 -11.67 37.28
CA ALA A 15 -45.91 -12.24 36.07
C ALA A 15 -45.62 -13.72 36.29
N ARG A 16 -45.64 -14.47 35.19
CA ARG A 16 -45.33 -15.89 35.24
C ARG A 16 -43.82 -16.10 35.26
N LEU A 17 -43.41 -17.23 35.84
CA LEU A 17 -42.01 -17.59 35.92
C LEU A 17 -41.87 -19.10 35.80
N ILE A 18 -40.69 -19.53 35.37
CA ILE A 18 -40.35 -20.95 35.31
C ILE A 18 -39.03 -21.16 36.02
N PRO A 19 -38.94 -22.05 37.00
CA PRO A 19 -37.65 -22.24 37.69
C PRO A 19 -36.58 -22.73 36.74
N LEU A 20 -35.35 -22.28 36.98
CA LEU A 20 -34.18 -22.78 36.27
C LEU A 20 -33.32 -23.70 37.13
N ALA A 21 -33.24 -23.42 38.43
CA ALA A 21 -32.55 -24.30 39.37
C ALA A 21 -33.51 -25.39 39.84
N ASN A 22 -32.94 -26.40 40.51
CA ASN A 22 -33.73 -27.51 41.01
C ASN A 22 -34.47 -27.17 42.29
N GLY A 23 -34.23 -26.00 42.88
CA GLY A 23 -34.89 -25.60 44.10
C GLY A 23 -34.35 -24.29 44.62
N CYS A 24 -34.06 -24.21 45.91
CA CYS A 24 -33.44 -23.01 46.48
C CYS A 24 -31.97 -22.89 46.09
N ASP A 25 -31.38 -23.91 45.48
CA ASP A 25 -29.96 -23.90 45.18
C ASP A 25 -29.65 -22.84 44.13
N PRO A 26 -28.45 -22.24 44.17
CA PRO A 26 -28.09 -21.25 43.15
C PRO A 26 -27.89 -21.87 41.78
N ASP A 27 -27.55 -21.04 40.80
CA ASP A 27 -27.28 -21.48 39.44
C ASP A 27 -25.92 -20.96 39.01
N VAL A 28 -25.26 -21.73 38.14
CA VAL A 28 -23.91 -21.42 37.68
C VAL A 28 -23.98 -21.01 36.23
N VAL A 29 -23.37 -19.85 35.92
CA VAL A 29 -23.33 -19.33 34.56
C VAL A 29 -22.00 -18.61 34.35
N LYS A 30 -21.62 -18.45 33.08
CA LYS A 30 -20.37 -17.82 32.70
C LYS A 30 -20.65 -16.36 32.34
N ARG A 31 -20.07 -15.43 33.10
CA ARG A 31 -20.27 -14.01 32.89
C ARG A 31 -18.93 -13.29 32.96
N ALA A 32 -18.79 -12.23 32.17
CA ALA A 32 -17.61 -11.39 32.23
C ALA A 32 -17.70 -10.43 33.42
N PHE A 33 -16.54 -10.06 33.95
CA PHE A 33 -16.48 -9.18 35.11
C PHE A 33 -15.43 -8.10 34.88
N ASP A 34 -15.48 -7.10 35.76
CA ASP A 34 -14.48 -6.04 35.82
C ASP A 34 -14.12 -5.85 37.29
N VAL A 35 -13.07 -6.52 37.74
CA VAL A 35 -12.73 -6.62 39.15
C VAL A 35 -11.36 -6.00 39.38
N CYS A 36 -11.24 -5.25 40.48
CA CYS A 36 -9.96 -4.69 40.91
C CYS A 36 -10.03 -4.52 42.43
N ASN A 37 -9.46 -5.49 43.15
CA ASN A 37 -9.45 -5.45 44.61
C ASN A 37 -8.08 -5.85 45.12
N LYS A 38 -7.98 -6.14 46.42
CA LYS A 38 -6.69 -6.41 47.04
C LYS A 38 -6.10 -7.76 46.63
N GLU A 39 -6.75 -8.53 45.77
CA GLU A 39 -6.23 -9.84 45.37
C GLU A 39 -6.25 -10.09 43.87
N SER A 40 -7.10 -9.42 43.09
CA SER A 40 -7.21 -9.68 41.66
C SER A 40 -7.37 -8.37 40.91
N ALA A 41 -7.14 -8.43 39.60
CA ALA A 41 -7.31 -7.26 38.76
C ALA A 41 -7.29 -7.71 37.31
N GLY A 42 -8.27 -7.28 36.54
CA GLY A 42 -8.35 -7.61 35.13
C GLY A 42 -9.78 -7.59 34.66
N MET A 43 -9.96 -7.99 33.40
CA MET A 43 -11.28 -8.06 32.77
C MET A 43 -11.67 -9.51 32.49
N PHE A 44 -11.33 -10.40 33.41
CA PHE A 44 -11.45 -11.84 33.18
C PHE A 44 -12.91 -12.26 33.05
N GLN A 45 -13.09 -13.55 32.75
CA GLN A 45 -14.41 -14.18 32.64
C GLN A 45 -14.45 -15.33 33.64
N ASN A 46 -15.25 -15.16 34.68
CA ASN A 46 -15.27 -16.10 35.80
C ASN A 46 -16.70 -16.57 36.06
N LEU A 47 -16.82 -17.74 36.68
CA LEU A 47 -18.11 -18.31 36.98
C LEU A 47 -18.81 -17.54 38.10
N LYS A 48 -20.13 -17.55 38.06
CA LYS A 48 -20.98 -16.87 39.05
C LYS A 48 -21.74 -17.92 39.84
N ARG A 49 -21.70 -17.81 41.17
CA ARG A 49 -22.28 -18.82 42.05
C ARG A 49 -23.12 -18.26 43.19
N ASN A 50 -23.35 -16.95 43.24
CA ASN A 50 -24.06 -16.34 44.35
C ASN A 50 -25.53 -16.11 44.09
N CYS A 51 -26.04 -16.40 42.89
CA CYS A 51 -27.38 -15.99 42.50
C CYS A 51 -28.13 -17.13 41.83
N ALA A 52 -29.43 -17.24 42.16
CA ALA A 52 -30.35 -18.11 41.45
C ALA A 52 -31.24 -17.27 40.55
N ARG A 53 -31.56 -17.80 39.37
CA ARG A 53 -32.23 -17.04 38.34
C ARG A 53 -33.53 -17.72 37.91
N PHE A 54 -34.56 -16.91 37.71
CA PHE A 54 -35.84 -17.36 37.17
C PHE A 54 -36.14 -16.62 35.89
N GLN A 55 -36.77 -17.30 34.95
CA GLN A 55 -37.10 -16.72 33.65
C GLN A 55 -38.59 -16.44 33.56
N GLU A 56 -38.94 -15.21 33.18
CA GLU A 56 -40.33 -14.86 32.97
C GLU A 56 -40.83 -15.41 31.64
N VAL A 57 -42.10 -15.78 31.61
CA VAL A 57 -42.74 -16.26 30.38
C VAL A 57 -44.06 -15.52 30.21
N ARG A 58 -44.51 -15.43 28.95
CA ARG A 58 -45.72 -14.70 28.61
C ARG A 58 -46.52 -15.53 27.61
N ASP A 59 -47.83 -15.27 27.57
CA ASP A 59 -48.73 -15.97 26.67
C ASP A 59 -48.88 -15.18 25.39
N THR A 60 -48.52 -15.80 24.27
CA THR A 60 -48.61 -15.13 22.97
C THR A 60 -50.04 -15.16 22.46
N GLU A 61 -50.32 -14.27 21.51
CA GLU A 61 -51.65 -14.23 20.89
C GLU A 61 -52.00 -15.55 20.22
N ASP A 62 -50.99 -16.33 19.83
CA ASP A 62 -51.23 -17.63 19.21
C ASP A 62 -51.50 -18.73 20.23
N GLY A 63 -51.40 -18.43 21.52
CA GLY A 63 -51.61 -19.42 22.56
C GLY A 63 -50.38 -20.19 22.98
N ASN A 64 -49.22 -19.87 22.43
CA ASN A 64 -47.98 -20.55 22.75
C ASN A 64 -47.14 -19.69 23.68
N LEU A 65 -46.48 -20.34 24.64
CA LEU A 65 -45.62 -19.64 25.57
C LEU A 65 -44.40 -19.07 24.84
N GLU A 66 -44.05 -17.83 25.17
CA GLU A 66 -42.85 -17.19 24.65
C GLU A 66 -41.87 -16.96 25.79
N TYR A 67 -40.65 -17.43 25.62
CA TYR A 67 -39.61 -17.30 26.65
C TYR A 67 -38.93 -15.95 26.46
N CYS A 68 -39.57 -14.90 26.98
CA CYS A 68 -39.02 -13.56 26.89
C CYS A 68 -37.67 -13.51 27.61
N ASP A 69 -36.96 -12.40 27.41
CA ASP A 69 -35.63 -12.24 27.98
C ASP A 69 -35.63 -11.66 29.38
N SER A 70 -36.80 -11.40 29.95
CA SER A 70 -36.87 -10.86 31.30
C SER A 70 -36.51 -11.94 32.31
N TYR A 71 -35.53 -11.65 33.17
CA TYR A 71 -35.04 -12.59 34.17
C TYR A 71 -35.19 -12.01 35.56
N PHE A 72 -35.50 -12.88 36.52
CA PHE A 72 -35.49 -12.52 37.94
C PHE A 72 -34.27 -13.18 38.58
N VAL A 73 -33.38 -12.37 39.11
CA VAL A 73 -32.15 -12.85 39.76
C VAL A 73 -32.30 -12.61 41.25
N VAL A 74 -32.07 -13.65 42.04
CA VAL A 74 -32.22 -13.58 43.50
C VAL A 74 -30.85 -13.89 44.11
N LYS A 75 -30.08 -12.85 44.35
CA LYS A 75 -28.76 -13.02 44.96
C LYS A 75 -28.91 -13.33 46.45
N GLN A 76 -27.97 -14.12 46.98
CA GLN A 76 -27.97 -14.52 48.37
C GLN A 76 -26.65 -14.13 49.00
N THR A 77 -26.71 -13.47 50.16
CA THR A 77 -25.51 -12.95 50.81
C THR A 77 -25.67 -13.02 52.32
N THR A 78 -24.67 -12.50 53.02
CA THR A 78 -24.66 -12.49 54.47
C THR A 78 -25.55 -11.39 55.02
N PRO A 79 -26.00 -11.52 56.28
CA PRO A 79 -26.88 -10.48 56.84
C PRO A 79 -26.29 -9.09 56.83
N SER A 80 -24.97 -8.96 57.06
CA SER A 80 -24.36 -7.64 57.10
C SER A 80 -24.47 -6.94 55.76
N ASN A 81 -24.04 -7.63 54.69
CA ASN A 81 -24.15 -7.04 53.36
C ASN A 81 -25.61 -6.87 52.97
N TYR A 82 -26.48 -7.76 53.44
CA TYR A 82 -27.91 -7.62 53.19
C TYR A 82 -28.43 -6.28 53.72
N GLU A 83 -28.14 -5.99 54.99
CA GLU A 83 -28.56 -4.72 55.57
C GLU A 83 -27.90 -3.55 54.87
N HIS A 84 -26.61 -3.68 54.53
CA HIS A 84 -25.91 -2.60 53.86
C HIS A 84 -26.58 -2.25 52.53
N GLU A 85 -26.89 -3.27 51.73
CA GLU A 85 -27.51 -3.04 50.43
C GLU A 85 -28.93 -2.52 50.59
N LYS A 86 -29.65 -2.98 51.63
CA LYS A 86 -30.97 -2.43 51.90
C LYS A 86 -30.89 -0.94 52.18
N ALA A 87 -29.96 -0.53 53.04
CA ALA A 87 -29.81 0.88 53.35
C ALA A 87 -29.40 1.67 52.11
N CYS A 88 -28.51 1.10 51.28
CA CYS A 88 -28.10 1.79 50.06
C CYS A 88 -29.28 1.97 49.12
N TYR A 89 -30.13 0.95 48.98
CA TYR A 89 -31.27 1.06 48.09
C TYR A 89 -32.34 1.96 48.68
N GLU A 90 -32.30 2.22 49.99
CA GLU A 90 -33.23 3.20 50.55
C GLU A 90 -33.13 4.52 49.80
N ASP A 91 -31.91 4.88 49.38
CA ASP A 91 -31.68 5.96 48.44
C ASP A 91 -31.41 5.35 47.07
N LEU A 92 -31.04 6.20 46.10
CA LEU A 92 -30.77 5.75 44.74
C LEU A 92 -31.96 4.99 44.16
N LYS A 93 -33.16 5.49 44.44
CA LYS A 93 -34.39 4.84 44.01
C LYS A 93 -34.85 5.29 42.62
N SER A 94 -34.04 6.08 41.92
CA SER A 94 -34.48 6.70 40.68
C SER A 94 -34.85 5.63 39.64
N GLU A 95 -35.34 6.11 38.51
CA GLU A 95 -35.79 5.20 37.45
C GLU A 95 -34.65 4.39 36.86
N VAL A 96 -33.39 4.84 37.01
CA VAL A 96 -32.26 4.12 36.44
C VAL A 96 -31.77 2.98 37.32
N THR A 97 -32.49 2.66 38.39
CA THR A 97 -32.10 1.58 39.30
C THR A 97 -33.09 0.43 39.14
N ALA A 98 -32.58 -0.77 38.93
CA ALA A 98 -33.44 -1.93 38.78
C ALA A 98 -34.21 -2.20 40.06
N ASP A 99 -35.50 -2.50 39.92
CA ASP A 99 -36.37 -2.65 41.07
C ASP A 99 -35.92 -3.81 41.94
N HIS A 100 -35.43 -3.50 43.14
CA HIS A 100 -35.01 -4.52 44.08
C HIS A 100 -36.18 -4.98 44.95
N ASP A 101 -35.94 -6.02 45.74
CA ASP A 101 -36.92 -6.50 46.70
C ASP A 101 -36.19 -7.35 47.73
N PHE A 102 -36.29 -6.97 49.00
CA PHE A 102 -35.54 -7.60 50.07
C PHE A 102 -36.47 -8.45 50.92
N PHE A 103 -36.05 -9.69 51.20
CA PHE A 103 -36.82 -10.59 52.02
C PHE A 103 -35.91 -11.71 52.50
N VAL A 104 -36.38 -12.45 53.51
CA VAL A 104 -35.69 -13.63 54.02
C VAL A 104 -36.64 -14.80 53.87
N PHE A 105 -36.26 -15.79 53.06
CA PHE A 105 -37.14 -16.91 52.79
C PHE A 105 -37.19 -17.90 53.94
N ASN A 106 -36.08 -18.06 54.66
CA ASN A 106 -35.99 -19.00 55.76
C ASN A 106 -35.14 -18.38 56.86
N LYS A 107 -34.94 -19.14 57.94
CA LYS A 107 -34.17 -18.63 59.07
C LYS A 107 -32.71 -18.37 58.70
N ASN A 108 -32.20 -18.97 57.63
CA ASN A 108 -30.79 -18.89 57.28
C ASN A 108 -30.51 -18.30 55.92
N ILE A 109 -31.53 -18.03 55.10
CA ILE A 109 -31.35 -17.60 53.72
C ILE A 109 -31.80 -16.15 53.60
N TYR A 110 -30.90 -15.30 53.10
CA TYR A 110 -31.20 -13.90 52.83
C TYR A 110 -31.20 -13.67 51.32
N ASN A 111 -32.19 -12.94 50.83
CA ASN A 111 -32.37 -12.73 49.40
C ASN A 111 -32.41 -11.24 49.09
N ILE A 112 -31.83 -10.88 47.95
CA ILE A 112 -31.92 -9.53 47.40
C ILE A 112 -32.39 -9.69 45.96
N SER A 113 -33.71 -9.66 45.75
CA SER A 113 -34.29 -9.98 44.46
C SER A 113 -34.24 -8.77 43.55
N ARG A 114 -33.65 -8.94 42.37
CA ARG A 114 -33.60 -7.91 41.34
C ARG A 114 -34.50 -8.35 40.20
N GLN A 115 -35.38 -7.46 39.75
CA GLN A 115 -36.51 -7.84 38.92
C GLN A 115 -36.31 -7.39 37.48
N ARG A 116 -36.61 -8.30 36.55
CA ARG A 116 -36.65 -7.99 35.12
C ARG A 116 -35.31 -7.48 34.59
N LEU A 117 -34.24 -8.20 34.94
CA LEU A 117 -32.94 -7.91 34.37
C LEU A 117 -32.75 -8.68 33.06
N THR A 118 -32.08 -8.04 32.10
CA THR A 118 -31.74 -8.71 30.87
C THR A 118 -30.64 -9.74 31.11
N LYS A 119 -30.60 -10.75 30.25
CA LYS A 119 -29.65 -11.84 30.42
C LYS A 119 -28.22 -11.32 30.50
N TYR A 120 -27.72 -10.72 29.43
CA TYR A 120 -26.34 -10.27 29.35
C TYR A 120 -26.24 -8.80 29.70
N THR A 121 -25.29 -8.47 30.59
CA THR A 121 -25.03 -7.10 30.96
C THR A 121 -24.26 -6.39 29.85
N MET A 122 -23.86 -5.14 30.10
CA MET A 122 -23.09 -4.42 29.11
C MET A 122 -21.70 -5.01 28.96
N MET A 123 -21.11 -5.49 30.05
CA MET A 123 -19.75 -6.00 30.00
C MET A 123 -19.66 -7.22 29.11
N ASP A 124 -20.68 -8.09 29.12
CA ASP A 124 -20.66 -9.24 28.22
C ASP A 124 -20.62 -8.80 26.76
N PHE A 125 -21.43 -7.81 26.41
CA PHE A 125 -21.42 -7.32 25.03
C PHE A 125 -20.05 -6.75 24.65
N CYS A 126 -19.49 -5.90 25.52
CA CYS A 126 -18.19 -5.31 25.20
C CYS A 126 -17.11 -6.38 25.09
N TYR A 127 -17.09 -7.31 26.05
CA TYR A 127 -16.07 -8.36 26.05
C TYR A 127 -16.20 -9.26 24.83
N ALA A 128 -17.42 -9.63 24.46
CA ALA A 128 -17.61 -10.52 23.33
C ALA A 128 -17.27 -9.83 22.02
N LEU A 129 -17.54 -8.52 21.91
CA LEU A 129 -17.17 -7.80 20.70
C LEU A 129 -15.68 -7.52 20.65
N ARG A 130 -15.01 -7.52 21.80
CA ARG A 130 -13.56 -7.31 21.82
C ARG A 130 -12.82 -8.60 21.51
N HIS A 131 -13.00 -9.63 22.35
CA HIS A 131 -12.33 -10.92 22.18
C HIS A 131 -13.21 -11.83 21.34
N PHE A 132 -13.08 -11.68 20.02
CA PHE A 132 -13.94 -12.36 19.07
C PHE A 132 -13.21 -13.53 18.45
N ASP A 133 -13.82 -14.72 18.53
CA ASP A 133 -13.31 -15.92 17.87
C ASP A 133 -14.48 -16.62 17.20
N PRO A 134 -14.38 -16.99 15.93
CA PRO A 134 -15.55 -17.47 15.19
C PRO A 134 -16.02 -18.86 15.56
N LYS A 135 -15.52 -19.46 16.64
CA LYS A 135 -15.95 -20.77 17.08
C LYS A 135 -16.61 -20.78 18.45
N ASP A 136 -16.57 -19.67 19.18
CA ASP A 136 -17.22 -19.52 20.49
C ASP A 136 -18.03 -18.23 20.51
N CYS A 137 -18.81 -18.01 19.46
CA CYS A 137 -19.46 -16.75 19.20
C CYS A 137 -20.91 -16.70 19.68
N GLU A 138 -21.30 -17.58 20.61
CA GLU A 138 -22.70 -17.60 21.05
C GLU A 138 -23.08 -16.31 21.76
N VAL A 139 -22.16 -15.73 22.53
CA VAL A 139 -22.50 -14.57 23.35
C VAL A 139 -22.86 -13.38 22.47
N LEU A 140 -22.36 -13.34 21.24
CA LEU A 140 -22.67 -12.24 20.33
C LEU A 140 -23.88 -12.53 19.46
N LYS A 141 -24.05 -13.78 19.01
CA LYS A 141 -25.23 -14.11 18.23
C LYS A 141 -26.49 -14.00 19.07
N GLU A 142 -26.43 -14.41 20.33
CA GLU A 142 -27.61 -14.33 21.19
C GLU A 142 -27.97 -12.91 21.55
N ILE A 143 -27.08 -11.95 21.31
CA ILE A 143 -27.41 -10.54 21.49
C ILE A 143 -27.90 -9.93 20.19
N LEU A 144 -27.25 -10.25 19.07
CA LEU A 144 -27.67 -9.69 17.78
C LEU A 144 -29.07 -10.16 17.43
N VAL A 145 -29.38 -11.44 17.69
CA VAL A 145 -30.69 -11.97 17.30
C VAL A 145 -31.80 -11.28 18.09
N THR A 146 -31.63 -11.15 19.40
CA THR A 146 -32.72 -10.71 20.26
C THR A 146 -33.14 -9.28 19.94
N TYR A 147 -32.18 -8.38 19.83
CA TYR A 147 -32.46 -6.97 19.58
C TYR A 147 -32.68 -6.65 18.10
N GLY A 148 -32.97 -7.65 17.29
CA GLY A 148 -33.36 -7.43 15.90
C GLY A 148 -32.34 -6.68 15.08
N CYS A 149 -31.06 -7.02 15.24
CA CYS A 149 -30.02 -6.40 14.44
C CYS A 149 -29.81 -7.07 13.10
N ILE A 150 -30.48 -8.17 12.84
CA ILE A 150 -30.43 -8.85 11.54
C ILE A 150 -31.87 -8.87 11.03
N GLU A 151 -32.20 -7.93 10.14
CA GLU A 151 -33.60 -7.70 9.79
C GLU A 151 -34.22 -8.88 9.07
N ASP A 152 -33.44 -9.63 8.29
CA ASP A 152 -33.94 -10.76 7.53
C ASP A 152 -33.75 -12.09 8.25
N TYR A 153 -33.73 -12.08 9.57
CA TYR A 153 -33.40 -13.29 10.31
C TYR A 153 -34.51 -14.33 10.17
N HIS A 154 -34.12 -15.53 9.78
CA HIS A 154 -34.97 -16.71 9.80
C HIS A 154 -34.16 -17.84 10.40
N PRO A 155 -34.82 -18.86 10.95
CA PRO A 155 -34.07 -19.96 11.58
C PRO A 155 -32.86 -20.40 10.76
N LYS A 156 -31.77 -20.73 11.45
CA LYS A 156 -30.52 -21.14 10.79
C LYS A 156 -30.08 -20.13 9.73
N TRP A 157 -30.22 -18.84 10.04
CA TRP A 157 -29.71 -17.81 9.14
C TRP A 157 -28.20 -17.89 9.02
N PHE A 158 -27.50 -18.09 10.14
CA PHE A 158 -26.04 -18.06 10.12
C PHE A 158 -25.48 -19.21 9.31
N GLU A 159 -26.23 -20.28 9.12
CA GLU A 159 -25.75 -21.40 8.31
C GLU A 159 -25.54 -20.98 6.87
N GLU A 160 -26.48 -20.23 6.30
CA GLU A 160 -26.37 -19.83 4.90
C GLU A 160 -25.35 -18.71 4.71
N ASN A 161 -25.30 -17.74 5.63
CA ASN A 161 -24.32 -16.66 5.56
C ASN A 161 -23.13 -17.05 6.42
N LYS A 162 -22.10 -17.59 5.77
CA LYS A 162 -20.93 -18.06 6.50
C LYS A 162 -19.92 -16.97 6.80
N ASP A 163 -20.06 -15.79 6.19
CA ASP A 163 -19.10 -14.72 6.39
C ASP A 163 -19.77 -13.48 6.95
N TRP A 164 -20.59 -13.65 7.98
CA TRP A 164 -21.24 -12.51 8.61
C TRP A 164 -20.32 -11.73 9.53
N TYR A 165 -19.16 -12.29 9.88
CA TYR A 165 -18.24 -11.65 10.83
C TYR A 165 -17.10 -10.90 10.14
N ASP A 166 -17.09 -10.84 8.82
CA ASP A 166 -15.95 -10.27 8.11
C ASP A 166 -16.24 -8.82 7.76
N PRO A 167 -15.58 -7.84 8.37
CA PRO A 167 -15.90 -6.44 8.06
C PRO A 167 -15.70 -6.09 6.60
N ILE A 168 -14.73 -6.69 5.93
CA ILE A 168 -14.37 -6.30 4.57
C ILE A 168 -14.89 -7.27 3.53
N GLU A 169 -15.84 -8.14 3.89
CA GLU A 169 -16.50 -9.01 2.93
C GLU A 169 -17.99 -9.14 3.13
N ASN A 170 -18.57 -8.51 4.15
CA ASN A 170 -20.02 -8.52 4.37
C ASN A 170 -20.52 -7.08 4.28
N PRO A 171 -21.04 -6.64 3.14
CA PRO A 171 -21.39 -5.21 2.99
C PRO A 171 -22.39 -4.72 4.01
N LYS A 172 -23.24 -5.59 4.55
CA LYS A 172 -24.26 -5.19 5.51
C LYS A 172 -23.73 -5.12 6.94
N TYR A 173 -22.49 -5.55 7.18
CA TYR A 173 -21.98 -5.67 8.54
C TYR A 173 -22.24 -4.42 9.37
N TYR A 174 -21.68 -3.28 8.95
CA TYR A 174 -21.79 -2.09 9.76
C TYR A 174 -23.24 -1.64 9.87
N ALA A 175 -24.03 -1.85 8.81
CA ALA A 175 -25.47 -1.60 8.91
C ALA A 175 -26.15 -2.59 9.84
N MET A 176 -25.56 -3.77 10.06
CA MET A 176 -26.09 -4.71 11.04
C MET A 176 -25.79 -4.26 12.46
N LEU A 177 -24.59 -3.72 12.69
CA LEU A 177 -24.22 -3.28 14.03
C LEU A 177 -24.90 -1.96 14.39
N ALA A 178 -25.10 -1.08 13.41
CA ALA A 178 -25.57 0.26 13.73
C ALA A 178 -26.91 0.25 14.44
N LYS A 179 -27.67 -0.85 14.32
CA LYS A 179 -28.95 -0.94 15.01
C LYS A 179 -28.80 -1.18 16.51
N MET A 180 -27.56 -1.24 17.01
CA MET A 180 -27.31 -1.28 18.45
C MET A 180 -26.99 0.09 19.03
N GLY A 181 -27.03 1.15 18.22
CA GLY A 181 -26.67 2.47 18.68
C GLY A 181 -27.51 2.95 19.84
N PRO A 182 -28.83 2.80 19.73
CA PRO A 182 -29.70 3.28 20.82
C PRO A 182 -29.34 2.70 22.17
N ILE A 183 -28.91 1.44 22.22
CA ILE A 183 -28.61 0.83 23.51
C ILE A 183 -27.41 1.51 24.16
N VAL A 184 -26.34 1.76 23.40
CA VAL A 184 -25.17 2.41 23.98
C VAL A 184 -25.47 3.86 24.33
N ARG A 185 -26.25 4.55 23.51
CA ARG A 185 -26.63 5.92 23.83
C ARG A 185 -27.40 5.97 25.14
N ARG A 186 -28.37 5.06 25.29
CA ARG A 186 -29.14 4.97 26.52
C ARG A 186 -28.24 4.64 27.70
N ALA A 187 -27.27 3.75 27.51
CA ALA A 187 -26.36 3.41 28.59
C ALA A 187 -25.58 4.62 29.05
N LEU A 188 -25.05 5.41 28.11
CA LEU A 188 -24.29 6.59 28.50
C LEU A 188 -25.15 7.58 29.26
N LEU A 189 -26.35 7.87 28.72
CA LEU A 189 -27.20 8.87 29.36
C LEU A 189 -27.63 8.42 30.76
N ASN A 190 -27.98 7.14 30.91
CA ASN A 190 -28.36 6.64 32.22
C ASN A 190 -27.17 6.64 33.17
N ALA A 191 -25.97 6.39 32.67
CA ALA A 191 -24.79 6.47 33.53
C ALA A 191 -24.61 7.88 34.07
N ILE A 192 -24.80 8.89 33.22
CA ILE A 192 -24.68 10.27 33.68
C ILE A 192 -25.75 10.58 34.72
N GLU A 193 -26.98 10.15 34.47
CA GLU A 193 -28.05 10.41 35.44
C GLU A 193 -27.75 9.75 36.78
N PHE A 194 -27.29 8.50 36.76
CA PHE A 194 -26.99 7.81 38.01
C PHE A 194 -25.81 8.44 38.73
N GLY A 195 -24.81 8.90 37.98
CA GLY A 195 -23.72 9.61 38.61
C GLY A 195 -24.19 10.88 39.32
N ASN A 196 -25.06 11.64 38.67
CA ASN A 196 -25.61 12.83 39.32
C ASN A 196 -26.37 12.45 40.58
N LEU A 197 -27.16 11.39 40.51
CA LEU A 197 -27.93 10.96 41.66
C LEU A 197 -27.01 10.56 42.81
N MET A 198 -25.95 9.83 42.51
CA MET A 198 -25.02 9.40 43.55
C MET A 198 -24.31 10.60 44.17
N VAL A 199 -23.92 11.58 43.35
CA VAL A 199 -23.29 12.79 43.88
C VAL A 199 -24.25 13.50 44.81
N GLU A 200 -25.52 13.62 44.40
CA GLU A 200 -26.49 14.31 45.24
C GLU A 200 -26.66 13.60 46.57
N LYS A 201 -26.86 12.28 46.55
CA LYS A 201 -27.10 11.55 47.78
C LYS A 201 -25.82 11.29 48.57
N GLY A 202 -24.66 11.45 47.95
CA GLY A 202 -23.40 11.33 48.67
C GLY A 202 -22.96 9.90 48.93
N TYR A 203 -22.68 9.15 47.87
CA TYR A 203 -22.07 7.84 47.96
C TYR A 203 -20.80 7.83 47.13
N VAL A 204 -19.71 7.33 47.71
CA VAL A 204 -18.42 7.25 47.04
C VAL A 204 -18.12 5.78 46.77
N GLY A 205 -17.91 5.43 45.51
CA GLY A 205 -17.67 4.04 45.15
C GLY A 205 -17.24 3.95 43.70
N VAL A 206 -17.03 2.71 43.27
CA VAL A 206 -16.55 2.41 41.92
C VAL A 206 -17.70 1.84 41.10
N ILE A 207 -17.93 2.42 39.94
CA ILE A 207 -18.90 1.91 38.98
C ILE A 207 -18.15 1.36 37.78
N THR A 208 -18.59 0.22 37.27
CA THR A 208 -17.99 -0.40 36.10
C THR A 208 -19.10 -0.88 35.19
N LEU A 209 -18.69 -1.44 34.05
CA LEU A 209 -19.67 -1.81 33.02
C LEU A 209 -20.60 -2.92 33.51
N ASP A 210 -20.06 -3.92 34.20
CA ASP A 210 -20.90 -5.06 34.56
C ASP A 210 -22.01 -4.68 35.53
N ASN A 211 -21.95 -3.49 36.12
CA ASN A 211 -23.06 -2.97 36.93
C ASN A 211 -24.30 -2.69 36.11
N GLN A 212 -24.17 -2.40 34.82
CA GLN A 212 -25.25 -1.84 34.02
C GLN A 212 -25.94 -2.94 33.23
N ASP A 213 -27.17 -3.26 33.63
CA ASP A 213 -28.00 -4.17 32.86
C ASP A 213 -28.22 -3.62 31.46
N LEU A 214 -28.35 -4.52 30.48
CA LEU A 214 -28.38 -4.09 29.09
C LEU A 214 -29.48 -3.08 28.81
N ASN A 215 -30.59 -3.13 29.55
CA ASN A 215 -31.62 -2.11 29.40
C ASN A 215 -31.08 -0.72 29.73
N GLY A 216 -29.99 -0.63 30.47
CA GLY A 216 -29.45 0.63 30.90
C GLY A 216 -29.70 0.97 32.35
N LYS A 217 -29.96 -0.01 33.20
CA LYS A 217 -30.30 0.22 34.59
C LYS A 217 -29.30 -0.48 35.51
N PHE A 218 -28.77 0.27 36.47
CA PHE A 218 -27.75 -0.24 37.37
C PHE A 218 -28.39 -1.10 38.47
N TYR A 219 -27.71 -2.19 38.84
CA TYR A 219 -28.39 -3.20 39.63
C TYR A 219 -27.58 -3.85 40.76
N ASP A 220 -26.52 -3.23 41.27
CA ASP A 220 -25.93 -3.71 42.51
C ASP A 220 -25.12 -2.60 43.16
N PHE A 221 -25.14 -2.57 44.50
CA PHE A 221 -24.58 -1.48 45.28
C PHE A 221 -23.75 -1.99 46.45
N GLY A 222 -23.02 -3.08 46.25
CA GLY A 222 -22.31 -3.68 47.37
C GLY A 222 -21.18 -2.82 47.90
N ASP A 223 -20.38 -2.24 47.00
CA ASP A 223 -19.13 -1.61 47.40
C ASP A 223 -19.30 -0.16 47.85
N PHE A 224 -20.43 0.47 47.56
CA PHE A 224 -20.58 1.89 47.83
C PHE A 224 -20.51 2.14 49.34
N GLN A 225 -19.80 3.19 49.72
CA GLN A 225 -19.68 3.62 51.11
C GLN A 225 -20.22 5.02 51.24
N LYS A 226 -21.09 5.24 52.23
CA LYS A 226 -21.75 6.53 52.37
C LYS A 226 -20.75 7.60 52.84
N THR A 227 -21.15 8.85 52.66
CA THR A 227 -20.35 9.98 53.09
C THR A 227 -21.29 11.16 53.36
N ALA A 228 -20.72 12.34 53.53
CA ALA A 228 -21.53 13.51 53.82
C ALA A 228 -22.44 13.83 52.63
N PRO A 229 -23.73 14.10 52.85
CA PRO A 229 -24.61 14.42 51.71
C PRO A 229 -24.11 15.63 50.96
N GLY A 230 -24.29 15.61 49.65
CA GLY A 230 -23.85 16.68 48.79
C GLY A 230 -22.41 16.58 48.34
N ALA A 231 -21.66 15.61 48.84
CA ALA A 231 -20.25 15.41 48.47
C ALA A 231 -20.05 13.95 48.14
N GLY A 232 -19.91 13.64 46.85
CA GLY A 232 -19.70 12.29 46.40
C GLY A 232 -18.66 12.25 45.30
N VAL A 233 -18.06 11.07 45.12
CA VAL A 233 -16.98 10.91 44.17
C VAL A 233 -17.22 9.67 43.32
N PRO A 234 -18.23 9.64 42.46
CA PRO A 234 -18.33 8.55 41.49
C PRO A 234 -17.13 8.54 40.57
N VAL A 235 -16.67 7.35 40.22
CA VAL A 235 -15.49 7.17 39.37
C VAL A 235 -15.89 6.31 38.18
N PHE A 236 -15.84 6.89 36.98
CA PHE A 236 -16.10 6.17 35.74
C PHE A 236 -14.87 6.09 34.85
N ASP A 237 -13.67 6.08 35.44
CA ASP A 237 -12.46 6.10 34.63
C ASP A 237 -12.31 4.84 33.80
N THR A 238 -12.83 3.71 34.28
CA THR A 238 -12.78 2.45 33.54
C THR A 238 -14.11 2.08 32.89
N TYR A 239 -15.24 2.68 33.23
CA TYR A 239 -16.51 2.46 32.50
C TYR A 239 -16.27 2.96 31.12
N TYR A 240 -15.93 4.22 30.92
CA TYR A 240 -15.83 4.74 29.56
C TYR A 240 -14.62 4.16 28.82
N SER A 241 -13.52 3.94 29.54
CA SER A 241 -12.26 3.58 28.89
C SER A 241 -12.30 2.19 28.29
N TYR A 242 -13.25 1.35 28.69
CA TYR A 242 -13.35 0.00 28.14
C TYR A 242 -14.31 -0.08 26.97
N MET A 243 -15.40 0.70 27.02
CA MET A 243 -16.37 0.72 25.93
C MET A 243 -16.05 1.79 24.90
N MET A 244 -14.96 2.54 25.05
CA MET A 244 -14.62 3.59 24.08
C MET A 244 -14.65 3.13 22.63
N PRO A 245 -14.05 2.01 22.23
CA PRO A 245 -14.09 1.65 20.80
C PRO A 245 -15.48 1.27 20.31
N ILE A 246 -16.35 0.78 21.19
CA ILE A 246 -17.68 0.36 20.77
C ILE A 246 -18.63 1.53 20.60
N ILE A 247 -18.32 2.70 21.16
CA ILE A 247 -19.16 3.87 20.93
C ILE A 247 -19.02 4.34 19.49
N ALA A 248 -17.92 3.99 18.82
CA ALA A 248 -17.71 4.38 17.43
C ALA A 248 -17.74 3.20 16.47
N MET A 249 -17.70 1.96 16.98
CA MET A 249 -17.89 0.82 16.09
C MET A 249 -19.35 0.65 15.71
N THR A 250 -20.27 1.00 16.60
CA THR A 250 -21.70 0.86 16.36
C THR A 250 -22.40 2.18 16.07
N ASP A 251 -21.67 3.26 15.84
CA ASP A 251 -22.25 4.57 15.55
C ASP A 251 -23.31 4.93 16.60
N ALA A 252 -22.84 5.10 17.84
CA ALA A 252 -23.74 5.35 18.95
C ALA A 252 -24.48 6.67 18.79
N LEU A 253 -23.76 7.73 18.43
CA LEU A 253 -24.30 9.08 18.41
C LEU A 253 -24.85 9.49 17.05
N ALA A 254 -25.31 8.54 16.25
CA ALA A 254 -25.84 8.89 14.93
C ALA A 254 -26.99 9.90 15.00
N PRO A 255 -27.95 9.80 15.91
CA PRO A 255 -29.07 10.76 15.91
C PRO A 255 -28.65 12.21 16.14
N GLU A 256 -27.37 12.48 16.38
CA GLU A 256 -26.90 13.84 16.59
C GLU A 256 -26.40 14.53 15.32
N ARG A 257 -26.43 13.85 14.18
CA ARG A 257 -25.80 14.38 12.99
C ARG A 257 -26.40 15.72 12.61
N TYR A 258 -25.55 16.62 12.12
CA TYR A 258 -25.95 17.96 11.71
C TYR A 258 -26.40 18.03 10.25
N PHE A 259 -26.24 16.95 9.48
CA PHE A 259 -26.59 16.94 8.08
C PHE A 259 -27.29 15.63 7.75
N GLU A 260 -28.09 15.66 6.69
CA GLU A 260 -28.74 14.46 6.16
C GLU A 260 -28.29 14.28 4.72
N TYR A 261 -27.70 13.12 4.42
CA TYR A 261 -27.05 12.87 3.14
C TYR A 261 -27.72 11.68 2.46
N ASP A 262 -28.12 11.88 1.21
CA ASP A 262 -28.62 10.80 0.36
C ASP A 262 -27.68 10.65 -0.81
N VAL A 263 -27.25 9.41 -1.08
CA VAL A 263 -26.17 9.19 -2.04
C VAL A 263 -26.55 9.71 -3.42
N HIS A 264 -27.84 9.74 -3.74
CA HIS A 264 -28.28 10.16 -5.07
C HIS A 264 -28.86 11.56 -5.11
N LYS A 265 -29.41 12.06 -4.00
CA LYS A 265 -30.06 13.37 -3.98
C LYS A 265 -29.27 14.40 -3.18
N GLY A 266 -28.06 14.08 -2.76
CA GLY A 266 -27.19 15.06 -2.13
C GLY A 266 -27.70 15.52 -0.78
N TYR A 267 -26.94 16.44 -0.19
CA TYR A 267 -27.27 16.97 1.12
C TYR A 267 -28.59 17.72 1.08
N LYS A 268 -29.35 17.62 2.17
CA LYS A 268 -30.49 18.50 2.35
C LYS A 268 -30.01 19.87 2.81
N SER A 269 -30.95 20.81 2.89
CA SER A 269 -30.60 22.18 3.24
C SER A 269 -29.89 22.21 4.60
N TYR A 270 -28.77 22.93 4.65
CA TYR A 270 -27.99 23.04 5.87
C TYR A 270 -27.04 24.23 5.72
N ASP A 271 -26.45 24.63 6.85
CA ASP A 271 -25.50 25.74 6.85
C ASP A 271 -24.23 25.32 6.11
N LEU A 272 -23.86 26.09 5.09
CA LEU A 272 -22.80 25.68 4.17
C LEU A 272 -21.47 26.35 4.42
N LEU A 273 -21.44 27.50 5.08
CA LEU A 273 -20.22 28.30 5.24
C LEU A 273 -19.71 28.32 6.68
N LYS A 274 -20.18 27.41 7.52
CA LYS A 274 -19.75 27.35 8.91
C LYS A 274 -18.65 26.30 9.04
N TYR A 275 -17.51 26.70 9.59
CA TYR A 275 -16.37 25.82 9.76
C TYR A 275 -15.97 25.61 11.21
N ASP A 276 -16.19 26.59 12.08
CA ASP A 276 -15.78 26.50 13.48
C ASP A 276 -16.90 25.82 14.27
N TYR A 277 -16.77 24.50 14.44
CA TYR A 277 -17.65 23.74 15.31
C TYR A 277 -17.07 23.58 16.71
N THR A 278 -16.13 24.44 17.10
CA THR A 278 -15.48 24.32 18.40
C THR A 278 -16.44 24.50 19.56
N GLU A 279 -17.58 25.16 19.35
CA GLU A 279 -18.51 25.45 20.43
C GLU A 279 -19.61 24.40 20.56
N GLU A 280 -19.55 23.32 19.77
CA GLU A 280 -20.52 22.24 19.85
C GLU A 280 -19.92 20.91 20.29
N LYS A 281 -18.66 20.65 19.93
CA LYS A 281 -18.00 19.45 20.46
C LYS A 281 -17.95 19.51 21.98
N GLN A 282 -17.68 20.68 22.54
CA GLN A 282 -17.65 20.80 24.00
C GLN A 282 -19.01 20.49 24.62
N ASP A 283 -20.08 20.99 24.00
CA ASP A 283 -21.41 20.69 24.53
C ASP A 283 -21.72 19.21 24.45
N LEU A 284 -21.36 18.56 23.34
CA LEU A 284 -21.58 17.12 23.24
C LEU A 284 -20.78 16.37 24.30
N PHE A 285 -19.53 16.77 24.52
CA PHE A 285 -18.70 16.12 25.52
C PHE A 285 -19.33 16.25 26.90
N GLN A 286 -19.80 17.45 27.26
CA GLN A 286 -20.44 17.63 28.55
C GLN A 286 -21.75 16.87 28.64
N LYS A 287 -22.41 16.63 27.50
CA LYS A 287 -23.70 15.94 27.52
C LYS A 287 -23.51 14.44 27.72
N TYR A 288 -22.48 13.85 27.11
CA TYR A 288 -22.29 12.40 27.13
C TYR A 288 -21.24 11.96 28.15
N PHE A 289 -20.03 12.51 28.06
CA PHE A 289 -18.90 12.08 28.87
C PHE A 289 -18.66 12.99 30.08
N LYS A 290 -19.74 13.48 30.69
CA LYS A 290 -19.61 14.51 31.72
C LYS A 290 -18.63 14.10 32.82
N TYR A 291 -18.60 12.82 33.18
CA TYR A 291 -17.81 12.36 34.32
C TYR A 291 -16.42 11.89 33.93
N TRP A 292 -16.02 12.04 32.68
CA TRP A 292 -14.62 11.88 32.31
C TRP A 292 -13.79 12.91 33.07
N ASP A 293 -12.83 12.44 33.87
CA ASP A 293 -12.15 13.27 34.84
C ASP A 293 -10.90 13.95 34.29
N GLN A 294 -10.85 14.21 32.98
CA GLN A 294 -9.72 14.89 32.37
C GLN A 294 -10.22 15.96 31.42
N GLU A 295 -9.40 16.99 31.24
CA GLU A 295 -9.76 18.12 30.41
C GLU A 295 -9.93 17.68 28.95
N TYR A 296 -10.52 18.56 28.15
CA TYR A 296 -10.74 18.26 26.73
C TYR A 296 -10.75 19.58 25.97
N HIS A 297 -9.72 19.79 25.14
CA HIS A 297 -9.62 20.98 24.31
C HIS A 297 -10.09 20.65 22.90
N PRO A 298 -11.20 21.22 22.42
CA PRO A 298 -11.67 20.82 21.09
C PRO A 298 -10.61 21.02 20.02
N ASN A 299 -9.85 22.10 20.09
CA ASN A 299 -8.78 22.39 19.13
C ASN A 299 -7.46 21.96 19.75
N CYS A 300 -6.67 21.22 18.98
CA CYS A 300 -5.39 20.72 19.45
C CYS A 300 -4.31 21.80 19.49
N ARG A 301 -4.67 23.06 19.29
CA ARG A 301 -3.71 24.15 19.50
C ARG A 301 -3.24 24.18 20.95
N ASP A 302 -4.15 24.01 21.90
CA ASP A 302 -3.89 24.27 23.30
C ASP A 302 -3.31 23.06 24.04
N CYS A 303 -3.13 21.94 23.35
CA CYS A 303 -2.64 20.74 24.03
C CYS A 303 -1.21 20.96 24.52
N SER A 304 -0.90 20.37 25.67
CA SER A 304 0.34 20.67 26.37
C SER A 304 1.50 19.77 25.95
N ASP A 305 1.25 18.49 25.67
CA ASP A 305 2.31 17.57 25.29
C ASP A 305 1.74 16.51 24.37
N ASP A 306 2.63 15.71 23.78
CA ASP A 306 2.25 14.74 22.77
C ASP A 306 1.39 13.61 23.31
N ARG A 307 1.03 13.62 24.60
CA ARG A 307 0.06 12.68 25.13
C ARG A 307 -1.34 13.28 25.19
N CYS A 308 -1.45 14.53 25.66
CA CYS A 308 -2.74 15.21 25.61
C CYS A 308 -3.19 15.37 24.17
N LEU A 309 -2.26 15.48 23.22
CA LEU A 309 -2.63 15.59 21.82
C LEU A 309 -3.36 14.34 21.35
N ILE A 310 -2.83 13.16 21.70
CA ILE A 310 -3.50 11.92 21.35
C ILE A 310 -4.83 11.81 22.09
N HIS A 311 -4.84 12.19 23.36
CA HIS A 311 -6.07 12.07 24.14
C HIS A 311 -7.19 12.90 23.53
N CYS A 312 -6.89 14.12 23.09
CA CYS A 312 -7.93 14.97 22.49
C CYS A 312 -8.25 14.55 21.06
N ALA A 313 -7.27 14.10 20.28
CA ALA A 313 -7.54 13.61 18.95
C ALA A 313 -8.46 12.39 18.95
N ASN A 314 -8.35 11.55 19.97
CA ASN A 314 -9.24 10.41 20.07
C ASN A 314 -10.70 10.86 20.14
N PHE A 315 -10.98 11.89 20.94
CA PHE A 315 -12.35 12.40 21.03
C PHE A 315 -12.77 13.09 19.75
N ASN A 316 -11.86 13.86 19.15
CA ASN A 316 -12.20 14.55 17.91
C ASN A 316 -12.58 13.56 16.81
N ILE A 317 -11.95 12.39 16.79
CA ILE A 317 -12.27 11.42 15.74
C ILE A 317 -13.71 10.94 15.86
N LEU A 318 -14.22 10.80 17.09
CA LEU A 318 -15.62 10.44 17.25
C LEU A 318 -16.54 11.61 16.93
N PHE A 319 -16.22 12.80 17.44
CA PHE A 319 -17.12 13.93 17.30
C PHE A 319 -17.08 14.56 15.92
N SER A 320 -16.17 14.13 15.05
CA SER A 320 -16.08 14.67 13.70
C SER A 320 -16.82 13.83 12.67
N THR A 321 -17.55 12.80 13.10
CA THR A 321 -18.41 12.08 12.17
C THR A 321 -19.77 12.76 12.00
N LEU A 322 -20.08 13.77 12.82
CA LEU A 322 -21.33 14.50 12.72
C LEU A 322 -21.20 15.79 11.91
N VAL A 323 -20.03 16.40 11.88
CA VAL A 323 -19.84 17.65 11.13
C VAL A 323 -19.96 17.35 9.65
N PRO A 324 -20.67 18.18 8.87
CA PRO A 324 -20.78 17.90 7.43
C PRO A 324 -19.41 17.86 6.77
N GLN A 325 -19.29 17.00 5.76
CA GLN A 325 -18.00 16.76 5.13
C GLN A 325 -17.53 17.91 4.26
N THR A 326 -18.41 18.82 3.86
CA THR A 326 -18.02 19.97 3.08
C THR A 326 -17.49 21.11 3.94
N SER A 327 -17.07 20.83 5.17
CA SER A 327 -16.59 21.85 6.09
C SER A 327 -15.14 21.67 6.49
N PHE A 328 -14.55 20.50 6.23
CA PHE A 328 -13.15 20.27 6.56
C PHE A 328 -12.27 20.77 5.40
N GLY A 329 -11.00 20.41 5.43
CA GLY A 329 -10.10 20.82 4.38
C GLY A 329 -9.60 22.25 4.57
N ASN A 330 -8.88 22.72 3.56
CA ASN A 330 -8.25 24.03 3.65
C ASN A 330 -9.30 25.11 3.82
N LEU A 331 -8.97 26.12 4.61
CA LEU A 331 -9.73 27.35 4.60
C LEU A 331 -9.18 28.23 3.47
N CYS A 332 -9.68 29.46 3.37
CA CYS A 332 -9.23 30.34 2.30
C CYS A 332 -9.62 31.76 2.65
N ARG A 333 -9.04 32.70 1.90
CA ARG A 333 -9.25 34.13 2.15
C ARG A 333 -9.11 34.86 0.83
N LYS A 334 -9.63 36.09 0.80
CA LYS A 334 -9.65 36.92 -0.40
C LYS A 334 -8.49 37.91 -0.34
N VAL A 335 -7.58 37.82 -1.31
CA VAL A 335 -6.42 38.69 -1.40
C VAL A 335 -6.38 39.28 -2.81
N PHE A 336 -5.36 40.09 -3.08
CA PHE A 336 -5.22 40.78 -4.35
C PHE A 336 -3.82 40.60 -4.90
N VAL A 337 -3.73 40.51 -6.23
CA VAL A 337 -2.47 40.48 -6.96
C VAL A 337 -2.51 41.65 -7.93
N ASP A 338 -1.89 42.77 -7.56
CA ASP A 338 -1.87 43.97 -8.38
C ASP A 338 -3.27 44.52 -8.63
N GLY A 339 -4.23 44.17 -7.78
CA GLY A 339 -5.60 44.59 -7.94
C GLY A 339 -6.52 43.56 -8.53
N VAL A 340 -6.04 42.35 -8.80
CA VAL A 340 -6.83 41.27 -9.37
C VAL A 340 -7.10 40.25 -8.25
N PRO A 341 -8.33 40.13 -7.75
CA PRO A 341 -8.55 39.25 -6.60
C PRO A 341 -8.39 37.79 -6.96
N PHE A 342 -8.06 36.99 -5.95
CA PHE A 342 -7.97 35.54 -6.08
C PHE A 342 -7.98 34.93 -4.69
N ILE A 343 -7.74 33.62 -4.61
CA ILE A 343 -7.93 32.85 -3.38
C ILE A 343 -6.58 32.33 -2.90
N ALA A 344 -6.37 32.38 -1.58
CA ALA A 344 -5.16 31.88 -0.97
C ALA A 344 -5.50 31.33 0.41
N THR A 345 -4.81 30.25 0.80
CA THR A 345 -5.14 29.58 2.04
C THR A 345 -4.89 30.49 3.24
N CYS A 346 -5.66 30.26 4.29
CA CYS A 346 -5.55 31.04 5.53
C CYS A 346 -5.71 30.15 6.76
N GLY A 347 -5.37 28.87 6.65
CA GLY A 347 -5.45 27.98 7.80
C GLY A 347 -5.70 26.55 7.34
N TYR A 348 -6.29 25.78 8.25
CA TYR A 348 -6.61 24.39 7.99
C TYR A 348 -7.61 23.93 9.04
N HIS A 349 -8.45 22.95 8.67
CA HIS A 349 -9.51 22.44 9.53
C HIS A 349 -9.54 20.93 9.37
N SER A 350 -8.82 20.22 10.23
CA SER A 350 -8.63 18.79 10.11
C SER A 350 -9.59 18.02 11.00
N LYS A 351 -9.95 16.81 10.56
CA LYS A 351 -10.92 16.00 11.30
C LYS A 351 -10.39 15.62 12.68
N GLU A 352 -9.14 15.23 12.77
CA GLU A 352 -8.60 14.67 14.01
C GLU A 352 -8.02 15.72 14.95
N LEU A 353 -7.53 16.84 14.42
CA LEU A 353 -6.77 17.79 15.22
C LEU A 353 -7.55 19.05 15.60
N GLY A 354 -8.08 19.78 14.62
CA GLY A 354 -8.83 20.99 14.90
C GLY A 354 -8.33 22.16 14.06
N VAL A 355 -8.89 23.33 14.32
CA VAL A 355 -8.67 24.51 13.50
C VAL A 355 -7.33 25.13 13.84
N ILE A 356 -6.54 25.46 12.81
CA ILE A 356 -5.26 26.14 12.96
C ILE A 356 -5.26 27.33 12.02
N MET A 357 -4.71 28.45 12.49
CA MET A 357 -4.65 29.68 11.70
C MET A 357 -3.19 30.05 11.46
N ASN A 358 -2.87 30.38 10.21
CA ASN A 358 -1.51 30.74 9.87
C ASN A 358 -1.04 31.95 10.67
N GLN A 359 0.23 31.94 11.06
CA GLN A 359 0.80 33.03 11.83
C GLN A 359 1.22 34.21 10.97
N ASP A 360 1.29 34.05 9.66
CA ASP A 360 1.61 35.14 8.74
C ASP A 360 0.50 35.29 7.72
N ASN A 361 0.12 36.54 7.46
CA ASN A 361 -0.95 36.85 6.52
C ASN A 361 -0.59 38.12 5.77
N THR A 362 -0.90 38.13 4.48
CA THR A 362 -0.62 39.27 3.63
C THR A 362 -1.80 39.50 2.70
N MET A 363 -1.93 40.74 2.24
CA MET A 363 -3.02 41.15 1.35
C MET A 363 -2.48 41.96 0.18
N SER A 364 -1.33 41.54 -0.36
CA SER A 364 -0.75 42.17 -1.54
C SER A 364 0.43 41.33 -1.99
N PHE A 365 0.67 41.31 -3.31
CA PHE A 365 1.76 40.54 -3.86
C PHE A 365 2.24 41.19 -5.15
N SER A 366 3.57 41.20 -5.33
CA SER A 366 4.18 41.74 -6.55
C SER A 366 5.64 41.30 -6.56
N LYS A 367 6.16 41.11 -7.77
CA LYS A 367 7.54 40.67 -7.96
C LYS A 367 7.80 39.37 -7.20
N MET A 368 6.84 38.45 -7.25
CA MET A 368 6.94 37.22 -6.49
C MET A 368 8.10 36.37 -7.00
N GLY A 369 8.86 35.80 -6.06
CA GLY A 369 10.01 34.99 -6.39
C GLY A 369 9.60 33.59 -6.81
N LEU A 370 10.60 32.70 -6.84
CA LEU A 370 10.34 31.33 -7.23
C LEU A 370 9.64 30.55 -6.12
N SER A 371 10.08 30.73 -4.87
CA SER A 371 9.48 29.98 -3.78
C SER A 371 8.01 30.33 -3.60
N GLN A 372 7.69 31.62 -3.66
CA GLN A 372 6.30 32.04 -3.47
C GLN A 372 5.42 31.56 -4.62
N LEU A 373 5.94 31.64 -5.86
CA LEU A 373 5.19 31.12 -6.99
C LEU A 373 4.93 29.63 -6.86
N MET A 374 5.94 28.87 -6.43
CA MET A 374 5.75 27.44 -6.23
C MET A 374 4.71 27.18 -5.15
N GLN A 375 4.75 27.95 -4.07
CA GLN A 375 3.79 27.79 -2.99
C GLN A 375 2.37 28.06 -3.48
N PHE A 376 2.20 29.11 -4.30
CA PHE A 376 0.87 29.42 -4.82
C PHE A 376 0.38 28.34 -5.77
N VAL A 377 1.24 27.90 -6.68
CA VAL A 377 0.82 26.96 -7.72
C VAL A 377 0.49 25.60 -7.10
N GLY A 378 1.37 25.08 -6.25
CA GLY A 378 1.15 23.76 -5.67
C GLY A 378 -0.03 23.69 -4.72
N ASP A 379 -0.40 24.81 -4.12
CA ASP A 379 -1.52 24.83 -3.18
C ASP A 379 -2.82 24.58 -3.93
N PRO A 380 -3.64 23.61 -3.51
CA PRO A 380 -4.89 23.35 -4.23
C PRO A 380 -5.91 24.47 -4.12
N ALA A 381 -5.74 25.43 -3.21
CA ALA A 381 -6.78 26.41 -2.96
C ALA A 381 -7.11 27.25 -4.17
N LEU A 382 -6.21 27.32 -5.16
CA LEU A 382 -6.46 28.11 -6.35
C LEU A 382 -6.91 27.28 -7.54
N LEU A 383 -6.66 25.97 -7.52
CA LEU A 383 -7.12 25.10 -8.59
C LEU A 383 -8.55 24.64 -8.35
N VAL A 384 -8.84 24.15 -7.15
CA VAL A 384 -10.18 23.66 -6.83
C VAL A 384 -11.20 24.80 -6.85
N GLY A 385 -10.77 26.04 -6.71
CA GLY A 385 -11.67 27.16 -6.67
C GLY A 385 -12.08 27.74 -8.00
N THR A 386 -11.56 27.22 -9.10
CA THR A 386 -11.82 27.78 -10.44
C THR A 386 -12.08 26.67 -11.44
N SER A 387 -12.89 25.68 -11.06
CA SER A 387 -13.19 24.58 -11.96
C SER A 387 -14.55 23.99 -11.62
N ASN A 388 -15.10 23.24 -12.58
CA ASN A 388 -16.46 22.74 -12.48
C ASN A 388 -16.62 21.76 -11.33
N LYS A 389 -17.81 21.78 -10.72
CA LYS A 389 -18.15 20.82 -9.69
C LYS A 389 -18.21 19.42 -10.29
N LEU A 390 -17.93 18.42 -9.46
CA LEU A 390 -17.92 17.02 -9.88
C LEU A 390 -18.77 16.20 -8.93
N VAL A 391 -19.57 15.29 -9.49
CA VAL A 391 -20.32 14.34 -8.70
C VAL A 391 -20.33 13.00 -9.43
N ASP A 392 -19.46 12.08 -8.99
CA ASP A 392 -19.38 10.75 -9.57
C ASP A 392 -19.85 9.73 -8.55
N LEU A 393 -20.65 8.77 -9.01
CA LEU A 393 -21.25 7.77 -8.14
C LEU A 393 -20.49 6.45 -8.16
N ARG A 394 -19.32 6.41 -8.80
CA ARG A 394 -18.52 5.19 -8.79
C ARG A 394 -17.82 4.98 -7.46
N THR A 395 -17.53 6.06 -6.74
CA THR A 395 -16.76 6.01 -5.51
C THR A 395 -17.53 6.65 -4.37
N SER A 396 -17.31 6.14 -3.17
CA SER A 396 -17.92 6.71 -1.97
C SER A 396 -17.15 7.91 -1.43
N CYS A 397 -15.91 8.11 -1.88
CA CYS A 397 -15.11 9.22 -1.38
C CYS A 397 -15.64 10.55 -1.91
N PHE A 398 -15.45 11.60 -1.11
CA PHE A 398 -15.88 12.92 -1.52
C PHE A 398 -15.15 13.35 -2.79
N SER A 399 -15.85 14.08 -3.66
CA SER A 399 -15.31 14.57 -4.91
C SER A 399 -15.58 16.06 -5.01
N VAL A 400 -14.51 16.86 -5.12
CA VAL A 400 -14.62 18.30 -4.97
C VAL A 400 -14.50 19.07 -6.29
N CYS A 401 -13.99 18.45 -7.34
CA CYS A 401 -13.83 19.20 -8.59
C CYS A 401 -13.40 18.23 -9.69
N ALA A 402 -13.50 18.71 -10.93
CA ALA A 402 -13.05 17.99 -12.12
C ALA A 402 -12.28 18.95 -13.01
N LEU A 403 -11.10 18.53 -13.45
CA LEU A 403 -10.23 19.42 -14.21
C LEU A 403 -10.90 19.83 -15.53
N ALA A 404 -10.27 20.76 -16.22
CA ALA A 404 -10.82 21.26 -17.48
C ALA A 404 -10.84 20.17 -18.55
N SER A 405 -9.80 19.34 -18.60
CA SER A 405 -9.70 18.33 -19.64
C SER A 405 -10.75 17.22 -19.50
N GLY A 406 -11.45 17.15 -18.38
CA GLY A 406 -12.47 16.15 -18.18
C GLY A 406 -11.90 14.82 -17.71
N ILE A 407 -12.81 13.91 -17.38
CA ILE A 407 -12.41 12.59 -16.88
C ILE A 407 -11.96 11.74 -18.07
N THR A 408 -10.81 11.08 -17.90
CA THR A 408 -10.22 10.26 -18.95
C THR A 408 -9.80 8.91 -18.38
N HIS A 409 -9.96 7.87 -19.19
CA HIS A 409 -9.69 6.50 -18.77
C HIS A 409 -8.29 6.07 -19.20
N GLN A 410 -7.58 5.38 -18.30
CA GLN A 410 -6.24 4.90 -18.57
C GLN A 410 -6.18 3.40 -18.28
N THR A 411 -5.48 2.68 -19.14
CA THR A 411 -5.39 1.22 -19.10
C THR A 411 -3.96 0.79 -18.83
N VAL A 412 -3.79 -0.52 -18.64
CA VAL A 412 -2.48 -1.13 -18.45
C VAL A 412 -2.26 -2.13 -19.59
N LYS A 413 -0.98 -2.43 -19.84
CA LYS A 413 -0.62 -3.24 -21.00
C LYS A 413 -0.12 -4.62 -20.57
N PRO A 414 -0.26 -5.63 -21.42
CA PRO A 414 0.27 -6.95 -21.10
C PRO A 414 1.78 -7.00 -21.25
N GLY A 415 2.36 -8.09 -20.75
CA GLY A 415 3.80 -8.27 -20.78
C GLY A 415 4.26 -9.06 -21.99
N HIS A 416 5.48 -8.78 -22.42
CA HIS A 416 6.02 -9.41 -23.61
C HIS A 416 6.47 -10.84 -23.31
N PHE A 417 6.71 -11.59 -24.37
CA PHE A 417 7.09 -13.00 -24.28
C PHE A 417 8.50 -13.17 -24.80
N ASN A 418 9.39 -13.74 -23.98
CA ASN A 418 10.80 -13.87 -24.32
C ASN A 418 11.05 -15.29 -24.80
N LYS A 419 10.67 -15.56 -26.06
CA LYS A 419 10.75 -16.92 -26.56
C LYS A 419 12.19 -17.42 -26.63
N ASP A 420 13.14 -16.53 -26.85
CA ASP A 420 14.52 -16.97 -27.02
C ASP A 420 15.03 -17.72 -25.80
N PHE A 421 14.45 -17.43 -24.62
CA PHE A 421 14.79 -18.17 -23.41
C PHE A 421 13.81 -19.28 -23.09
N TYR A 422 12.54 -19.13 -23.46
CA TYR A 422 11.58 -20.21 -23.23
C TYR A 422 11.97 -21.46 -24.00
N ASP A 423 12.38 -21.29 -25.26
CA ASP A 423 12.79 -22.45 -26.05
C ASP A 423 14.02 -23.13 -25.43
N PHE A 424 14.99 -22.33 -24.98
CA PHE A 424 16.17 -22.91 -24.36
C PHE A 424 15.82 -23.66 -23.08
N ALA A 425 14.96 -23.08 -22.24
CA ALA A 425 14.55 -23.75 -21.02
C ALA A 425 13.83 -25.05 -21.33
N GLU A 426 12.93 -25.04 -22.31
CA GLU A 426 12.23 -26.26 -22.68
C GLU A 426 13.20 -27.32 -23.18
N LYS A 427 14.18 -26.92 -23.99
CA LYS A 427 15.19 -27.86 -24.45
C LYS A 427 15.99 -28.43 -23.28
N ALA A 428 16.20 -27.64 -22.24
CA ALA A 428 16.92 -28.13 -21.05
C ALA A 428 16.06 -28.98 -20.15
N GLY A 429 14.75 -29.04 -20.38
CA GLY A 429 13.86 -29.87 -19.60
C GLY A 429 13.16 -29.20 -18.44
N MET A 430 13.19 -27.87 -18.36
CA MET A 430 12.56 -27.17 -17.25
C MET A 430 11.05 -27.37 -17.25
N PHE A 431 10.41 -27.16 -18.40
CA PHE A 431 8.96 -27.22 -18.52
C PHE A 431 8.57 -28.60 -19.05
N LYS A 432 7.97 -29.42 -18.19
CA LYS A 432 7.47 -30.73 -18.60
C LYS A 432 6.32 -31.12 -17.68
N GLU A 433 5.49 -32.04 -18.17
CA GLU A 433 4.31 -32.44 -17.42
C GLU A 433 4.70 -32.98 -16.05
N GLY A 434 3.93 -32.60 -15.03
CA GLY A 434 4.19 -33.05 -13.69
C GLY A 434 5.38 -32.38 -13.02
N SER A 435 5.79 -31.22 -13.52
CA SER A 435 6.92 -30.52 -12.92
C SER A 435 6.51 -29.90 -11.59
N SER A 436 7.52 -29.64 -10.75
CA SER A 436 7.32 -28.99 -9.46
C SER A 436 7.48 -27.49 -9.54
N ILE A 437 7.62 -26.93 -10.75
CA ILE A 437 7.76 -25.50 -10.93
C ILE A 437 6.72 -25.04 -11.95
N PRO A 438 5.43 -25.00 -11.58
CA PRO A 438 4.43 -24.45 -12.52
C PRO A 438 4.63 -22.96 -12.70
N LEU A 439 4.23 -22.47 -13.87
CA LEU A 439 4.39 -21.06 -14.18
C LEU A 439 3.42 -20.22 -13.37
N LYS A 440 3.94 -19.17 -12.74
CA LYS A 440 3.13 -18.19 -12.04
C LYS A 440 3.85 -16.85 -12.13
N HIS A 441 3.23 -15.81 -11.55
CA HIS A 441 3.76 -14.45 -11.61
C HIS A 441 3.79 -13.94 -13.06
N PHE A 442 2.61 -13.86 -13.66
CA PHE A 442 2.47 -13.34 -15.02
C PHE A 442 2.34 -11.81 -14.99
N PHE A 443 2.22 -11.23 -16.18
CA PHE A 443 1.92 -9.81 -16.35
C PHE A 443 0.43 -9.67 -16.67
N TYR A 444 -0.30 -8.97 -15.82
CA TYR A 444 -1.75 -8.89 -15.93
C TYR A 444 -2.18 -7.53 -16.45
N PRO A 445 -3.03 -7.44 -17.46
CA PRO A 445 -3.56 -6.16 -17.91
C PRO A 445 -4.72 -5.71 -17.04
N GLN A 446 -5.21 -4.51 -17.31
CA GLN A 446 -6.36 -3.96 -16.62
C GLN A 446 -7.22 -3.18 -17.59
N THR A 447 -8.52 -3.16 -17.33
CA THR A 447 -9.46 -2.50 -18.21
C THR A 447 -9.42 -0.99 -17.96
N GLY A 448 -10.35 -0.25 -18.57
CA GLY A 448 -10.28 1.21 -18.51
C GLY A 448 -10.50 1.76 -17.11
N ASN A 449 -11.43 1.18 -16.36
CA ASN A 449 -11.89 1.77 -15.10
C ASN A 449 -10.99 1.45 -13.92
N ALA A 450 -9.92 0.66 -14.11
CA ALA A 450 -9.12 0.22 -12.99
C ALA A 450 -8.56 1.39 -12.19
N ALA A 451 -8.22 2.48 -12.87
CA ALA A 451 -7.55 3.60 -12.21
C ALA A 451 -8.33 4.09 -11.00
N ILE A 452 -9.67 4.05 -11.09
CA ILE A 452 -10.51 4.53 -10.00
C ILE A 452 -11.11 3.36 -9.24
N ASN A 453 -11.27 2.22 -9.91
CA ASN A 453 -11.80 1.05 -9.21
C ASN A 453 -10.86 0.65 -8.08
N ASP A 454 -9.55 0.80 -8.28
CA ASP A 454 -8.61 0.46 -7.22
C ASP A 454 -8.62 1.51 -6.11
N TYR A 455 -8.68 2.80 -6.48
CA TYR A 455 -8.74 3.85 -5.46
C TYR A 455 -10.02 3.76 -4.64
N ASP A 456 -11.07 3.15 -5.19
CA ASP A 456 -12.32 3.02 -4.45
C ASP A 456 -12.16 2.17 -3.19
N TYR A 457 -11.06 1.41 -3.09
CA TYR A 457 -10.84 0.58 -1.91
C TYR A 457 -10.58 1.38 -0.64
N TYR A 458 -10.60 2.71 -0.70
CA TYR A 458 -10.46 3.51 0.51
C TYR A 458 -11.72 3.52 1.35
N ARG A 459 -12.81 2.94 0.88
CA ARG A 459 -14.01 2.83 1.69
C ARG A 459 -13.82 1.92 2.89
N TYR A 460 -12.74 1.15 2.93
CA TYR A 460 -12.43 0.32 4.09
C TYR A 460 -11.91 1.11 5.27
N ASN A 461 -11.56 2.37 5.07
CA ASN A 461 -11.06 3.22 6.15
C ASN A 461 -12.24 3.97 6.78
N ARG A 462 -12.51 3.67 8.06
CA ARG A 462 -13.62 4.29 8.76
C ARG A 462 -13.13 4.90 10.06
N PRO A 463 -13.84 5.92 10.58
CA PRO A 463 -13.38 6.58 11.81
C PRO A 463 -13.55 5.72 13.05
N THR A 464 -12.45 5.23 13.60
CA THR A 464 -12.47 4.33 14.74
C THR A 464 -11.84 5.01 15.95
N MET A 465 -12.53 4.93 17.09
CA MET A 465 -11.96 5.34 18.35
C MET A 465 -10.98 4.30 18.89
N PHE A 466 -10.17 4.73 19.85
CA PHE A 466 -9.29 3.87 20.62
C PHE A 466 -9.57 4.13 22.09
N ASP A 467 -9.41 3.11 22.93
CA ASP A 467 -9.50 3.34 24.37
C ASP A 467 -8.17 3.96 24.80
N ILE A 468 -8.23 5.21 25.25
CA ILE A 468 -7.03 6.02 25.33
C ILE A 468 -6.05 5.46 26.36
N ARG A 469 -6.55 4.84 27.43
CA ARG A 469 -5.65 4.39 28.49
C ARG A 469 -4.70 3.32 27.97
N GLN A 470 -5.25 2.26 27.38
CA GLN A 470 -4.43 1.18 26.87
C GLN A 470 -3.55 1.67 25.73
N LEU A 471 -4.10 2.49 24.84
CA LEU A 471 -3.31 3.00 23.71
C LEU A 471 -2.14 3.84 24.20
N LEU A 472 -2.36 4.67 25.23
CA LEU A 472 -1.29 5.52 25.72
C LEU A 472 -0.20 4.70 26.41
N PHE A 473 -0.58 3.71 27.22
CA PHE A 473 0.45 2.87 27.81
C PHE A 473 1.23 2.10 26.74
N CYS A 474 0.52 1.61 25.73
CA CYS A 474 1.19 0.89 24.65
C CYS A 474 2.13 1.81 23.89
N LEU A 475 1.75 3.08 23.74
CA LEU A 475 2.64 4.04 23.10
C LEU A 475 3.88 4.29 23.94
N GLU A 476 3.72 4.39 25.26
CA GLU A 476 4.89 4.59 26.11
C GLU A 476 5.83 3.39 26.05
N VAL A 477 5.29 2.18 25.97
CA VAL A 477 6.14 1.00 25.86
C VAL A 477 6.80 0.95 24.47
N THR A 478 6.06 1.28 23.42
CA THR A 478 6.60 1.23 22.07
C THR A 478 7.73 2.24 21.89
N SER A 479 7.58 3.44 22.45
CA SER A 479 8.63 4.44 22.30
C SER A 479 9.93 4.01 22.94
N LYS A 480 9.90 2.99 23.81
CA LYS A 480 11.13 2.47 24.38
C LYS A 480 12.01 1.81 23.32
N TYR A 481 11.41 1.29 22.26
CA TYR A 481 12.19 0.62 21.22
C TYR A 481 13.09 1.60 20.48
N PHE A 482 12.66 2.85 20.33
CA PHE A 482 13.38 3.87 19.58
C PHE A 482 14.18 4.78 20.49
N GLU A 483 14.75 4.23 21.56
CA GLU A 483 15.51 5.01 22.52
C GLU A 483 17.00 5.07 22.20
N CYS A 484 17.47 4.33 21.19
CA CYS A 484 18.87 4.26 20.84
C CYS A 484 19.13 4.76 19.42
N TYR A 485 18.50 5.86 19.03
CA TYR A 485 18.65 6.43 17.70
C TYR A 485 18.88 7.93 17.79
N GLU A 486 19.53 8.48 16.77
CA GLU A 486 19.74 9.90 16.67
C GLU A 486 18.51 10.59 16.09
N GLY A 487 18.32 11.85 16.45
CA GLY A 487 17.17 12.59 15.98
C GLY A 487 17.35 14.09 16.05
N GLY A 488 16.84 14.79 15.05
CA GLY A 488 16.93 16.24 15.03
C GLY A 488 16.71 16.77 13.63
N CYS A 489 16.81 18.08 13.52
CA CYS A 489 16.74 18.79 12.25
C CYS A 489 18.14 19.01 11.70
N ILE A 490 18.24 18.99 10.38
CA ILE A 490 19.52 19.18 9.71
C ILE A 490 19.39 20.33 8.72
N PRO A 491 20.45 21.10 8.48
CA PRO A 491 20.36 22.19 7.50
C PRO A 491 20.28 21.64 6.08
N ALA A 492 19.99 22.55 5.15
CA ALA A 492 19.74 22.14 3.77
C ALA A 492 20.96 21.45 3.17
N SER A 493 22.15 22.00 3.41
CA SER A 493 23.35 21.49 2.75
C SER A 493 23.64 20.04 3.12
N GLN A 494 23.16 19.56 4.27
CA GLN A 494 23.47 18.21 4.71
C GLN A 494 22.47 17.17 4.24
N VAL A 495 21.38 17.57 3.58
CA VAL A 495 20.41 16.61 3.07
C VAL A 495 21.07 15.75 2.00
N VAL A 496 20.59 14.53 1.86
CA VAL A 496 21.08 13.59 0.86
C VAL A 496 19.89 13.00 0.12
N VAL A 497 19.96 13.02 -1.21
CA VAL A 497 18.88 12.52 -2.06
C VAL A 497 19.38 11.26 -2.75
N ASN A 498 18.65 10.16 -2.59
CA ASN A 498 19.07 8.90 -3.20
C ASN A 498 19.06 9.00 -4.72
N ASN A 499 17.93 9.43 -5.30
CA ASN A 499 17.79 9.56 -6.74
C ASN A 499 17.09 10.87 -7.05
N LEU A 500 17.62 11.62 -8.02
CA LEU A 500 17.13 12.96 -8.30
C LEU A 500 16.24 13.04 -9.54
N ASP A 501 16.32 12.08 -10.44
CA ASP A 501 15.54 12.12 -11.68
C ASP A 501 14.25 11.33 -11.50
N LYS A 502 13.31 11.94 -10.77
CA LYS A 502 12.01 11.34 -10.53
C LYS A 502 10.97 12.45 -10.44
N SER A 503 9.72 12.07 -10.69
CA SER A 503 8.66 13.05 -10.86
C SER A 503 8.47 13.89 -9.60
N ALA A 504 8.05 15.14 -9.80
CA ALA A 504 7.85 16.09 -8.72
C ALA A 504 6.37 16.33 -8.44
N GLY A 505 5.49 15.41 -8.82
CA GLY A 505 4.08 15.53 -8.51
C GLY A 505 3.38 16.53 -9.42
N TYR A 506 2.12 16.79 -9.09
CA TYR A 506 1.29 17.71 -9.86
C TYR A 506 1.20 19.05 -9.15
N PRO A 507 1.24 20.19 -9.86
CA PRO A 507 1.43 20.39 -11.30
C PRO A 507 2.89 20.56 -11.71
N PHE A 508 3.83 20.37 -10.78
CA PHE A 508 5.22 20.67 -11.08
C PHE A 508 5.79 19.75 -12.14
N ASN A 509 5.24 18.55 -12.29
CA ASN A 509 5.85 17.57 -13.18
C ASN A 509 5.82 18.00 -14.64
N LYS A 510 5.00 19.00 -14.99
CA LYS A 510 4.94 19.43 -16.38
C LYS A 510 6.25 20.03 -16.84
N PHE A 511 6.90 20.82 -15.99
CA PHE A 511 8.07 21.58 -16.40
C PHE A 511 9.38 20.81 -16.25
N GLY A 512 9.45 19.86 -15.33
CA GLY A 512 10.68 19.11 -15.15
C GLY A 512 10.56 18.15 -13.98
N LYS A 513 11.67 17.45 -13.74
CA LYS A 513 11.76 16.49 -12.65
C LYS A 513 12.41 17.15 -11.43
N ALA A 514 12.58 16.37 -10.37
CA ALA A 514 13.08 16.93 -9.12
C ALA A 514 14.45 17.57 -9.28
N ARG A 515 15.22 17.17 -10.30
CA ARG A 515 16.53 17.77 -10.51
C ARG A 515 16.40 19.28 -10.74
N LEU A 516 15.40 19.68 -11.53
CA LEU A 516 15.23 21.11 -11.82
C LEU A 516 14.88 21.88 -10.57
N TYR A 517 14.03 21.32 -9.70
CA TYR A 517 13.58 22.02 -8.51
C TYR A 517 14.56 21.96 -7.36
N TYR A 518 15.54 21.07 -7.41
CA TYR A 518 16.57 21.04 -6.37
C TYR A 518 17.70 22.02 -6.65
N GLU A 519 17.66 22.75 -7.76
CA GLU A 519 18.66 23.76 -8.05
C GLU A 519 18.44 25.06 -7.27
N MET A 520 17.31 25.18 -6.58
CA MET A 520 17.05 26.38 -5.79
C MET A 520 18.17 26.60 -4.78
N SER A 521 18.58 27.86 -4.63
CA SER A 521 19.65 28.18 -3.70
C SER A 521 19.29 27.70 -2.30
N LEU A 522 20.29 27.17 -1.59
CA LEU A 522 20.05 26.63 -0.26
C LEU A 522 19.39 27.65 0.65
N GLU A 523 19.68 28.94 0.46
CA GLU A 523 19.04 29.98 1.24
C GLU A 523 17.53 30.03 1.00
N GLU A 524 17.05 29.41 -0.08
CA GLU A 524 15.61 29.34 -0.34
C GLU A 524 15.00 28.07 0.20
N GLN A 525 15.70 26.93 0.11
CA GLN A 525 15.21 25.72 0.74
C GLN A 525 15.09 25.90 2.24
N ASP A 526 16.07 26.53 2.86
CA ASP A 526 16.02 26.77 4.31
C ASP A 526 14.84 27.69 4.66
N GLN A 527 14.63 28.74 3.87
CA GLN A 527 13.49 29.62 4.14
C GLN A 527 12.17 28.88 4.01
N LEU A 528 12.04 28.05 2.97
CA LEU A 528 10.82 27.27 2.81
C LEU A 528 10.57 26.38 4.02
N PHE A 529 11.59 25.61 4.42
CA PHE A 529 11.39 24.70 5.55
C PHE A 529 11.07 25.46 6.82
N GLU A 530 11.77 26.58 7.08
CA GLU A 530 11.51 27.34 8.29
C GLU A 530 10.10 27.91 8.28
N SER A 531 9.64 28.38 7.12
CA SER A 531 8.28 28.90 7.01
C SER A 531 7.24 27.79 7.01
N THR A 532 7.65 26.53 6.91
CA THR A 532 6.69 25.44 7.11
C THR A 532 6.36 25.24 8.59
N LYS A 533 7.21 25.71 9.49
CA LYS A 533 6.95 25.59 10.92
C LYS A 533 6.00 26.66 11.46
N LYS A 534 5.68 27.67 10.66
CA LYS A 534 4.72 28.71 11.07
C LYS A 534 3.56 28.81 10.09
N ASN A 535 3.36 27.80 9.25
CA ASN A 535 2.29 27.83 8.26
C ASN A 535 1.89 26.39 7.95
N VAL A 536 0.74 26.25 7.29
CA VAL A 536 0.25 24.98 6.80
C VAL A 536 0.25 25.03 5.29
N LEU A 537 0.98 24.10 4.66
CA LEU A 537 1.14 24.10 3.21
C LEU A 537 0.47 22.88 2.59
N PRO A 538 -0.85 22.90 2.37
CA PRO A 538 -1.49 21.79 1.68
C PRO A 538 -1.00 21.67 0.25
N THR A 539 -1.01 20.43 -0.26
CA THR A 539 -0.52 20.15 -1.60
C THR A 539 -1.36 19.05 -2.24
N ILE A 540 -1.28 18.98 -3.57
CA ILE A 540 -2.02 17.98 -4.33
C ILE A 540 -1.19 16.71 -4.42
N THR A 541 -1.87 15.60 -4.68
CA THR A 541 -1.23 14.30 -4.84
C THR A 541 -1.80 13.61 -6.06
N GLN A 542 -0.96 12.91 -6.79
CA GLN A 542 -1.41 12.12 -7.93
C GLN A 542 -1.62 10.67 -7.49
N MET A 543 -2.33 9.92 -8.33
CA MET A 543 -2.51 8.48 -8.16
C MET A 543 -2.26 7.82 -9.50
N ASN A 544 -1.07 7.24 -9.66
CA ASN A 544 -0.64 6.64 -10.91
C ASN A 544 -0.51 5.13 -10.74
N LEU A 545 -0.89 4.39 -11.77
CA LEU A 545 -0.86 2.94 -11.71
C LEU A 545 0.58 2.42 -11.71
N LYS A 546 0.74 1.18 -11.27
CA LYS A 546 2.01 0.49 -11.26
C LYS A 546 1.98 -0.66 -12.25
N TYR A 547 3.16 -1.05 -12.72
CA TYR A 547 3.29 -2.02 -13.82
C TYR A 547 4.47 -2.93 -13.51
N ALA A 548 4.20 -4.10 -12.94
CA ALA A 548 5.24 -5.02 -12.56
C ALA A 548 4.65 -6.42 -12.42
N ILE A 549 5.55 -7.41 -12.39
CA ILE A 549 5.12 -8.79 -12.23
C ILE A 549 4.36 -8.95 -10.92
N SER A 550 3.30 -9.75 -10.96
CA SER A 550 2.52 -10.02 -9.75
C SER A 550 1.62 -11.21 -10.02
N ALA A 551 1.51 -12.10 -9.02
CA ALA A 551 0.61 -13.24 -9.14
C ALA A 551 -0.84 -12.82 -8.93
N LYS A 552 -1.09 -11.91 -7.98
CA LYS A 552 -2.44 -11.47 -7.70
C LYS A 552 -2.97 -10.64 -8.88
N ASN A 553 -4.24 -10.86 -9.22
CA ASN A 553 -4.85 -10.23 -10.38
C ASN A 553 -5.17 -8.75 -10.15
N ARG A 554 -5.35 -8.33 -8.91
CA ARG A 554 -5.77 -6.96 -8.63
C ARG A 554 -4.69 -5.97 -9.04
N ALA A 555 -5.13 -4.76 -9.38
CA ALA A 555 -4.22 -3.70 -9.81
C ALA A 555 -3.47 -3.14 -8.60
N ARG A 556 -2.66 -2.11 -8.85
CA ARG A 556 -1.88 -1.46 -7.81
C ARG A 556 -1.82 0.03 -8.11
N THR A 557 -1.54 0.82 -7.08
CA THR A 557 -1.41 2.26 -7.23
C THR A 557 -0.36 2.78 -6.24
N VAL A 558 0.27 3.89 -6.62
CA VAL A 558 1.27 4.56 -5.78
C VAL A 558 1.05 6.06 -5.90
N ALA A 559 1.17 6.75 -4.77
CA ALA A 559 0.87 8.19 -4.70
C ALA A 559 2.13 9.01 -4.97
N GLY A 560 2.05 9.91 -5.95
CA GLY A 560 3.18 10.74 -6.29
C GLY A 560 3.21 12.06 -5.54
N VAL A 561 3.51 11.99 -4.23
CA VAL A 561 3.46 13.17 -3.40
C VAL A 561 4.35 14.27 -3.98
N SER A 562 3.84 15.51 -3.94
CA SER A 562 4.47 16.61 -4.63
C SER A 562 5.79 17.01 -3.95
N ILE A 563 6.58 17.82 -4.66
CA ILE A 563 7.92 18.14 -4.20
C ILE A 563 7.89 19.01 -2.95
N LEU A 564 6.89 19.89 -2.82
CA LEU A 564 6.83 20.73 -1.63
C LEU A 564 6.70 19.92 -0.35
N SER A 565 6.27 18.66 -0.46
CA SER A 565 6.22 17.80 0.71
C SER A 565 7.59 17.22 1.02
N THR A 566 8.15 16.47 0.07
CA THR A 566 9.42 15.78 0.31
C THR A 566 10.52 16.77 0.63
N MET A 567 10.56 17.91 -0.07
CA MET A 567 11.67 18.84 0.09
C MET A 567 11.86 19.25 1.54
N THR A 568 10.80 19.26 2.33
CA THR A 568 10.86 19.61 3.75
C THR A 568 10.83 18.40 4.68
N ASN A 569 10.04 17.38 4.34
CA ASN A 569 10.01 16.19 5.19
C ASN A 569 11.38 15.53 5.24
N ARG A 570 12.16 15.63 4.18
CA ARG A 570 13.52 15.11 4.22
C ARG A 570 14.33 15.84 5.28
N GLN A 571 14.36 17.17 5.23
CA GLN A 571 15.10 17.93 6.23
C GLN A 571 14.64 17.56 7.63
N PHE A 572 13.34 17.32 7.80
CA PHE A 572 12.83 17.03 9.14
C PHE A 572 13.28 15.66 9.64
N HIS A 573 13.14 14.63 8.81
CA HIS A 573 13.22 13.26 9.29
C HIS A 573 14.52 12.54 8.96
N GLN A 574 15.34 13.06 8.05
CA GLN A 574 16.43 12.26 7.50
C GLN A 574 17.41 11.82 8.57
N LYS A 575 17.60 12.61 9.64
CA LYS A 575 18.59 12.23 10.63
C LYS A 575 18.20 10.91 11.31
N ILE A 576 16.96 10.83 11.82
CA ILE A 576 16.54 9.60 12.46
C ILE A 576 16.39 8.48 11.44
N LEU A 577 16.00 8.79 10.20
CA LEU A 577 15.92 7.73 9.19
C LEU A 577 17.29 7.10 8.97
N LYS A 578 18.33 7.93 8.80
CA LYS A 578 19.66 7.41 8.57
C LYS A 578 20.26 6.79 9.82
N SER A 579 19.78 7.15 11.01
CA SER A 579 20.21 6.45 12.22
C SER A 579 19.55 5.09 12.34
N ILE A 580 18.31 4.96 11.89
CA ILE A 580 17.68 3.64 11.84
C ILE A 580 18.35 2.76 10.80
N VAL A 581 18.81 3.35 9.69
CA VAL A 581 19.42 2.55 8.64
C VAL A 581 20.82 2.07 9.01
N ASN A 582 21.49 2.71 9.97
CA ASN A 582 22.88 2.40 10.31
C ASN A 582 23.00 1.77 11.70
N THR A 583 22.04 0.93 12.07
CA THR A 583 22.05 0.23 13.36
C THR A 583 21.87 -1.26 13.12
N ARG A 584 22.55 -2.06 13.93
CA ARG A 584 22.56 -3.51 13.79
C ARG A 584 22.12 -4.17 15.09
N ASN A 585 21.47 -5.33 14.95
CA ASN A 585 20.97 -6.10 16.08
C ASN A 585 19.92 -5.32 16.87
N ALA A 586 18.90 -4.89 16.14
CA ALA A 586 17.77 -4.16 16.71
C ALA A 586 16.49 -4.72 16.12
N PRO A 587 15.35 -4.51 16.81
CA PRO A 587 14.09 -5.07 16.30
C PRO A 587 13.76 -4.63 14.88
N VAL A 588 14.09 -3.39 14.51
CA VAL A 588 13.85 -2.91 13.15
C VAL A 588 14.98 -3.41 12.27
N VAL A 589 14.63 -4.14 11.20
CA VAL A 589 15.62 -4.78 10.35
C VAL A 589 16.00 -3.92 9.15
N ILE A 590 15.28 -2.83 8.90
CA ILE A 590 15.60 -1.98 7.75
C ILE A 590 17.08 -1.64 7.77
N GLY A 591 17.75 -1.85 6.64
CA GLY A 591 19.16 -1.53 6.50
C GLY A 591 20.10 -2.70 6.58
N THR A 592 19.64 -3.87 7.02
CA THR A 592 20.49 -5.05 7.11
C THR A 592 20.50 -5.78 5.78
N THR A 593 21.67 -6.30 5.42
CA THR A 593 21.88 -6.92 4.11
C THR A 593 21.68 -8.42 4.18
N LYS A 594 21.02 -8.97 3.15
CA LYS A 594 20.76 -10.41 3.10
C LYS A 594 22.00 -11.21 2.73
N PHE A 595 22.94 -10.60 2.01
CA PHE A 595 24.12 -11.31 1.52
C PHE A 595 25.23 -11.29 2.57
N TYR A 596 26.33 -11.96 2.25
CA TYR A 596 27.55 -11.90 3.07
C TYR A 596 27.26 -12.30 4.52
N GLY A 597 26.51 -13.38 4.70
CA GLY A 597 26.24 -13.87 6.04
C GLY A 597 25.47 -12.89 6.90
N GLY A 598 24.52 -12.16 6.31
CA GLY A 598 23.69 -11.26 7.07
C GLY A 598 22.41 -11.93 7.55
N TRP A 599 21.82 -12.77 6.69
CA TRP A 599 20.58 -13.45 7.05
C TRP A 599 20.78 -14.33 8.27
N ASP A 600 21.88 -15.08 8.31
CA ASP A 600 22.14 -15.93 9.46
C ASP A 600 22.27 -15.11 10.73
N ASN A 601 22.92 -13.96 10.66
CA ASN A 601 23.07 -13.12 11.85
C ASN A 601 21.71 -12.67 12.36
N MET A 602 20.83 -12.20 11.46
CA MET A 602 19.51 -11.79 11.89
C MET A 602 18.76 -12.94 12.55
N LEU A 603 18.79 -14.12 11.93
CA LEU A 603 18.01 -15.23 12.46
C LEU A 603 18.55 -15.72 13.80
N ARG A 604 19.88 -15.83 13.93
CA ARG A 604 20.46 -16.31 15.16
C ARG A 604 20.52 -15.24 16.25
N ASN A 605 20.24 -13.98 15.91
CA ASN A 605 20.03 -12.96 16.93
C ASN A 605 18.59 -12.88 17.38
N LEU A 606 17.64 -13.17 16.48
CA LEU A 606 16.24 -13.22 16.89
C LEU A 606 16.00 -14.37 17.87
N ILE A 607 16.56 -15.54 17.58
CA ILE A 607 16.27 -16.74 18.36
C ILE A 607 16.99 -16.76 19.71
N GLN A 608 18.06 -15.98 19.87
CA GLN A 608 18.88 -16.09 21.06
C GLN A 608 18.19 -15.45 22.25
N GLY A 609 18.15 -16.18 23.37
CA GLY A 609 17.69 -15.65 24.64
C GLY A 609 16.30 -16.08 25.05
N VAL A 610 15.49 -16.59 24.13
CA VAL A 610 14.11 -16.96 24.40
C VAL A 610 14.07 -18.45 24.73
N GLU A 611 13.41 -18.81 25.83
CA GLU A 611 13.31 -20.20 26.24
C GLU A 611 12.14 -20.88 25.56
N ASP A 612 12.38 -22.08 25.02
CA ASP A 612 11.34 -22.87 24.38
C ASP A 612 10.72 -22.10 23.22
N PRO A 613 11.52 -21.66 22.25
CA PRO A 613 10.99 -20.77 21.21
C PRO A 613 10.06 -21.50 20.25
N ILE A 614 9.08 -20.76 19.74
CA ILE A 614 8.22 -21.24 18.66
C ILE A 614 7.85 -20.05 17.79
N LEU A 615 8.47 -19.95 16.62
CA LEU A 615 8.28 -18.77 15.76
C LEU A 615 6.81 -18.66 15.34
N MET A 616 6.49 -17.54 14.70
CA MET A 616 5.17 -17.33 14.12
C MET A 616 5.24 -16.08 13.25
N GLY A 617 4.08 -15.68 12.72
CA GLY A 617 3.99 -14.53 11.84
C GLY A 617 2.56 -14.11 11.68
N TRP A 618 2.37 -12.98 11.00
CA TRP A 618 1.04 -12.42 10.83
C TRP A 618 1.04 -11.48 9.63
N ASP A 619 -0.14 -11.28 9.06
CA ASP A 619 -0.32 -10.42 7.90
C ASP A 619 -1.50 -9.50 8.12
N TYR A 620 -1.32 -8.22 7.78
CA TYR A 620 -2.37 -7.24 7.94
C TYR A 620 -3.16 -7.14 6.64
N PRO A 621 -4.43 -7.54 6.61
CA PRO A 621 -5.20 -7.44 5.35
C PRO A 621 -5.41 -5.98 4.96
N LYS A 622 -4.85 -5.60 3.81
CA LYS A 622 -4.99 -4.24 3.28
C LYS A 622 -4.50 -3.21 4.30
N CYS A 623 -3.21 -3.27 4.59
CA CYS A 623 -2.63 -2.36 5.57
C CYS A 623 -2.75 -0.91 5.13
N ASP A 624 -2.48 -0.63 3.84
CA ASP A 624 -2.50 0.74 3.38
C ASP A 624 -3.89 1.35 3.49
N ARG A 625 -4.92 0.60 3.09
CA ARG A 625 -6.26 1.16 3.05
C ARG A 625 -6.87 1.30 4.44
N ALA A 626 -6.69 0.30 5.29
CA ALA A 626 -7.47 0.16 6.51
C ALA A 626 -6.73 0.60 7.76
N MET A 627 -5.61 1.29 7.63
CA MET A 627 -4.89 1.75 8.81
C MET A 627 -5.61 2.94 9.43
N PRO A 628 -5.97 2.88 10.71
CA PRO A 628 -6.68 4.00 11.33
C PRO A 628 -5.80 5.24 11.40
N ASN A 629 -6.46 6.41 11.36
CA ASN A 629 -5.73 7.67 11.34
C ASN A 629 -4.96 7.89 12.63
N LEU A 630 -5.54 7.55 13.77
CA LEU A 630 -4.90 7.84 15.04
C LEU A 630 -3.57 7.11 15.17
N LEU A 631 -3.47 5.89 14.62
CA LEU A 631 -2.20 5.18 14.68
C LEU A 631 -1.15 5.83 13.79
N ARG A 632 -1.55 6.38 12.65
CA ARG A 632 -0.60 7.12 11.81
C ARG A 632 -0.10 8.36 12.53
N ILE A 633 -1.00 9.10 13.18
CA ILE A 633 -0.57 10.26 13.95
C ILE A 633 0.37 9.83 15.07
N ALA A 634 0.06 8.71 15.73
CA ALA A 634 0.93 8.24 16.81
C ALA A 634 2.30 7.88 16.29
N ALA A 635 2.38 7.23 15.12
CA ALA A 635 3.68 6.91 14.54
C ALA A 635 4.47 8.17 14.21
N SER A 636 3.80 9.16 13.63
CA SER A 636 4.49 10.41 13.32
C SER A 636 5.02 11.07 14.59
N LEU A 637 4.23 11.08 15.66
CA LEU A 637 4.69 11.66 16.91
C LEU A 637 5.84 10.86 17.53
N VAL A 638 5.80 9.54 17.39
CA VAL A 638 6.89 8.72 17.92
C VAL A 638 8.19 9.02 17.20
N LEU A 639 8.12 9.24 15.88
CA LEU A 639 9.33 9.64 15.16
C LEU A 639 9.74 11.07 15.46
N ALA A 640 8.80 11.95 15.80
CA ALA A 640 9.11 13.34 16.09
C ALA A 640 9.40 13.58 17.56
N ARG A 641 9.45 12.53 18.38
CA ARG A 641 9.73 12.70 19.80
C ARG A 641 11.16 13.12 20.10
N LYS A 642 12.04 13.10 19.11
CA LYS A 642 13.47 13.32 19.33
C LYS A 642 13.90 14.77 19.19
N HIS A 643 12.97 15.70 18.97
CA HIS A 643 13.31 17.11 18.82
C HIS A 643 13.17 17.81 20.18
N THR A 644 14.11 17.49 21.06
CA THR A 644 14.05 18.04 22.41
C THR A 644 14.44 19.52 22.43
N ASN A 645 15.38 19.92 21.58
CA ASN A 645 15.97 21.25 21.65
C ASN A 645 15.80 22.07 20.37
N CYS A 646 15.76 21.44 19.20
CA CYS A 646 15.75 22.21 17.96
C CYS A 646 14.42 22.93 17.72
N CYS A 647 13.31 22.41 18.25
CA CYS A 647 12.00 22.97 17.97
C CYS A 647 11.21 23.13 19.26
N THR A 648 10.36 24.15 19.29
CA THR A 648 9.42 24.35 20.39
C THR A 648 8.18 23.50 20.17
N TRP A 649 7.31 23.45 21.17
CA TRP A 649 6.10 22.64 21.05
C TRP A 649 5.21 23.16 19.93
N SER A 650 5.05 24.47 19.83
CA SER A 650 4.16 25.03 18.80
C SER A 650 4.64 24.65 17.41
N GLU A 651 5.94 24.69 17.17
CA GLU A 651 6.48 24.28 15.88
C GLU A 651 6.27 22.79 15.66
N ARG A 652 6.34 21.98 16.73
CA ARG A 652 6.04 20.56 16.60
C ARG A 652 4.56 20.27 16.41
N VAL A 653 3.69 21.25 16.64
CA VAL A 653 2.28 21.11 16.29
C VAL A 653 2.05 21.51 14.83
N TYR A 654 2.69 22.60 14.40
CA TYR A 654 2.54 23.02 13.01
C TYR A 654 3.13 22.00 12.05
N ARG A 655 4.24 21.36 12.44
CA ARG A 655 4.81 20.31 11.60
C ARG A 655 3.86 19.12 11.47
N LEU A 656 3.21 18.74 12.57
CA LEU A 656 2.25 17.65 12.50
C LEU A 656 1.05 18.02 11.64
N TYR A 657 0.53 19.25 11.70
CA TYR A 657 -0.59 19.69 10.81
C TYR A 657 -0.10 19.73 9.37
N ASN A 658 1.19 19.99 9.08
CA ASN A 658 1.67 19.91 7.72
C ASN A 658 1.70 18.47 7.22
N GLU A 659 2.21 17.55 8.05
CA GLU A 659 2.22 16.15 7.63
C GLU A 659 0.82 15.61 7.43
N CYS A 660 -0.10 15.98 8.32
CA CYS A 660 -1.50 15.53 8.18
C CYS A 660 -2.13 16.08 6.91
N ALA A 661 -1.87 17.35 6.59
CA ALA A 661 -2.47 17.98 5.42
C ALA A 661 -1.79 17.58 4.12
N GLN A 662 -0.60 16.98 4.17
CA GLN A 662 0.08 16.57 2.95
C GLN A 662 0.01 15.07 2.68
N VAL A 663 -0.25 14.24 3.70
CA VAL A 663 -0.22 12.79 3.51
C VAL A 663 -1.53 12.14 3.95
N LEU A 664 -1.97 12.44 5.18
CA LEU A 664 -3.11 11.75 5.75
C LEU A 664 -4.45 12.22 5.21
N SER A 665 -4.51 13.41 4.61
CA SER A 665 -5.77 13.94 4.09
C SER A 665 -5.52 14.62 2.74
N GLU A 666 -4.75 13.96 1.88
CA GLU A 666 -4.39 14.52 0.58
C GLU A 666 -5.60 14.96 -0.20
N THR A 667 -5.40 15.83 -1.18
CA THR A 667 -6.41 16.16 -2.18
C THR A 667 -6.06 15.40 -3.45
N VAL A 668 -6.36 14.10 -3.43
CA VAL A 668 -5.91 13.20 -4.49
C VAL A 668 -6.42 13.70 -5.84
N LEU A 669 -5.59 13.53 -6.86
CA LEU A 669 -5.92 13.88 -8.25
C LEU A 669 -5.81 12.60 -9.07
N ALA A 670 -6.90 11.85 -9.14
CA ALA A 670 -6.92 10.56 -9.84
C ALA A 670 -7.85 10.64 -11.03
N THR A 671 -7.29 10.45 -12.23
CA THR A 671 -8.08 10.32 -13.46
C THR A 671 -8.98 11.54 -13.66
N GLY A 672 -8.32 12.67 -13.91
CA GLY A 672 -9.00 13.88 -14.33
C GLY A 672 -10.04 14.37 -13.34
N GLY A 673 -9.91 13.99 -12.09
CA GLY A 673 -10.81 14.45 -11.05
C GLY A 673 -10.09 14.60 -9.74
N ILE A 674 -10.55 15.52 -8.91
CA ILE A 674 -9.94 15.83 -7.63
C ILE A 674 -10.86 15.30 -6.53
N TYR A 675 -10.38 14.35 -5.77
CA TYR A 675 -11.11 13.74 -4.66
C TYR A 675 -10.49 14.17 -3.35
N VAL A 676 -10.99 13.62 -2.24
CA VAL A 676 -10.45 13.85 -0.92
C VAL A 676 -10.17 12.48 -0.29
N LYS A 677 -8.91 12.22 -0.01
CA LYS A 677 -8.51 10.92 0.52
C LYS A 677 -9.04 10.76 1.94
N PRO A 678 -9.76 9.67 2.25
CA PRO A 678 -10.25 9.51 3.63
C PRO A 678 -9.15 9.41 4.67
N GLY A 679 -8.23 8.47 4.50
CA GLY A 679 -7.18 8.28 5.48
C GLY A 679 -6.24 7.18 5.07
N GLY A 680 -5.38 6.80 6.00
CA GLY A 680 -4.41 5.75 5.76
C GLY A 680 -3.17 6.25 5.06
N THR A 681 -2.08 5.50 5.23
CA THR A 681 -0.80 5.89 4.65
C THR A 681 -0.86 5.85 3.12
N SER A 682 -0.12 6.76 2.50
CA SER A 682 0.10 6.74 1.06
C SER A 682 1.47 6.11 0.80
N SER A 683 1.52 5.19 -0.16
CA SER A 683 2.73 4.42 -0.37
C SER A 683 3.92 5.31 -0.73
N GLY A 684 3.71 6.30 -1.60
CA GLY A 684 4.79 7.14 -2.04
C GLY A 684 5.19 8.26 -1.11
N ASP A 685 4.54 8.37 0.04
CA ASP A 685 4.89 9.40 1.01
C ASP A 685 6.27 9.14 1.58
N ALA A 686 6.97 10.20 1.94
CA ALA A 686 8.28 10.07 2.56
C ALA A 686 8.17 9.39 3.92
N THR A 687 9.11 8.49 4.20
CA THR A 687 9.14 7.75 5.46
C THR A 687 7.89 6.88 5.63
N THR A 688 7.51 6.18 4.56
CA THR A 688 6.39 5.26 4.65
C THR A 688 6.79 3.99 5.40
N ALA A 689 7.95 3.43 5.08
CA ALA A 689 8.36 2.18 5.69
C ALA A 689 8.55 2.33 7.20
N TYR A 690 9.10 3.46 7.64
CA TYR A 690 9.36 3.64 9.06
C TYR A 690 8.06 3.87 9.83
N ALA A 691 7.12 4.61 9.24
CA ALA A 691 5.81 4.74 9.86
C ALA A 691 5.11 3.39 9.96
N ASN A 692 5.22 2.58 8.91
CA ASN A 692 4.63 1.24 8.96
C ASN A 692 5.27 0.40 10.05
N SER A 693 6.59 0.49 10.20
CA SER A 693 7.26 -0.26 11.26
C SER A 693 6.80 0.17 12.64
N VAL A 694 6.67 1.49 12.87
CA VAL A 694 6.23 1.97 14.16
C VAL A 694 4.80 1.48 14.44
N PHE A 695 3.93 1.55 13.44
CA PHE A 695 2.56 1.06 13.61
C PHE A 695 2.56 -0.43 13.92
N ASN A 696 3.43 -1.20 13.27
CA ASN A 696 3.53 -2.62 13.56
C ASN A 696 3.93 -2.88 15.00
N ILE A 697 4.90 -2.11 15.50
CA ILE A 697 5.32 -2.30 16.89
C ILE A 697 4.16 -1.96 17.83
N ILE A 698 3.41 -0.90 17.52
CA ILE A 698 2.27 -0.54 18.37
C ILE A 698 1.25 -1.66 18.40
N GLN A 699 0.95 -2.24 17.24
CA GLN A 699 -0.02 -3.33 17.18
C GLN A 699 0.47 -4.53 17.97
N ALA A 700 1.75 -4.88 17.82
CA ALA A 700 2.27 -6.04 18.52
C ALA A 700 2.29 -5.84 20.02
N THR A 701 2.49 -4.61 20.49
CA THR A 701 2.46 -4.37 21.93
C THR A 701 1.03 -4.38 22.48
N SER A 702 0.08 -3.83 21.73
CA SER A 702 -1.31 -3.87 22.18
C SER A 702 -1.81 -5.31 22.23
N ALA A 703 -1.44 -6.13 21.25
CA ALA A 703 -1.87 -7.52 21.24
C ALA A 703 -1.40 -8.26 22.47
N ASN A 704 -0.34 -7.77 23.12
CA ASN A 704 0.17 -8.40 24.33
C ASN A 704 -0.42 -7.80 25.60
N VAL A 705 -0.58 -6.47 25.65
CA VAL A 705 -1.17 -5.85 26.84
C VAL A 705 -2.60 -6.32 27.02
N ALA A 706 -3.37 -6.34 25.95
CA ALA A 706 -4.78 -6.75 26.06
C ALA A 706 -4.89 -8.17 26.58
N ARG A 707 -4.06 -9.07 26.05
CA ARG A 707 -4.13 -10.47 26.47
C ARG A 707 -3.61 -10.67 27.89
N LEU A 708 -2.63 -9.87 28.31
CA LEU A 708 -2.10 -10.03 29.66
C LEU A 708 -3.05 -9.47 30.71
N LEU A 709 -3.87 -8.47 30.35
CA LEU A 709 -4.80 -7.91 31.33
C LEU A 709 -5.99 -8.81 31.59
N SER A 710 -6.33 -9.70 30.65
CA SER A 710 -7.58 -10.43 30.68
C SER A 710 -7.42 -11.86 31.18
N VAL A 711 -6.55 -12.09 32.15
CA VAL A 711 -6.36 -13.42 32.74
C VAL A 711 -6.62 -13.32 34.23
N ILE A 712 -7.09 -14.43 34.82
CA ILE A 712 -7.42 -14.46 36.24
C ILE A 712 -6.13 -14.48 37.04
N THR A 713 -5.74 -13.33 37.57
CA THR A 713 -4.45 -13.23 38.25
C THR A 713 -4.41 -14.03 39.53
N ARG A 714 -5.55 -14.52 40.01
CA ARG A 714 -5.55 -15.37 41.20
C ARG A 714 -4.96 -16.75 40.94
N ASP A 715 -4.86 -17.16 39.68
CA ASP A 715 -4.44 -18.51 39.31
C ASP A 715 -3.29 -18.47 38.32
N ILE A 716 -2.27 -17.68 38.62
CA ILE A 716 -1.03 -17.66 37.87
C ILE A 716 0.03 -18.37 38.71
N VAL A 717 0.64 -19.41 38.15
CA VAL A 717 1.54 -20.26 38.94
C VAL A 717 2.80 -19.50 39.32
N TYR A 718 3.38 -18.75 38.37
CA TYR A 718 4.63 -18.06 38.61
C TYR A 718 4.41 -16.85 39.51
N ASP A 719 5.26 -16.69 40.52
CA ASP A 719 5.10 -15.62 41.49
C ASP A 719 5.74 -14.30 41.05
N ASP A 720 6.38 -14.27 39.87
CA ASP A 720 6.94 -13.02 39.35
C ASP A 720 5.97 -12.34 38.39
N ILE A 721 5.37 -13.11 37.49
CA ILE A 721 4.36 -12.54 36.60
C ILE A 721 3.05 -12.32 37.34
N LYS A 722 2.80 -13.10 38.40
CA LYS A 722 1.58 -12.95 39.17
C LYS A 722 1.47 -11.56 39.80
N SER A 723 2.58 -10.86 39.96
CA SER A 723 2.57 -9.48 40.44
C SER A 723 2.70 -8.46 39.33
N LEU A 724 3.42 -8.79 38.26
CA LEU A 724 3.48 -7.89 37.11
C LEU A 724 2.09 -7.68 36.52
N GLN A 725 1.31 -8.75 36.41
CA GLN A 725 -0.04 -8.62 35.87
C GLN A 725 -0.90 -7.73 36.77
N TYR A 726 -0.77 -7.89 38.09
CA TYR A 726 -1.56 -7.07 39.00
C TYR A 726 -1.16 -5.61 38.91
N GLU A 727 0.14 -5.33 38.81
CA GLU A 727 0.59 -3.95 38.72
C GLU A 727 0.21 -3.32 37.38
N LEU A 728 0.13 -4.12 36.32
CA LEU A 728 -0.13 -3.56 34.99
C LEU A 728 -1.48 -2.88 34.93
N TYR A 729 -2.51 -3.50 35.51
CA TYR A 729 -3.85 -2.90 35.46
C TYR A 729 -3.87 -1.55 36.15
N GLN A 730 -3.27 -1.46 37.33
CA GLN A 730 -3.25 -0.20 38.05
C GLN A 730 -2.44 0.84 37.29
N GLN A 731 -1.32 0.44 36.68
CA GLN A 731 -0.50 1.39 35.95
C GLN A 731 -1.19 1.86 34.68
N VAL A 732 -2.08 1.06 34.12
CA VAL A 732 -2.72 1.42 32.87
C VAL A 732 -3.96 2.27 33.12
N TYR A 733 -4.85 1.82 34.00
CA TYR A 733 -6.16 2.45 34.13
C TYR A 733 -6.27 3.42 35.29
N ARG A 734 -5.80 3.05 36.48
CA ARG A 734 -6.03 3.84 37.69
C ARG A 734 -4.95 4.88 37.94
N ARG A 735 -4.25 5.34 36.91
CA ARG A 735 -3.26 6.39 37.07
C ARG A 735 -3.20 7.22 35.79
N VAL A 736 -2.75 8.46 35.93
CA VAL A 736 -2.79 9.44 34.85
C VAL A 736 -1.42 9.61 34.19
N ASN A 737 -0.34 9.67 34.97
CA ASN A 737 1.00 9.86 34.45
C ASN A 737 1.78 8.56 34.58
N PHE A 738 2.36 8.11 33.47
CA PHE A 738 3.06 6.84 33.43
C PHE A 738 4.30 6.88 34.32
N ASP A 739 4.68 5.70 34.82
CA ASP A 739 5.83 5.56 35.71
C ASP A 739 6.95 4.85 34.96
N PRO A 740 8.04 5.54 34.60
CA PRO A 740 9.11 4.86 33.84
C PRO A 740 9.68 3.65 34.55
N ALA A 741 9.73 3.67 35.88
CA ALA A 741 10.29 2.54 36.61
C ALA A 741 9.54 1.25 36.32
N PHE A 742 8.26 1.35 35.94
CA PHE A 742 7.50 0.18 35.54
C PHE A 742 7.46 -0.04 34.03
N VAL A 743 7.50 1.02 33.24
CA VAL A 743 7.56 0.84 31.79
C VAL A 743 8.81 0.07 31.42
N GLU A 744 9.94 0.40 32.05
CA GLU A 744 11.18 -0.32 31.77
C GLU A 744 11.06 -1.79 32.17
N LYS A 745 10.44 -2.07 33.33
CA LYS A 745 10.29 -3.45 33.77
C LYS A 745 9.41 -4.24 32.82
N PHE A 746 8.30 -3.66 32.38
CA PHE A 746 7.43 -4.38 31.46
C PHE A 746 8.09 -4.56 30.10
N TYR A 747 8.85 -3.57 29.63
CA TYR A 747 9.57 -3.74 28.37
C TYR A 747 10.63 -4.82 28.49
N SER A 748 11.30 -4.91 29.65
CA SER A 748 12.25 -5.99 29.86
C SER A 748 11.56 -7.35 29.81
N TYR A 749 10.41 -7.47 30.46
CA TYR A 749 9.67 -8.73 30.40
C TYR A 749 9.24 -9.04 28.97
N LEU A 750 8.84 -8.02 28.22
CA LEU A 750 8.34 -8.21 26.86
C LEU A 750 9.46 -8.47 25.87
N CYS A 751 10.70 -8.15 26.21
CA CYS A 751 11.84 -8.44 25.34
C CYS A 751 12.55 -9.72 25.71
N LYS A 752 12.47 -10.15 26.98
CA LYS A 752 13.04 -11.43 27.36
C LYS A 752 12.27 -12.58 26.71
N ASN A 753 10.95 -12.56 26.84
CA ASN A 753 10.07 -13.43 26.08
C ASN A 753 9.36 -12.61 25.00
N PHE A 754 8.94 -13.29 23.93
CA PHE A 754 8.28 -12.62 22.83
C PHE A 754 9.23 -11.66 22.11
N SER A 755 10.39 -12.17 21.72
CA SER A 755 11.31 -11.38 20.92
C SER A 755 10.62 -10.94 19.63
N LEU A 756 11.27 -10.02 18.91
CA LEU A 756 10.62 -9.37 17.79
C LEU A 756 11.61 -9.16 16.65
N MET A 757 11.08 -9.10 15.43
CA MET A 757 11.85 -8.74 14.24
C MET A 757 10.88 -8.14 13.25
N ILE A 758 11.07 -6.88 12.89
CA ILE A 758 10.09 -6.10 12.14
C ILE A 758 10.76 -5.38 10.99
N LEU A 759 10.10 -5.38 9.83
CA LEU A 759 10.55 -4.62 8.67
C LEU A 759 9.31 -4.14 7.93
N SER A 760 8.94 -2.89 8.17
CA SER A 760 7.72 -2.32 7.59
C SER A 760 6.50 -3.15 7.99
N ASP A 761 5.98 -3.96 7.07
CA ASP A 761 4.79 -4.76 7.35
C ASP A 761 5.14 -6.17 7.78
N ASP A 762 6.20 -6.76 7.21
CA ASP A 762 6.59 -8.11 7.58
C ASP A 762 6.93 -8.18 9.06
N GLY A 763 7.11 -9.39 9.56
CA GLY A 763 7.48 -9.57 10.95
C GLY A 763 7.59 -11.04 11.30
N VAL A 764 8.29 -11.29 12.40
CA VAL A 764 8.44 -12.62 12.95
C VAL A 764 8.71 -12.46 14.44
N VAL A 765 8.22 -13.41 15.24
CA VAL A 765 8.44 -13.39 16.68
C VAL A 765 8.61 -14.82 17.16
N CYS A 766 9.58 -15.04 18.03
CA CYS A 766 9.74 -16.31 18.72
C CYS A 766 9.40 -16.07 20.18
N TYR A 767 8.26 -16.59 20.61
CA TYR A 767 7.75 -16.32 21.94
C TYR A 767 7.82 -17.58 22.80
N ASN A 768 8.20 -17.40 24.06
CA ASN A 768 8.21 -18.50 25.01
C ASN A 768 6.88 -19.23 24.97
N ASN A 769 6.93 -20.51 24.58
CA ASN A 769 5.68 -21.24 24.34
C ASN A 769 4.99 -21.61 25.65
N THR A 770 5.76 -21.92 26.69
CA THR A 770 5.15 -22.33 27.95
C THR A 770 4.24 -21.23 28.50
N LEU A 771 4.68 -19.98 28.43
CA LEU A 771 3.83 -18.89 28.87
C LEU A 771 2.63 -18.72 27.93
N ALA A 772 2.88 -18.69 26.62
CA ALA A 772 1.78 -18.46 25.68
C ALA A 772 0.67 -19.50 25.86
N LYS A 773 1.02 -20.72 26.27
CA LYS A 773 -0.01 -21.72 26.51
C LYS A 773 -0.93 -21.31 27.65
N GLN A 774 -0.42 -20.55 28.62
CA GLN A 774 -1.21 -20.11 29.76
C GLN A 774 -1.88 -18.76 29.53
N GLY A 775 -1.74 -18.18 28.34
CA GLY A 775 -2.38 -16.93 28.02
C GLY A 775 -1.64 -15.69 28.47
N LEU A 776 -0.39 -15.82 28.90
CA LEU A 776 0.39 -14.69 29.39
C LEU A 776 1.17 -13.98 28.30
N VAL A 777 1.06 -14.43 27.05
CA VAL A 777 1.75 -13.80 25.93
C VAL A 777 0.87 -13.96 24.70
N ALA A 778 0.98 -13.01 23.77
CA ALA A 778 0.09 -12.94 22.63
C ALA A 778 0.52 -13.94 21.58
N ASP A 779 -0.17 -15.08 21.52
CA ASP A 779 0.06 -16.05 20.46
C ASP A 779 -0.73 -15.62 19.22
N ILE A 780 -0.86 -16.53 18.25
CA ILE A 780 -1.47 -16.16 16.98
C ILE A 780 -2.92 -15.70 17.18
N SER A 781 -3.67 -16.41 18.02
CA SER A 781 -5.05 -16.04 18.26
C SER A 781 -5.18 -14.77 19.07
N GLY A 782 -4.08 -14.25 19.62
CA GLY A 782 -4.09 -12.99 20.34
C GLY A 782 -3.86 -11.78 19.49
N PHE A 783 -3.65 -11.95 18.18
CA PHE A 783 -3.53 -10.83 17.25
C PHE A 783 -4.81 -10.56 16.50
N ARG A 784 -5.58 -11.59 16.17
CA ARG A 784 -6.86 -11.41 15.49
C ARG A 784 -7.81 -10.59 16.35
N GLU A 785 -7.84 -10.87 17.66
CA GLU A 785 -8.76 -10.18 18.55
C GLU A 785 -8.46 -8.68 18.59
N VAL A 786 -7.18 -8.31 18.61
CA VAL A 786 -6.82 -6.89 18.64
C VAL A 786 -7.05 -6.25 17.28
N LEU A 787 -6.73 -6.95 16.20
CA LEU A 787 -6.95 -6.39 14.88
C LEU A 787 -8.43 -6.19 14.59
N TYR A 788 -9.30 -6.96 15.25
CA TYR A 788 -10.73 -6.82 14.98
C TYR A 788 -11.22 -5.42 15.31
N TYR A 789 -10.79 -4.85 16.44
CA TYR A 789 -11.30 -3.57 16.89
C TYR A 789 -10.28 -2.44 16.89
N GLN A 790 -9.03 -2.70 16.49
CA GLN A 790 -8.05 -1.64 16.29
C GLN A 790 -7.66 -1.46 14.83
N ASN A 791 -8.15 -2.32 13.94
CA ASN A 791 -7.90 -2.16 12.52
C ASN A 791 -9.14 -2.38 11.66
N ASN A 792 -10.21 -2.95 12.20
CA ASN A 792 -11.45 -3.15 11.45
C ASN A 792 -11.27 -4.18 10.34
N VAL A 793 -10.53 -5.25 10.61
CA VAL A 793 -10.33 -6.33 9.66
C VAL A 793 -10.25 -7.65 10.42
N PHE A 794 -10.55 -8.72 9.70
CA PHE A 794 -10.49 -10.08 10.25
C PHE A 794 -9.27 -10.78 9.67
N MET A 795 -8.36 -11.18 10.55
CA MET A 795 -7.10 -11.79 10.12
C MET A 795 -7.30 -13.30 10.04
N ALA A 796 -7.65 -13.77 8.85
CA ALA A 796 -7.90 -15.20 8.67
C ALA A 796 -6.62 -16.00 8.94
N ASP A 797 -6.79 -17.14 9.61
CA ASP A 797 -5.64 -17.96 9.96
C ASP A 797 -4.90 -18.53 8.75
N SER A 798 -5.52 -18.50 7.56
CA SER A 798 -4.83 -18.94 6.37
C SER A 798 -3.67 -18.05 5.97
N LYS A 799 -3.56 -16.86 6.56
CA LYS A 799 -2.49 -15.92 6.25
C LYS A 799 -1.39 -15.93 7.29
N CYS A 800 -1.40 -16.87 8.23
CA CYS A 800 -0.42 -16.94 9.29
C CYS A 800 0.11 -18.36 9.40
N TRP A 801 1.27 -18.50 10.04
CA TRP A 801 1.92 -19.79 10.16
C TRP A 801 2.54 -19.92 11.55
N VAL A 802 3.10 -21.09 11.81
CA VAL A 802 3.78 -21.39 13.08
C VAL A 802 4.75 -22.53 12.82
N GLU A 803 5.99 -22.38 13.27
CA GLU A 803 7.07 -23.32 12.99
C GLU A 803 7.74 -23.74 14.30
N PRO A 804 7.16 -24.71 15.00
CA PRO A 804 7.74 -25.10 16.30
C PRO A 804 9.17 -25.59 16.20
N ASP A 805 9.56 -26.23 15.11
CA ASP A 805 10.91 -26.76 14.95
C ASP A 805 11.79 -25.65 14.38
N LEU A 806 12.65 -25.08 15.22
CA LEU A 806 13.45 -23.94 14.82
C LEU A 806 14.43 -24.28 13.71
N GLU A 807 14.93 -25.51 13.69
CA GLU A 807 15.99 -25.87 12.74
C GLU A 807 15.53 -25.72 11.30
N LYS A 808 14.22 -25.67 11.05
CA LYS A 808 13.71 -25.43 9.72
C LYS A 808 13.54 -23.96 9.40
N GLY A 809 13.75 -23.07 10.37
CA GLY A 809 13.75 -21.65 10.12
C GLY A 809 12.38 -21.09 9.83
N PRO A 810 12.28 -19.78 9.65
CA PRO A 810 10.99 -19.17 9.32
C PRO A 810 10.41 -19.74 8.04
N HIS A 811 9.09 -19.91 8.02
CA HIS A 811 8.45 -20.40 6.81
C HIS A 811 8.60 -19.42 5.67
N GLU A 812 8.39 -18.13 5.93
CA GLU A 812 8.50 -17.12 4.89
C GLU A 812 8.61 -15.74 5.53
N PHE A 813 9.75 -15.09 5.35
CA PHE A 813 9.95 -13.71 5.78
C PHE A 813 10.51 -12.92 4.61
N CYS A 814 9.90 -11.78 4.31
CA CYS A 814 10.33 -10.95 3.20
C CYS A 814 10.25 -11.70 1.88
N SER A 815 9.29 -12.61 1.77
CA SER A 815 9.03 -13.35 0.53
C SER A 815 10.24 -14.16 0.09
N GLN A 816 10.94 -14.76 1.05
CA GLN A 816 12.06 -15.64 0.74
C GLN A 816 12.12 -16.75 1.80
N HIS A 817 11.99 -17.99 1.35
CA HIS A 817 12.05 -19.11 2.27
C HIS A 817 13.47 -19.27 2.81
N THR A 818 13.57 -19.89 3.99
CA THR A 818 14.85 -20.06 4.67
C THR A 818 15.19 -21.54 4.76
N MET A 819 16.47 -21.84 4.59
CA MET A 819 16.98 -23.21 4.65
C MET A 819 18.30 -23.21 5.41
N LEU A 820 18.64 -24.36 5.98
CA LEU A 820 19.84 -24.52 6.79
C LEU A 820 20.81 -25.43 6.06
N VAL A 821 22.00 -24.92 5.75
CA VAL A 821 23.01 -25.67 5.00
C VAL A 821 24.37 -25.42 5.62
N GLU A 822 25.19 -26.46 5.68
CA GLU A 822 26.53 -26.34 6.24
C GLU A 822 27.40 -25.50 5.32
N VAL A 823 28.01 -24.45 5.88
CA VAL A 823 28.93 -23.59 5.16
C VAL A 823 30.19 -23.42 6.00
N ASP A 824 31.34 -23.69 5.41
CA ASP A 824 32.63 -23.60 6.11
C ASP A 824 32.63 -24.48 7.35
N GLY A 825 31.96 -25.62 7.27
CA GLY A 825 31.95 -26.58 8.35
C GLY A 825 31.00 -26.29 9.49
N GLU A 826 30.16 -25.27 9.36
CA GLU A 826 29.19 -24.92 10.39
C GLU A 826 27.82 -24.70 9.76
N PRO A 827 26.74 -24.92 10.52
CA PRO A 827 25.38 -24.75 9.97
C PRO A 827 24.95 -23.29 10.02
N ARG A 828 24.61 -22.74 8.86
CA ARG A 828 24.17 -21.36 8.76
C ARG A 828 22.91 -21.28 7.91
N TYR A 829 22.00 -20.38 8.28
CA TYR A 829 20.78 -20.21 7.52
C TYR A 829 21.07 -19.50 6.20
N LEU A 830 20.37 -19.91 5.14
CA LEU A 830 20.43 -19.24 3.86
C LEU A 830 19.01 -18.98 3.36
N PRO A 831 18.78 -17.88 2.65
CA PRO A 831 17.49 -17.68 1.99
C PRO A 831 17.50 -18.31 0.61
N TYR A 832 16.31 -18.40 0.03
CA TYR A 832 16.18 -18.81 -1.36
C TYR A 832 14.80 -18.49 -1.87
N PRO A 833 14.66 -17.92 -3.06
CA PRO A 833 13.35 -17.41 -3.49
C PRO A 833 12.38 -18.52 -3.87
N ASP A 834 11.19 -18.15 -4.31
CA ASP A 834 10.24 -19.11 -4.86
C ASP A 834 10.65 -19.37 -6.31
N PRO A 835 11.07 -20.59 -6.65
CA PRO A 835 11.67 -20.80 -7.97
C PRO A 835 10.76 -20.44 -9.11
N SER A 836 9.44 -20.50 -8.92
CA SER A 836 8.53 -20.10 -10.00
C SER A 836 8.74 -18.64 -10.37
N ARG A 837 8.99 -17.77 -9.39
CA ARG A 837 9.22 -16.36 -9.68
C ARG A 837 10.48 -16.17 -10.51
N ILE A 838 11.58 -16.81 -10.11
CA ILE A 838 12.82 -16.69 -10.86
C ILE A 838 12.65 -17.22 -12.27
N LEU A 839 11.93 -18.32 -12.42
CA LEU A 839 11.77 -18.92 -13.73
C LEU A 839 10.84 -18.12 -14.62
N CYS A 840 9.86 -17.43 -14.05
CA CYS A 840 8.89 -16.68 -14.82
C CYS A 840 9.20 -15.20 -14.90
N ALA A 841 10.32 -14.75 -14.34
CA ALA A 841 10.82 -13.40 -14.58
C ALA A 841 11.79 -13.35 -15.75
N CYS A 842 12.29 -14.50 -16.20
CA CYS A 842 13.12 -14.57 -17.39
C CYS A 842 12.31 -14.79 -18.65
N VAL A 843 11.12 -15.37 -18.55
CA VAL A 843 10.30 -15.65 -19.72
C VAL A 843 9.51 -14.41 -20.13
N PHE A 844 8.97 -13.68 -19.16
CA PHE A 844 8.18 -12.48 -19.41
C PHE A 844 9.02 -11.25 -19.10
N VAL A 845 9.02 -10.29 -20.02
CA VAL A 845 9.72 -9.02 -19.83
C VAL A 845 8.74 -7.89 -20.11
N ASP A 846 8.99 -6.74 -19.49
CA ASP A 846 8.04 -5.63 -19.49
C ASP A 846 8.29 -4.61 -20.59
N ASP A 847 9.20 -4.90 -21.53
CA ASP A 847 9.46 -3.98 -22.63
C ASP A 847 9.99 -4.77 -23.82
N LEU A 848 9.83 -4.18 -25.00
CA LEU A 848 10.26 -4.85 -26.22
C LEU A 848 11.78 -4.92 -26.32
N ASP A 849 12.48 -3.92 -25.77
CA ASP A 849 13.94 -3.95 -25.83
C ASP A 849 14.50 -5.14 -25.06
N LYS A 850 13.96 -5.42 -23.88
CA LYS A 850 14.45 -6.53 -23.07
C LYS A 850 14.26 -7.87 -23.73
N THR A 851 13.33 -7.99 -24.69
CA THR A 851 13.15 -9.24 -25.42
C THR A 851 14.38 -9.61 -26.23
N GLU A 852 15.23 -8.64 -26.56
CA GLU A 852 16.50 -8.92 -27.24
C GLU A 852 17.51 -9.31 -26.17
N SER A 853 17.78 -10.62 -26.06
CA SER A 853 18.54 -11.12 -24.92
C SER A 853 19.93 -10.51 -24.86
N VAL A 854 20.61 -10.41 -26.00
CA VAL A 854 22.02 -10.00 -26.00
C VAL A 854 22.19 -8.62 -25.36
N ALA A 855 21.20 -7.76 -25.49
CA ALA A 855 21.33 -6.38 -25.04
C ALA A 855 21.21 -6.22 -23.52
N VAL A 856 20.64 -7.19 -22.82
CA VAL A 856 20.35 -7.06 -21.41
C VAL A 856 21.05 -8.15 -20.62
N MET A 857 22.22 -8.58 -21.10
CA MET A 857 22.94 -9.69 -20.47
C MET A 857 22.99 -9.56 -18.96
N GLU A 858 23.05 -8.33 -18.43
CA GLU A 858 23.20 -8.16 -16.99
C GLU A 858 21.97 -8.63 -16.22
N ARG A 859 20.81 -8.73 -16.88
CA ARG A 859 19.61 -9.16 -16.16
C ARG A 859 19.79 -10.57 -15.61
N TYR A 860 20.34 -11.48 -16.41
CA TYR A 860 20.49 -12.85 -15.94
C TYR A 860 21.63 -12.99 -14.94
N ILE A 861 22.68 -12.15 -15.07
CA ILE A 861 23.73 -12.18 -14.06
C ILE A 861 23.21 -11.70 -12.72
N ALA A 862 22.30 -10.73 -12.72
CA ALA A 862 21.71 -10.27 -11.47
C ALA A 862 20.64 -11.24 -10.95
N LEU A 863 19.97 -11.97 -11.84
CA LEU A 863 18.98 -12.95 -11.39
C LEU A 863 19.62 -14.21 -10.85
N ALA A 864 20.77 -14.63 -11.40
CA ALA A 864 21.43 -15.84 -10.93
C ALA A 864 22.16 -15.64 -9.62
N ILE A 865 22.43 -14.39 -9.22
CA ILE A 865 23.01 -14.14 -7.92
C ILE A 865 22.03 -14.47 -6.81
N ASP A 866 20.74 -14.18 -7.03
CA ASP A 866 19.72 -14.35 -6.01
C ASP A 866 19.13 -15.76 -6.01
N ALA A 867 19.32 -16.53 -7.07
CA ALA A 867 18.78 -17.88 -7.16
C ALA A 867 19.81 -18.95 -6.88
N TYR A 868 21.01 -18.57 -6.45
CA TYR A 868 22.04 -19.57 -6.15
C TYR A 868 21.63 -20.54 -5.06
N PRO A 869 21.12 -20.10 -3.90
CA PRO A 869 20.89 -21.06 -2.81
C PRO A 869 19.99 -22.22 -3.19
N LEU A 870 19.35 -22.19 -4.36
CA LEU A 870 18.58 -23.34 -4.83
C LEU A 870 19.45 -24.52 -5.18
N VAL A 871 20.77 -24.35 -5.25
CA VAL A 871 21.66 -25.48 -5.52
C VAL A 871 21.65 -26.45 -4.36
N HIS A 872 21.63 -25.94 -3.13
CA HIS A 872 21.62 -26.81 -1.96
C HIS A 872 20.29 -27.50 -1.74
N HIS A 873 19.22 -27.02 -2.38
CA HIS A 873 17.89 -27.55 -2.11
C HIS A 873 17.81 -29.03 -2.44
N GLU A 874 17.13 -29.78 -1.57
CA GLU A 874 17.05 -31.24 -1.75
C GLU A 874 16.29 -31.60 -3.02
N ASN A 875 15.17 -30.94 -3.27
CA ASN A 875 14.34 -31.28 -4.42
C ASN A 875 15.15 -31.14 -5.71
N GLU A 876 15.33 -32.25 -6.42
CA GLU A 876 16.21 -32.27 -7.58
C GLU A 876 15.73 -31.35 -8.69
N GLU A 877 14.46 -30.94 -8.67
CA GLU A 877 13.91 -30.13 -9.74
C GLU A 877 14.21 -28.64 -9.60
N TYR A 878 14.87 -28.23 -8.51
CA TYR A 878 15.20 -26.82 -8.31
C TYR A 878 16.61 -26.46 -8.74
N LYS A 879 17.53 -27.42 -8.81
CA LYS A 879 18.89 -27.10 -9.23
C LYS A 879 18.95 -26.68 -10.70
N LYS A 880 18.08 -27.24 -11.53
CA LYS A 880 18.01 -26.80 -12.92
C LYS A 880 17.72 -25.32 -13.00
N VAL A 881 16.90 -24.78 -12.09
CA VAL A 881 16.54 -23.37 -12.13
C VAL A 881 17.76 -22.48 -12.07
N PHE A 882 18.90 -23.00 -11.62
CA PHE A 882 20.16 -22.25 -11.55
C PHE A 882 21.14 -22.66 -12.63
N PHE A 883 21.31 -23.97 -12.86
CA PHE A 883 22.25 -24.39 -13.88
C PHE A 883 21.81 -23.94 -15.27
N VAL A 884 20.50 -23.85 -15.51
CA VAL A 884 20.01 -23.34 -16.79
C VAL A 884 20.41 -21.88 -16.97
N LEU A 885 20.29 -21.07 -15.91
CA LEU A 885 20.70 -19.67 -16.03
C LEU A 885 22.19 -19.56 -16.31
N LEU A 886 23.00 -20.39 -15.65
CA LEU A 886 24.44 -20.38 -15.94
C LEU A 886 24.70 -20.71 -17.41
N SER A 887 24.10 -21.79 -17.90
CA SER A 887 24.31 -22.15 -19.29
C SER A 887 23.80 -21.06 -20.23
N TYR A 888 22.72 -20.37 -19.86
CA TYR A 888 22.19 -19.33 -20.72
C TYR A 888 23.13 -18.13 -20.80
N ILE A 889 23.75 -17.77 -19.67
CA ILE A 889 24.73 -16.68 -19.71
C ILE A 889 25.91 -17.07 -20.58
N ARG A 890 26.37 -18.33 -20.46
CA ARG A 890 27.43 -18.79 -21.33
C ARG A 890 27.02 -18.68 -22.80
N LYS A 891 25.79 -19.10 -23.12
CA LYS A 891 25.33 -19.04 -24.49
C LYS A 891 25.27 -17.60 -24.99
N LEU A 892 24.82 -16.67 -24.14
CA LEU A 892 24.75 -15.28 -24.54
C LEU A 892 26.14 -14.74 -24.87
N TYR A 893 27.12 -15.03 -24.01
CA TYR A 893 28.47 -14.54 -24.27
C TYR A 893 29.03 -15.14 -25.56
N GLN A 894 28.84 -16.45 -25.76
CA GLN A 894 29.34 -17.07 -26.98
C GLN A 894 28.68 -16.47 -28.21
N GLU A 895 27.37 -16.27 -28.16
CA GLU A 895 26.64 -15.71 -29.29
C GLU A 895 27.11 -14.29 -29.59
N LEU A 896 27.29 -13.47 -28.55
CA LEU A 896 27.76 -12.11 -28.78
C LEU A 896 29.14 -12.12 -29.41
N SER A 897 30.04 -12.96 -28.91
CA SER A 897 31.39 -13.01 -29.48
C SER A 897 31.36 -13.44 -30.94
N GLN A 898 30.56 -14.46 -31.26
CA GLN A 898 30.49 -14.93 -32.64
C GLN A 898 29.85 -13.88 -33.55
N ASN A 899 28.79 -13.22 -33.08
CA ASN A 899 28.05 -12.27 -33.90
C ASN A 899 28.86 -11.01 -34.14
N MET A 900 29.66 -10.58 -33.17
CA MET A 900 30.43 -9.36 -33.31
C MET A 900 31.50 -9.46 -34.38
N LEU A 901 31.80 -10.67 -34.86
CA LEU A 901 32.79 -10.83 -35.92
C LEU A 901 32.34 -10.19 -37.22
N MET A 902 31.03 -9.98 -37.40
CA MET A 902 30.54 -9.34 -38.61
C MET A 902 31.05 -7.91 -38.75
N ASP A 903 31.45 -7.28 -37.64
CA ASP A 903 32.05 -5.95 -37.66
C ASP A 903 33.57 -6.02 -37.81
N TYR A 904 34.13 -7.22 -38.03
CA TYR A 904 35.57 -7.39 -38.20
C TYR A 904 36.33 -7.08 -36.92
N SER A 905 35.91 -7.73 -35.83
CA SER A 905 36.56 -7.54 -34.53
C SER A 905 36.46 -8.84 -33.75
N PHE A 906 37.36 -8.98 -32.77
CA PHE A 906 37.39 -10.12 -31.87
C PHE A 906 37.29 -9.66 -30.43
N VAL A 907 36.34 -10.24 -29.70
CA VAL A 907 36.12 -9.90 -28.30
C VAL A 907 36.77 -10.93 -27.37
N MET A 908 37.69 -11.74 -27.91
CA MET A 908 38.20 -12.90 -27.17
C MET A 908 38.71 -12.52 -25.78
N ASP A 909 39.34 -11.33 -25.67
CA ASP A 909 39.91 -10.94 -24.38
C ASP A 909 38.82 -10.86 -23.30
N ILE A 910 37.77 -10.08 -23.57
CA ILE A 910 36.68 -9.95 -22.60
C ILE A 910 35.92 -11.26 -22.48
N ASP A 911 35.73 -11.96 -23.59
CA ASP A 911 35.03 -13.24 -23.58
C ASP A 911 35.65 -14.19 -22.57
N LYS A 912 36.91 -14.56 -22.78
CA LYS A 912 37.60 -15.42 -21.85
C LYS A 912 37.89 -14.74 -20.52
N GLY A 913 37.70 -13.42 -20.43
CA GLY A 913 37.87 -12.72 -19.18
C GLY A 913 36.58 -12.60 -18.39
N SER A 914 35.65 -13.52 -18.61
CA SER A 914 34.36 -13.53 -17.94
C SER A 914 34.29 -14.70 -16.98
N LYS A 915 34.06 -14.42 -15.71
CA LYS A 915 33.90 -15.41 -14.66
C LYS A 915 32.44 -15.63 -14.29
N PHE A 916 31.51 -15.06 -15.06
CA PHE A 916 30.11 -15.01 -14.64
C PHE A 916 29.37 -16.31 -14.93
N TRP A 917 29.79 -17.08 -15.93
CA TRP A 917 29.14 -18.34 -16.24
C TRP A 917 29.76 -19.52 -15.49
N GLU A 918 30.44 -19.25 -14.38
CA GLU A 918 30.98 -20.28 -13.50
C GLU A 918 30.35 -20.15 -12.12
N GLN A 919 30.51 -21.19 -11.32
CA GLN A 919 29.87 -21.23 -10.00
C GLN A 919 30.68 -20.53 -8.91
N GLU A 920 31.90 -20.12 -9.21
CA GLU A 920 32.74 -19.55 -8.16
C GLU A 920 32.32 -18.12 -7.80
N PHE A 921 31.90 -17.34 -8.79
CA PHE A 921 31.56 -15.94 -8.53
C PHE A 921 30.37 -15.82 -7.60
N TYR A 922 29.32 -16.60 -7.85
CA TYR A 922 28.11 -16.49 -7.03
C TYR A 922 28.27 -17.17 -5.68
N GLU A 923 29.01 -18.28 -5.63
CA GLU A 923 29.14 -19.03 -4.39
C GLU A 923 29.78 -18.21 -3.27
N ASN A 924 30.48 -17.14 -3.61
CA ASN A 924 31.15 -16.30 -2.62
C ASN A 924 30.27 -15.16 -2.14
N MET A 925 29.02 -15.09 -2.58
CA MET A 925 28.11 -14.04 -2.15
C MET A 925 27.29 -14.42 -0.93
N TYR A 926 27.42 -15.65 -0.43
CA TYR A 926 26.72 -16.11 0.75
C TYR A 926 27.70 -16.70 1.74
N ARG A 927 28.82 -16.01 1.96
CA ARG A 927 29.86 -16.46 2.87
C ARG A 927 30.33 -15.27 3.69
N ALA A 928 30.48 -15.48 5.00
CA ALA A 928 30.84 -14.37 5.87
C ALA A 928 32.22 -13.84 5.50
N PRO A 929 32.41 -12.52 5.46
CA PRO A 929 33.71 -11.97 5.09
C PRO A 929 34.78 -12.34 6.11
N THR A 930 36.00 -12.49 5.61
CA THR A 930 37.13 -12.87 6.46
C THR A 930 37.32 -11.89 7.61
N PHE B 1 54.38 19.73 -23.52
CA PHE B 1 55.55 19.32 -22.70
C PHE B 1 56.65 20.39 -22.74
N SER B 2 56.81 21.01 -23.89
CA SER B 2 57.81 22.06 -24.08
C SER B 2 57.27 23.44 -23.73
N HIS B 3 55.98 23.57 -23.42
CA HIS B 3 55.41 24.88 -23.09
C HIS B 3 56.04 25.46 -21.84
N ILE B 4 56.28 24.62 -20.83
CA ILE B 4 56.79 25.16 -19.56
C ILE B 4 58.19 25.73 -19.79
N PRO B 5 58.55 26.85 -19.16
CA PRO B 5 59.90 27.39 -19.39
C PRO B 5 61.02 26.45 -19.00
N SER B 6 60.81 25.61 -17.98
CA SER B 6 61.89 24.74 -17.51
C SER B 6 62.38 23.78 -18.58
N TYR B 7 61.55 23.48 -19.59
CA TYR B 7 62.00 22.61 -20.67
C TYR B 7 63.15 23.25 -21.44
N ALA B 8 63.08 24.55 -21.67
CA ALA B 8 64.16 25.23 -22.37
C ALA B 8 65.47 25.14 -21.58
N GLU B 9 65.40 25.35 -20.26
CA GLU B 9 66.59 25.23 -19.43
C GLU B 9 67.12 23.80 -19.44
N TYR B 10 66.23 22.81 -19.42
CA TYR B 10 66.66 21.42 -19.48
C TYR B 10 67.38 21.12 -20.79
N GLU B 11 66.83 21.62 -21.90
CA GLU B 11 67.49 21.43 -23.20
C GLU B 11 68.84 22.12 -23.24
N ARG B 12 68.93 23.33 -22.68
CA ARG B 12 70.20 24.04 -22.64
C ARG B 12 71.23 23.27 -21.83
N ALA B 13 70.81 22.73 -20.68
CA ALA B 13 71.72 21.92 -19.87
C ALA B 13 72.17 20.67 -20.62
N LYS B 14 71.23 20.02 -21.32
CA LYS B 14 71.59 18.86 -22.12
C LYS B 14 72.66 19.21 -23.15
N SER B 15 72.43 20.31 -23.88
CA SER B 15 73.39 20.72 -24.92
C SER B 15 74.74 21.06 -24.30
N ILE B 16 74.74 21.77 -23.18
CA ILE B 16 76.00 22.15 -22.54
C ILE B 16 76.77 20.91 -22.10
N TYR B 17 76.07 19.96 -21.48
CA TYR B 17 76.72 18.73 -21.04
C TYR B 17 77.27 17.96 -22.22
N GLU B 18 76.48 17.83 -23.29
CA GLU B 18 76.94 17.08 -24.46
C GLU B 18 78.16 17.73 -25.09
N LYS B 19 78.20 19.06 -25.13
CA LYS B 19 79.35 19.74 -25.72
C LYS B 19 80.57 19.62 -24.83
N VAL B 20 80.42 19.80 -23.52
CA VAL B 20 81.57 19.81 -22.63
C VAL B 20 82.17 18.41 -22.50
N LEU B 21 81.33 17.38 -22.42
CA LEU B 21 81.87 16.03 -22.26
C LEU B 21 82.72 15.62 -23.46
N ALA B 22 82.43 16.19 -24.63
CA ALA B 22 83.23 15.92 -25.82
C ALA B 22 84.42 16.85 -25.94
N ASP B 23 84.30 18.10 -25.47
CA ASP B 23 85.41 19.03 -25.58
C ASP B 23 86.49 18.73 -24.56
N SER B 24 86.14 18.14 -23.42
CA SER B 24 87.10 17.87 -22.36
C SER B 24 87.89 16.59 -22.58
N LYS B 25 87.62 15.84 -23.64
CA LYS B 25 88.34 14.60 -23.89
C LYS B 25 89.81 14.82 -24.23
N ASN B 26 90.20 16.06 -24.52
CA ASN B 26 91.60 16.33 -24.84
C ASN B 26 92.51 15.98 -23.66
N GLY B 27 92.09 16.32 -22.44
CA GLY B 27 92.84 16.02 -21.24
C GLY B 27 92.57 14.66 -20.65
N GLY B 28 91.80 13.82 -21.32
CA GLY B 28 91.48 12.49 -20.83
C GLY B 28 90.09 12.42 -20.24
N VAL B 29 89.91 11.43 -19.37
CA VAL B 29 88.61 11.23 -18.73
C VAL B 29 88.26 12.44 -17.87
N THR B 30 89.21 12.91 -17.07
CA THR B 30 89.01 14.06 -16.19
C THR B 30 87.75 13.87 -15.34
N GLN B 31 87.79 12.82 -14.50
CA GLN B 31 86.63 12.47 -13.70
C GLN B 31 86.21 13.62 -12.80
N GLN B 32 87.15 14.49 -12.41
CA GLN B 32 86.82 15.57 -11.48
C GLN B 32 85.76 16.49 -12.07
N GLU B 33 85.89 16.86 -13.34
CA GLU B 33 84.91 17.71 -14.00
C GLU B 33 83.77 16.90 -14.60
N LEU B 34 84.02 15.65 -14.98
CA LEU B 34 82.94 14.81 -15.48
C LEU B 34 81.87 14.59 -14.42
N ALA B 35 82.29 14.37 -13.17
CA ALA B 35 81.32 14.22 -12.09
C ALA B 35 80.53 15.51 -11.87
N ALA B 36 81.19 16.65 -11.97
CA ALA B 36 80.47 17.92 -11.82
C ALA B 36 79.45 18.11 -12.92
N TYR B 37 79.82 17.79 -14.17
CA TYR B 37 78.86 17.87 -15.26
C TYR B 37 77.69 16.92 -15.05
N ARG B 38 77.98 15.70 -14.61
CA ARG B 38 76.92 14.74 -14.33
C ARG B 38 75.96 15.27 -13.28
N LYS B 39 76.51 15.82 -12.20
CA LYS B 39 75.68 16.35 -11.12
C LYS B 39 74.84 17.54 -11.60
N ALA B 40 75.42 18.41 -12.40
CA ALA B 40 74.67 19.55 -12.93
C ALA B 40 73.51 19.08 -13.80
N ALA B 41 73.78 18.13 -14.69
CA ALA B 41 72.72 17.60 -15.54
C ALA B 41 71.64 16.91 -14.71
N ASN B 42 72.05 16.18 -13.67
CA ASN B 42 71.10 15.49 -12.82
C ASN B 42 70.20 16.49 -12.10
N ILE B 43 70.79 17.56 -11.56
CA ILE B 43 70.00 18.58 -10.88
C ILE B 43 69.05 19.25 -11.84
N ALA B 44 69.52 19.54 -13.07
CA ALA B 44 68.66 20.16 -14.06
C ALA B 44 67.46 19.26 -14.38
N LYS B 45 67.72 17.96 -14.57
CA LYS B 45 66.63 17.04 -14.88
C LYS B 45 65.64 16.95 -13.72
N SER B 46 66.15 16.89 -12.49
CA SER B 46 65.26 16.81 -11.33
C SER B 46 64.39 18.06 -11.23
N VAL B 47 64.99 19.24 -11.40
CA VAL B 47 64.21 20.48 -11.33
C VAL B 47 63.17 20.51 -12.43
N PHE B 48 63.55 20.12 -13.65
CA PHE B 48 62.59 20.11 -14.75
C PHE B 48 61.43 19.17 -14.46
N ASP B 49 61.72 17.98 -13.95
CA ASP B 49 60.66 17.02 -13.65
C ASP B 49 59.73 17.57 -12.56
N ARG B 50 60.30 18.16 -11.51
CA ARG B 50 59.48 18.69 -10.44
C ARG B 50 58.58 19.81 -10.94
N ASP B 51 59.14 20.73 -11.74
CA ASP B 51 58.32 21.82 -12.28
C ASP B 51 57.23 21.29 -13.20
N LEU B 52 57.56 20.30 -14.04
CA LEU B 52 56.56 19.72 -14.92
C LEU B 52 55.43 19.09 -14.13
N ALA B 53 55.77 18.34 -13.07
CA ALA B 53 54.74 17.72 -12.23
C ALA B 53 53.86 18.79 -11.57
N VAL B 54 54.48 19.85 -11.04
CA VAL B 54 53.71 20.90 -10.39
C VAL B 54 52.75 21.55 -11.37
N GLN B 55 53.24 21.86 -12.58
CA GLN B 55 52.38 22.50 -13.56
C GLN B 55 51.26 21.57 -14.00
N LYS B 56 51.56 20.29 -14.20
CA LYS B 56 50.51 19.34 -14.58
C LYS B 56 49.45 19.25 -13.49
N LYS B 57 49.86 19.22 -12.23
CA LYS B 57 48.89 19.17 -11.14
C LYS B 57 48.05 20.44 -11.11
N LEU B 58 48.66 21.60 -11.32
CA LEU B 58 47.93 22.86 -11.29
C LEU B 58 47.06 23.05 -12.52
N ASP B 59 47.27 22.28 -13.58
CA ASP B 59 46.49 22.46 -14.81
C ASP B 59 45.01 22.21 -14.57
N SER B 60 44.66 21.17 -13.80
CA SER B 60 43.26 20.76 -13.70
C SER B 60 42.37 21.82 -13.06
N MET B 61 42.95 22.79 -12.34
CA MET B 61 42.14 23.80 -11.69
C MET B 61 41.39 24.65 -12.71
N ALA B 62 42.04 24.99 -13.83
CA ALA B 62 41.37 25.77 -14.86
C ALA B 62 40.17 25.03 -15.42
N GLU B 63 40.33 23.74 -15.72
CA GLU B 63 39.22 22.95 -16.23
C GLU B 63 38.10 22.87 -15.22
N ARG B 64 38.43 22.66 -13.94
CA ARG B 64 37.40 22.60 -12.91
C ARG B 64 36.64 23.92 -12.82
N ALA B 65 37.35 25.04 -12.87
CA ALA B 65 36.69 26.35 -12.80
C ALA B 65 35.79 26.57 -14.02
N MET B 66 36.26 26.20 -15.20
CA MET B 66 35.43 26.35 -16.40
C MET B 66 34.17 25.51 -16.31
N THR B 67 34.30 24.26 -15.84
CA THR B 67 33.12 23.43 -15.67
C THR B 67 32.16 24.05 -14.66
N THR B 68 32.69 24.57 -13.55
CA THR B 68 31.85 25.17 -12.53
C THR B 68 31.07 26.36 -13.08
N MET B 69 31.75 27.25 -13.80
CA MET B 69 31.07 28.42 -14.32
C MET B 69 30.05 28.04 -15.39
N TYR B 70 30.38 27.06 -16.23
CA TYR B 70 29.40 26.60 -17.21
C TYR B 70 28.17 26.03 -16.54
N LYS B 71 28.36 25.22 -15.48
CA LYS B 71 27.21 24.67 -14.77
C LYS B 71 26.38 25.77 -14.13
N GLU B 72 27.04 26.79 -13.57
CA GLU B 72 26.29 27.90 -12.98
C GLU B 72 25.46 28.61 -14.04
N ALA B 73 26.03 28.86 -15.22
CA ALA B 73 25.29 29.52 -16.28
C ALA B 73 24.08 28.69 -16.71
N ARG B 74 24.27 27.39 -16.89
CA ARG B 74 23.15 26.54 -17.29
C ARG B 74 22.06 26.51 -16.23
N VAL B 75 22.44 26.42 -14.95
CA VAL B 75 21.41 26.34 -13.92
C VAL B 75 20.64 27.65 -13.83
N THR B 76 21.31 28.79 -13.98
CA THR B 76 20.57 30.05 -13.95
C THR B 76 19.65 30.18 -15.15
N ASP B 77 20.09 29.71 -16.32
CA ASP B 77 19.20 29.74 -17.49
C ASP B 77 17.96 28.88 -17.26
N ARG B 78 18.16 27.67 -16.72
CA ARG B 78 17.02 26.80 -16.44
C ARG B 78 16.09 27.42 -15.41
N ARG B 79 16.66 28.07 -14.40
CA ARG B 79 15.83 28.76 -13.41
C ARG B 79 14.99 29.85 -14.05
N ALA B 80 15.59 30.63 -14.96
CA ALA B 80 14.82 31.67 -15.64
C ALA B 80 13.68 31.08 -16.44
N LYS B 81 13.95 30.00 -17.18
CA LYS B 81 12.90 29.37 -17.98
C LYS B 81 11.79 28.84 -17.08
N LEU B 82 12.15 28.19 -15.97
CA LEU B 82 11.13 27.65 -15.08
C LEU B 82 10.30 28.76 -14.46
N VAL B 83 10.92 29.87 -14.08
CA VAL B 83 10.17 30.97 -13.50
C VAL B 83 9.19 31.53 -14.52
N SER B 84 9.62 31.68 -15.77
CA SER B 84 8.70 32.17 -16.79
C SER B 84 7.53 31.23 -16.97
N SER B 85 7.79 29.91 -17.00
CA SER B 85 6.70 28.95 -17.18
C SER B 85 5.73 28.99 -16.01
N LEU B 86 6.25 29.05 -14.77
CA LEU B 86 5.37 29.10 -13.61
C LEU B 86 4.53 30.38 -13.62
N HIS B 87 5.15 31.51 -13.97
CA HIS B 87 4.39 32.75 -14.04
C HIS B 87 3.27 32.66 -15.07
N ALA B 88 3.58 32.10 -16.25
CA ALA B 88 2.55 31.95 -17.27
C ALA B 88 1.42 31.05 -16.80
N LEU B 89 1.75 29.94 -16.14
CA LEU B 89 0.70 29.04 -15.65
C LEU B 89 -0.17 29.73 -14.61
N LEU B 90 0.44 30.45 -13.67
CA LEU B 90 -0.34 31.12 -12.65
C LEU B 90 -1.26 32.18 -13.24
N PHE B 91 -0.73 33.01 -14.14
CA PHE B 91 -1.56 34.04 -14.76
C PHE B 91 -2.56 33.48 -15.74
N SER B 92 -2.39 32.24 -16.19
CA SER B 92 -3.41 31.60 -17.02
C SER B 92 -4.55 31.03 -16.19
N MET B 93 -4.22 30.41 -15.05
CA MET B 93 -5.27 29.86 -14.20
C MET B 93 -5.97 30.94 -13.38
N LEU B 94 -5.36 32.11 -13.21
CA LEU B 94 -5.98 33.20 -12.47
C LEU B 94 -6.87 34.07 -13.34
N LYS B 95 -6.93 33.82 -14.64
CA LYS B 95 -7.68 34.67 -15.56
C LYS B 95 -9.17 34.36 -15.59
N LYS B 96 -9.61 33.23 -15.06
CA LYS B 96 -10.99 32.78 -15.16
C LYS B 96 -11.64 32.71 -13.78
N ILE B 97 -11.42 33.73 -12.96
CA ILE B 97 -12.11 33.91 -11.68
C ILE B 97 -13.07 35.07 -11.85
N ASP B 98 -14.37 34.78 -11.85
CA ASP B 98 -15.38 35.82 -12.00
C ASP B 98 -15.48 36.62 -10.71
N SER B 99 -14.97 37.85 -10.73
CA SER B 99 -14.95 38.66 -9.51
C SER B 99 -16.35 38.89 -8.96
N GLU B 100 -17.37 38.89 -9.81
CA GLU B 100 -18.72 39.16 -9.36
C GLU B 100 -19.17 38.14 -8.33
N LYS B 101 -19.02 36.85 -8.65
CA LYS B 101 -19.45 35.80 -7.73
C LYS B 101 -18.58 35.79 -6.47
N LEU B 102 -17.28 36.05 -6.63
CA LEU B 102 -16.39 36.10 -5.47
C LEU B 102 -16.74 37.26 -4.54
N ASN B 103 -17.37 38.30 -5.07
CA ASN B 103 -17.76 39.44 -4.25
C ASN B 103 -18.99 39.15 -3.39
N VAL B 104 -19.76 38.11 -3.72
CA VAL B 104 -20.90 37.72 -2.91
C VAL B 104 -20.62 36.48 -2.07
N LEU B 105 -19.74 35.58 -2.52
CA LEU B 105 -19.44 34.40 -1.73
C LEU B 105 -18.83 34.77 -0.39
N PHE B 106 -17.91 35.73 -0.38
CA PHE B 106 -17.24 36.14 0.85
C PHE B 106 -18.07 37.12 1.67
N ASP B 107 -19.18 37.62 1.13
CA ASP B 107 -20.04 38.50 1.92
C ASP B 107 -20.70 37.75 3.05
N GLN B 108 -21.06 36.49 2.83
CA GLN B 108 -21.74 35.67 3.82
C GLN B 108 -20.80 34.85 4.68
N ALA B 109 -19.49 35.00 4.49
CA ALA B 109 -18.53 34.17 5.21
C ALA B 109 -18.42 34.60 6.67
N ASN B 110 -17.96 33.67 7.50
CA ASN B 110 -17.74 33.92 8.93
C ASN B 110 -16.43 34.68 9.07
N SER B 111 -16.49 36.00 8.92
CA SER B 111 -15.30 36.86 8.99
C SER B 111 -14.40 36.65 7.79
N GLY B 112 -14.99 36.51 6.61
CA GLY B 112 -14.22 36.42 5.38
C GLY B 112 -13.38 35.18 5.23
N VAL B 113 -13.88 34.03 5.68
CA VAL B 113 -13.22 32.75 5.49
C VAL B 113 -14.28 31.72 5.13
N VAL B 114 -14.01 30.94 4.09
CA VAL B 114 -14.92 29.88 3.66
C VAL B 114 -14.11 28.63 3.33
N PRO B 115 -14.46 27.46 3.84
CA PRO B 115 -13.67 26.27 3.53
C PRO B 115 -13.60 26.04 2.03
N LEU B 116 -12.44 25.59 1.57
CA LEU B 116 -12.21 25.46 0.14
C LEU B 116 -13.20 24.52 -0.52
N ALA B 117 -13.66 23.50 0.20
CA ALA B 117 -14.52 22.49 -0.39
C ALA B 117 -15.83 23.07 -0.91
N THR B 118 -16.22 24.26 -0.46
CA THR B 118 -17.50 24.86 -0.81
C THR B 118 -17.36 26.08 -1.70
N VAL B 119 -16.25 26.22 -2.41
CA VAL B 119 -16.12 27.29 -3.40
C VAL B 119 -16.83 26.87 -4.69
N PRO B 120 -16.52 25.71 -5.28
CA PRO B 120 -17.22 25.32 -6.51
C PRO B 120 -18.70 25.06 -6.30
N ILE B 121 -19.14 24.79 -5.07
CA ILE B 121 -20.55 24.49 -4.84
C ILE B 121 -21.38 25.76 -4.87
N VAL B 122 -20.77 26.91 -4.62
CA VAL B 122 -21.49 28.17 -4.59
C VAL B 122 -21.12 29.09 -5.74
N CYS B 123 -20.01 28.84 -6.45
CA CYS B 123 -19.58 29.68 -7.55
C CYS B 123 -19.77 29.06 -8.92
N SER B 124 -19.61 27.75 -9.05
CA SER B 124 -19.68 27.11 -10.35
C SER B 124 -21.10 27.15 -10.91
N ASN B 125 -21.19 26.88 -12.21
CA ASN B 125 -22.48 26.80 -12.90
C ASN B 125 -22.61 25.54 -13.76
N LYS B 126 -21.71 24.57 -13.61
CA LYS B 126 -21.78 23.34 -14.38
C LYS B 126 -21.36 22.19 -13.49
N LEU B 127 -22.12 21.10 -13.51
CA LEU B 127 -21.88 19.94 -12.68
C LEU B 127 -21.63 18.74 -13.58
N THR B 128 -20.43 18.19 -13.54
CA THR B 128 -20.07 17.01 -14.31
C THR B 128 -20.46 15.77 -13.50
N LEU B 129 -21.42 15.01 -14.03
CA LEU B 129 -21.98 13.86 -13.33
C LEU B 129 -21.60 12.59 -14.06
N VAL B 130 -21.23 11.56 -13.30
CA VAL B 130 -20.81 10.27 -13.85
C VAL B 130 -21.74 9.19 -13.31
N ILE B 131 -22.29 8.39 -14.21
CA ILE B 131 -23.27 7.37 -13.89
C ILE B 131 -22.73 6.03 -14.38
N PRO B 132 -22.52 5.04 -13.51
CA PRO B 132 -21.89 3.78 -13.93
C PRO B 132 -22.82 2.62 -14.26
N ASP B 133 -24.15 2.78 -14.21
CA ASP B 133 -25.02 1.63 -14.35
C ASP B 133 -26.45 2.07 -14.57
N PRO B 134 -27.26 1.34 -15.36
CA PRO B 134 -28.67 1.74 -15.51
C PRO B 134 -29.42 1.82 -14.19
N GLU B 135 -29.08 0.94 -13.24
CA GLU B 135 -29.75 0.99 -11.94
C GLU B 135 -29.53 2.33 -11.24
N THR B 136 -28.49 3.06 -11.59
CA THR B 136 -28.29 4.40 -11.07
C THR B 136 -28.87 5.47 -11.99
N TRP B 137 -28.83 5.26 -13.30
CA TRP B 137 -29.41 6.22 -14.23
C TRP B 137 -30.90 6.38 -13.99
N VAL B 138 -31.60 5.27 -13.75
CA VAL B 138 -33.04 5.34 -13.53
C VAL B 138 -33.35 6.10 -12.25
N LYS B 139 -32.51 5.94 -11.22
CA LYS B 139 -32.75 6.54 -9.92
C LYS B 139 -32.21 7.95 -9.79
N CYS B 140 -31.43 8.43 -10.76
CA CYS B 140 -30.80 9.74 -10.66
C CYS B 140 -31.25 10.71 -11.73
N VAL B 141 -31.27 10.29 -13.00
CA VAL B 141 -31.48 11.23 -14.09
C VAL B 141 -32.87 11.87 -13.99
N GLU B 142 -33.90 11.07 -13.78
CA GLU B 142 -35.26 11.58 -13.63
C GLU B 142 -35.65 12.39 -14.86
N GLY B 143 -35.74 11.67 -15.98
CA GLY B 143 -36.17 12.28 -17.23
C GLY B 143 -35.06 13.02 -17.94
N VAL B 144 -35.18 14.35 -17.98
CA VAL B 144 -34.16 15.20 -18.59
C VAL B 144 -33.53 16.17 -17.60
N HIS B 145 -34.17 16.45 -16.47
CA HIS B 145 -33.63 17.33 -15.45
C HIS B 145 -33.15 16.51 -14.27
N VAL B 146 -31.90 16.72 -13.85
CA VAL B 146 -31.33 16.05 -12.70
C VAL B 146 -31.39 17.00 -11.52
N THR B 147 -31.92 16.53 -10.39
CA THR B 147 -32.04 17.33 -9.19
C THR B 147 -31.05 16.78 -8.16
N TYR B 148 -30.02 17.57 -7.84
CA TYR B 148 -29.01 17.20 -6.87
C TYR B 148 -29.07 18.17 -5.70
N SER B 149 -29.17 17.63 -4.48
CA SER B 149 -29.30 18.45 -3.29
C SER B 149 -30.63 19.20 -3.32
N THR B 150 -30.59 20.50 -3.63
CA THR B 150 -31.79 21.33 -3.67
C THR B 150 -32.03 21.98 -5.01
N VAL B 151 -30.98 22.28 -5.77
CA VAL B 151 -31.11 22.98 -7.04
C VAL B 151 -31.62 22.00 -8.11
N VAL B 152 -32.06 22.54 -9.25
CA VAL B 152 -32.52 21.74 -10.38
C VAL B 152 -31.62 22.03 -11.56
N TRP B 153 -31.08 20.98 -12.16
CA TRP B 153 -30.13 21.11 -13.25
C TRP B 153 -30.77 20.73 -14.58
N ASN B 154 -30.08 21.07 -15.66
CA ASN B 154 -30.43 20.61 -17.00
C ASN B 154 -29.34 19.65 -17.49
N ILE B 155 -29.49 19.19 -18.73
CA ILE B 155 -28.53 18.29 -19.35
C ILE B 155 -28.09 18.90 -20.67
N ASP B 156 -26.78 18.95 -20.90
CA ASP B 156 -26.22 19.51 -22.12
C ASP B 156 -25.69 18.45 -23.08
N CYS B 157 -25.05 17.40 -22.56
CA CYS B 157 -24.58 16.32 -23.40
C CYS B 157 -24.39 15.08 -22.55
N VAL B 158 -24.35 13.92 -23.21
CA VAL B 158 -24.13 12.64 -22.56
C VAL B 158 -23.09 11.88 -23.38
N THR B 159 -21.93 11.63 -22.77
CA THR B 159 -20.80 11.01 -23.44
C THR B 159 -20.47 9.69 -22.77
N ASP B 160 -20.27 8.65 -23.57
CA ASP B 160 -19.97 7.32 -23.06
C ASP B 160 -18.45 7.12 -23.00
N ALA B 161 -18.05 5.91 -22.61
CA ALA B 161 -16.62 5.62 -22.46
C ALA B 161 -15.89 5.69 -23.79
N ASP B 162 -16.49 5.18 -24.85
CA ASP B 162 -15.83 5.19 -26.16
C ASP B 162 -15.50 6.60 -26.63
N GLY B 163 -16.20 7.60 -26.12
CA GLY B 163 -16.02 8.98 -26.56
C GLY B 163 -17.08 9.49 -27.50
N THR B 164 -18.08 8.67 -27.83
CA THR B 164 -19.15 9.09 -28.72
C THR B 164 -20.16 9.92 -27.92
N GLU B 165 -21.31 10.20 -28.52
CA GLU B 165 -22.34 11.04 -27.89
C GLU B 165 -23.70 10.39 -28.06
N LEU B 166 -24.45 10.28 -26.97
CA LEU B 166 -25.84 9.87 -27.04
C LEU B 166 -26.72 11.06 -27.42
N HIS B 167 -27.88 10.76 -27.98
CA HIS B 167 -28.81 11.79 -28.40
C HIS B 167 -30.21 11.50 -27.89
N PRO B 168 -31.01 12.53 -27.63
CA PRO B 168 -32.34 12.31 -27.09
C PRO B 168 -33.30 11.80 -28.15
N THR B 169 -34.37 11.15 -27.68
CA THR B 169 -35.44 10.66 -28.53
C THR B 169 -36.72 11.39 -28.15
N SER B 170 -37.25 12.19 -29.08
CA SER B 170 -38.45 12.95 -28.79
C SER B 170 -39.64 12.03 -28.59
N THR B 171 -40.52 12.40 -27.66
CA THR B 171 -41.74 11.67 -27.38
C THR B 171 -42.85 12.67 -27.12
N GLY B 172 -44.06 12.16 -26.86
CA GLY B 172 -45.19 13.04 -26.62
C GLY B 172 -44.98 13.94 -25.42
N SER B 173 -44.52 13.36 -24.32
CA SER B 173 -44.33 14.13 -23.09
C SER B 173 -43.07 14.99 -23.12
N GLY B 174 -42.09 14.63 -23.93
CA GLY B 174 -40.86 15.39 -23.99
C GLY B 174 -39.65 14.54 -24.31
N LEU B 175 -38.47 15.16 -24.36
CA LEU B 175 -37.26 14.45 -24.72
C LEU B 175 -36.90 13.41 -23.66
N THR B 176 -36.21 12.36 -24.10
CA THR B 176 -35.72 11.33 -23.20
C THR B 176 -34.44 10.74 -23.79
N TYR B 177 -33.65 10.11 -22.92
CA TYR B 177 -32.40 9.48 -23.32
C TYR B 177 -32.58 7.96 -23.28
N CYS B 178 -32.24 7.30 -24.37
CA CYS B 178 -32.42 5.86 -24.49
C CYS B 178 -31.32 5.13 -23.72
N ILE B 179 -31.72 4.36 -22.71
CA ILE B 179 -30.79 3.64 -21.84
C ILE B 179 -31.23 2.18 -21.79
N SER B 180 -30.30 1.33 -21.37
CA SER B 180 -30.47 -0.11 -21.20
C SER B 180 -30.29 -0.87 -22.51
N GLY B 181 -29.94 -0.21 -23.61
CA GLY B 181 -29.56 -0.93 -24.80
C GLY B 181 -28.22 -1.63 -24.63
N ASP B 182 -27.98 -2.63 -25.47
CA ASP B 182 -26.76 -3.41 -25.39
C ASP B 182 -25.59 -2.79 -26.14
N ASN B 183 -25.80 -1.63 -26.78
CA ASN B 183 -24.80 -1.03 -27.64
C ASN B 183 -24.20 0.25 -27.05
N ILE B 184 -24.39 0.50 -25.77
CA ILE B 184 -23.84 1.68 -25.10
C ILE B 184 -22.87 1.22 -24.04
N ALA B 185 -21.66 1.78 -24.06
CA ALA B 185 -20.59 1.39 -23.15
C ALA B 185 -20.58 2.34 -21.95
N TRP B 186 -20.80 1.79 -20.76
CA TRP B 186 -20.80 2.58 -19.54
C TRP B 186 -19.37 2.81 -19.07
N PRO B 187 -19.15 3.82 -18.21
CA PRO B 187 -20.11 4.76 -17.62
C PRO B 187 -20.52 5.87 -18.57
N LEU B 188 -21.52 6.66 -18.20
CA LEU B 188 -21.95 7.81 -19.00
C LEU B 188 -21.61 9.09 -18.22
N LYS B 189 -20.82 9.95 -18.83
CA LYS B 189 -20.41 11.21 -18.21
C LYS B 189 -21.35 12.31 -18.70
N VAL B 190 -22.21 12.79 -17.81
CA VAL B 190 -23.24 13.76 -18.15
C VAL B 190 -22.77 15.15 -17.72
N ASN B 191 -22.83 16.10 -18.65
CA ASN B 191 -22.48 17.49 -18.38
C ASN B 191 -23.76 18.29 -18.18
N LEU B 192 -24.05 18.65 -16.95
CA LEU B 192 -25.26 19.39 -16.62
C LEU B 192 -25.00 20.89 -16.74
N THR B 193 -25.96 21.70 -16.29
CA THR B 193 -25.79 23.15 -16.28
C THR B 193 -26.90 23.78 -15.47
N ARG B 194 -26.56 24.74 -14.60
CA ARG B 194 -27.53 25.28 -13.66
C ARG B 194 -28.65 26.00 -14.39
N ASN B 195 -29.82 26.04 -13.76
CA ASN B 195 -30.99 26.67 -14.35
C ASN B 195 -30.91 28.19 -14.22
N LYS C 1 2.17 -29.01 -21.54
CA LYS C 1 1.24 -28.55 -22.62
C LYS C 1 0.44 -27.35 -22.14
N LEU C 2 0.20 -27.28 -20.84
CA LEU C 2 -0.50 -26.11 -20.28
C LEU C 2 0.33 -24.86 -20.46
N SER C 3 1.64 -24.96 -20.25
CA SER C 3 2.51 -23.78 -20.40
C SER C 3 2.48 -23.25 -21.82
N ASP C 4 2.29 -24.12 -22.82
CA ASP C 4 2.21 -23.65 -24.20
C ASP C 4 1.04 -22.70 -24.38
N VAL C 5 -0.13 -23.06 -23.84
CA VAL C 5 -1.29 -22.18 -23.94
C VAL C 5 -1.09 -20.92 -23.11
N LYS C 6 -0.58 -21.07 -21.88
CA LYS C 6 -0.38 -19.92 -21.02
C LYS C 6 0.64 -18.94 -21.60
N CYS C 7 1.52 -19.40 -22.50
CA CYS C 7 2.48 -18.53 -23.15
C CYS C 7 2.01 -18.01 -24.50
N THR C 8 1.17 -18.75 -25.21
CA THR C 8 0.60 -18.24 -26.45
C THR C 8 -0.44 -17.16 -26.19
N THR C 9 -1.16 -17.25 -25.07
CA THR C 9 -2.20 -16.27 -24.80
C THR C 9 -1.61 -14.88 -24.59
N VAL C 10 -0.45 -14.77 -23.95
CA VAL C 10 0.14 -13.45 -23.72
C VAL C 10 0.53 -12.80 -25.04
N VAL C 11 1.14 -13.57 -25.96
CA VAL C 11 1.51 -12.98 -27.24
C VAL C 11 0.27 -12.63 -28.05
N LEU C 12 -0.78 -13.45 -27.96
CA LEU C 12 -2.02 -13.10 -28.66
C LEU C 12 -2.61 -11.81 -28.13
N MET C 13 -2.61 -11.64 -26.81
CA MET C 13 -3.13 -10.40 -26.23
C MET C 13 -2.26 -9.22 -26.64
N GLN C 14 -0.95 -9.41 -26.70
CA GLN C 14 -0.07 -8.32 -27.15
C GLN C 14 -0.41 -7.93 -28.59
N LEU C 15 -0.63 -8.92 -29.46
CA LEU C 15 -1.01 -8.62 -30.83
C LEU C 15 -2.32 -7.84 -30.89
N LEU C 16 -3.32 -8.29 -30.12
CA LEU C 16 -4.61 -7.61 -30.15
C LEU C 16 -4.48 -6.17 -29.65
N THR C 17 -3.70 -5.95 -28.60
CA THR C 17 -3.50 -4.59 -28.12
C THR C 17 -2.79 -3.74 -29.16
N LYS C 18 -1.79 -4.30 -29.84
CA LYS C 18 -1.12 -3.54 -30.89
C LYS C 18 -2.07 -3.20 -32.03
N LEU C 19 -3.08 -4.03 -32.26
CA LEU C 19 -4.07 -3.75 -33.30
C LEU C 19 -5.09 -2.70 -32.89
N ASN C 20 -4.87 -2.00 -31.78
CA ASN C 20 -5.74 -0.90 -31.35
C ASN C 20 -7.15 -1.41 -31.03
N VAL C 21 -7.21 -2.38 -30.11
CA VAL C 21 -8.49 -2.84 -29.57
C VAL C 21 -8.89 -2.05 -28.34
N GLU C 22 -7.97 -1.31 -27.73
CA GLU C 22 -8.30 -0.50 -26.56
C GLU C 22 -9.29 0.61 -26.87
N ALA C 23 -9.52 0.91 -28.16
CA ALA C 23 -10.49 1.94 -28.51
C ALA C 23 -11.90 1.57 -28.09
N ASN C 24 -12.25 0.29 -28.17
CA ASN C 24 -13.57 -0.19 -27.76
C ASN C 24 -13.52 -0.54 -26.27
N SER C 25 -14.41 0.06 -25.49
CA SER C 25 -14.46 -0.20 -24.07
C SER C 25 -15.29 -1.43 -23.71
N LYS C 26 -15.95 -2.06 -24.69
CA LYS C 26 -16.69 -3.29 -24.47
C LYS C 26 -15.90 -4.53 -24.88
N MET C 27 -15.34 -4.52 -26.10
CA MET C 27 -14.57 -5.68 -26.54
C MET C 27 -13.32 -5.86 -25.69
N HIS C 28 -12.69 -4.77 -25.28
CA HIS C 28 -11.47 -4.87 -24.51
C HIS C 28 -11.72 -5.57 -23.17
N ALA C 29 -12.83 -5.25 -22.51
CA ALA C 29 -13.11 -5.87 -21.21
C ALA C 29 -13.35 -7.36 -21.38
N TYR C 30 -14.09 -7.75 -22.41
CA TYR C 30 -14.33 -9.18 -22.66
C TYR C 30 -13.03 -9.92 -22.95
N LEU C 31 -12.16 -9.32 -23.77
CA LEU C 31 -10.88 -9.95 -24.07
C LEU C 31 -10.03 -10.08 -22.81
N VAL C 32 -10.01 -9.05 -21.97
CA VAL C 32 -9.22 -9.11 -20.74
C VAL C 32 -9.78 -10.19 -19.82
N GLU C 33 -11.11 -10.32 -19.75
CA GLU C 33 -11.71 -11.39 -18.95
C GLU C 33 -11.23 -12.75 -19.43
N LEU C 34 -11.29 -12.98 -20.74
CA LEU C 34 -10.86 -14.27 -21.27
C LEU C 34 -9.38 -14.51 -20.97
N HIS C 35 -8.54 -13.51 -21.17
CA HIS C 35 -7.12 -13.67 -20.96
C HIS C 35 -6.80 -13.97 -19.49
N ASN C 36 -7.45 -13.26 -18.57
CA ASN C 36 -7.22 -13.53 -17.15
C ASN C 36 -7.71 -14.91 -16.76
N LYS C 37 -8.85 -15.35 -17.30
CA LYS C 37 -9.35 -16.68 -16.99
C LYS C 37 -8.39 -17.75 -17.50
N ILE C 38 -7.83 -17.55 -18.70
CA ILE C 38 -6.86 -18.51 -19.22
C ILE C 38 -5.63 -18.56 -18.34
N LEU C 39 -5.12 -17.38 -17.95
CA LEU C 39 -3.90 -17.35 -17.15
C LEU C 39 -4.11 -17.99 -15.78
N ALA C 40 -5.25 -17.76 -15.15
CA ALA C 40 -5.46 -18.19 -13.77
C ALA C 40 -5.97 -19.62 -13.65
N SER C 41 -6.15 -20.33 -14.77
CA SER C 41 -6.70 -21.67 -14.73
C SER C 41 -5.60 -22.72 -14.69
N ASP C 42 -5.99 -23.96 -14.55
CA ASP C 42 -5.07 -25.09 -14.52
C ASP C 42 -5.45 -26.18 -15.51
N ASP C 43 -6.74 -26.45 -15.67
CA ASP C 43 -7.20 -27.50 -16.59
C ASP C 43 -7.08 -27.00 -18.02
N VAL C 44 -6.35 -27.75 -18.85
CA VAL C 44 -6.15 -27.34 -20.23
C VAL C 44 -7.45 -27.36 -21.02
N GLY C 45 -8.44 -28.12 -20.56
CA GLY C 45 -9.71 -28.18 -21.28
C GLY C 45 -10.38 -26.83 -21.36
N GLU C 46 -10.40 -26.08 -20.25
CA GLU C 46 -10.99 -24.75 -20.26
C GLU C 46 -10.07 -23.74 -20.95
N CYS C 47 -8.76 -23.89 -20.77
CA CYS C 47 -7.83 -22.94 -21.38
C CYS C 47 -7.91 -22.99 -22.90
N MET C 48 -8.03 -24.18 -23.47
CA MET C 48 -8.12 -24.29 -24.92
C MET C 48 -9.39 -23.62 -25.45
N ASP C 49 -10.52 -23.84 -24.78
CA ASP C 49 -11.77 -23.22 -25.23
C ASP C 49 -11.70 -21.71 -25.13
N ASN C 50 -11.14 -21.19 -24.02
CA ASN C 50 -11.04 -19.75 -23.87
C ASN C 50 -10.07 -19.16 -24.90
N LEU C 51 -8.98 -19.87 -25.21
CA LEU C 51 -8.07 -19.39 -26.24
C LEU C 51 -8.75 -19.36 -27.60
N LEU C 52 -9.57 -20.37 -27.90
CA LEU C 52 -10.33 -20.35 -29.16
C LEU C 52 -11.29 -19.18 -29.19
N GLY C 53 -11.94 -18.90 -28.06
CA GLY C 53 -12.82 -17.73 -27.99
C GLY C 53 -12.06 -16.45 -28.26
N MET C 54 -10.87 -16.30 -27.67
CA MET C 54 -10.06 -15.11 -27.94
C MET C 54 -9.69 -15.04 -29.41
N LEU C 55 -9.31 -16.17 -30.01
CA LEU C 55 -8.84 -16.17 -31.39
C LEU C 55 -9.97 -15.85 -32.36
N ILE C 56 -11.21 -16.19 -32.00
CA ILE C 56 -12.33 -15.85 -32.88
C ILE C 56 -12.41 -14.35 -33.11
N THR C 57 -11.98 -13.55 -32.13
CA THR C 57 -12.01 -12.11 -32.26
C THR C 57 -10.92 -11.58 -33.19
N LEU C 58 -9.82 -12.33 -33.34
CA LEU C 58 -8.70 -11.83 -34.14
C LEU C 58 -9.10 -11.59 -35.59
N PHE C 59 -9.87 -12.52 -36.17
CA PHE C 59 -10.27 -12.36 -37.57
C PHE C 59 -11.16 -11.14 -37.74
N CYS C 60 -12.03 -10.88 -36.77
CA CYS C 60 -12.95 -9.75 -36.90
C CYS C 60 -12.19 -8.42 -36.96
N ILE C 61 -11.20 -8.24 -36.11
CA ILE C 61 -10.49 -6.96 -36.05
C ILE C 61 -9.72 -6.72 -37.34
N ASP C 62 -8.97 -7.71 -37.79
CA ASP C 62 -8.11 -7.56 -38.97
C ASP C 62 -8.00 -8.91 -39.66
N SER C 63 -8.48 -8.98 -40.91
CA SER C 63 -8.40 -10.20 -41.71
C SER C 63 -6.94 -10.38 -42.15
N THR C 64 -6.16 -11.00 -41.27
CA THR C 64 -4.73 -11.18 -41.54
C THR C 64 -4.52 -11.96 -42.82
N ILE C 65 -3.63 -11.45 -43.68
CA ILE C 65 -3.33 -12.13 -44.93
C ILE C 65 -2.66 -13.46 -44.67
N ASP C 66 -1.97 -13.59 -43.54
CA ASP C 66 -1.27 -14.83 -43.21
C ASP C 66 -2.20 -15.97 -42.88
N LEU C 67 -3.52 -15.79 -42.99
CA LEU C 67 -4.46 -16.83 -42.62
C LEU C 67 -4.23 -18.10 -43.43
N GLY C 68 -3.74 -17.99 -44.66
CA GLY C 68 -3.52 -19.14 -45.51
C GLY C 68 -2.19 -19.83 -45.35
N GLU C 69 -1.29 -19.30 -44.52
CA GLU C 69 0.04 -19.88 -44.36
C GLU C 69 0.11 -20.94 -43.27
N TYR C 70 -0.63 -20.75 -42.18
CA TYR C 70 -0.56 -21.72 -41.08
C TYR C 70 -1.04 -23.09 -41.52
N CYS C 71 -1.95 -23.15 -42.50
CA CYS C 71 -2.51 -24.43 -42.91
C CYS C 71 -1.42 -25.40 -43.35
N ASP C 72 -0.44 -24.92 -44.12
CA ASP C 72 0.65 -25.76 -44.58
C ASP C 72 1.84 -25.68 -43.63
N PHE D 1 48.82 -6.05 -32.02
CA PHE D 1 50.10 -6.77 -32.18
C PHE D 1 51.30 -5.85 -31.93
N SER D 2 51.03 -4.54 -31.89
CA SER D 2 52.10 -3.58 -31.67
C SER D 2 52.71 -3.69 -30.27
N HIS D 3 52.03 -4.36 -29.33
CA HIS D 3 52.58 -4.52 -28.00
C HIS D 3 53.52 -5.71 -27.92
N ILE D 4 53.35 -6.71 -28.79
CA ILE D 4 54.19 -7.90 -28.72
C ILE D 4 55.67 -7.54 -28.87
N PRO D 5 56.07 -6.66 -29.79
CA PRO D 5 57.52 -6.36 -29.91
C PRO D 5 58.16 -5.92 -28.61
N SER D 6 57.46 -5.15 -27.77
CA SER D 6 58.01 -4.78 -26.48
C SER D 6 58.27 -6.02 -25.63
N TYR D 7 57.35 -6.99 -25.66
CA TYR D 7 57.57 -8.25 -24.97
C TYR D 7 58.80 -8.96 -25.53
N ALA D 8 58.98 -8.93 -26.84
CA ALA D 8 60.14 -9.58 -27.46
C ALA D 8 61.44 -8.94 -26.99
N GLU D 9 61.49 -7.60 -26.96
CA GLU D 9 62.69 -6.93 -26.49
C GLU D 9 62.95 -7.21 -25.01
N TYR D 10 61.89 -7.23 -24.19
CA TYR D 10 62.07 -7.56 -22.78
C TYR D 10 62.62 -8.96 -22.60
N GLU D 11 62.08 -9.93 -23.36
CA GLU D 11 62.57 -11.30 -23.27
C GLU D 11 64.02 -11.38 -23.75
N ARG D 12 64.36 -10.66 -24.81
CA ARG D 12 65.75 -10.65 -25.28
C ARG D 12 66.69 -10.11 -24.23
N ALA D 13 66.31 -9.00 -23.58
CA ALA D 13 67.13 -8.43 -22.53
C ALA D 13 67.29 -9.40 -21.36
N LYS D 14 66.18 -10.04 -20.96
CA LYS D 14 66.26 -11.00 -19.86
C LYS D 14 67.16 -12.17 -20.21
N SER D 15 67.06 -12.67 -21.44
CA SER D 15 67.91 -13.78 -21.86
C SER D 15 69.38 -13.38 -21.88
N ILE D 16 69.67 -12.17 -22.36
CA ILE D 16 71.05 -11.69 -22.37
C ILE D 16 71.58 -11.58 -20.95
N TYR D 17 70.76 -11.04 -20.05
CA TYR D 17 71.16 -10.95 -18.65
C TYR D 17 71.44 -12.31 -18.06
N GLU D 18 70.56 -13.29 -18.33
CA GLU D 18 70.78 -14.64 -17.84
C GLU D 18 72.07 -15.21 -18.39
N LYS D 19 72.33 -15.04 -19.68
CA LYS D 19 73.54 -15.58 -20.29
C LYS D 19 74.78 -14.96 -19.67
N VAL D 20 74.79 -13.64 -19.50
CA VAL D 20 75.98 -12.97 -18.97
C VAL D 20 76.20 -13.34 -17.51
N LEU D 21 75.12 -13.45 -16.73
CA LEU D 21 75.30 -13.81 -15.32
C LEU D 21 75.72 -15.26 -15.16
N ALA D 22 75.25 -16.15 -16.04
CA ALA D 22 75.68 -17.55 -15.96
C ALA D 22 77.12 -17.71 -16.40
N ASP D 23 77.50 -17.07 -17.50
CA ASP D 23 78.89 -17.15 -17.96
C ASP D 23 79.84 -16.47 -16.98
N SER D 24 79.43 -15.32 -16.44
CA SER D 24 80.29 -14.53 -15.55
C SER D 24 80.19 -15.08 -14.13
N LYS D 25 80.81 -16.24 -13.92
CA LYS D 25 80.88 -16.83 -12.60
C LYS D 25 81.76 -16.01 -11.65
N ASN D 26 82.64 -15.17 -12.20
CA ASN D 26 83.49 -14.31 -11.39
C ASN D 26 82.78 -13.02 -10.98
N GLY D 27 81.54 -12.80 -11.41
CA GLY D 27 80.82 -11.60 -11.06
C GLY D 27 80.51 -11.45 -9.58
N GLY D 28 80.69 -12.52 -8.81
CA GLY D 28 80.42 -12.43 -7.37
C GLY D 28 81.24 -11.33 -6.71
N VAL D 29 82.50 -11.21 -7.08
CA VAL D 29 83.35 -10.13 -6.59
C VAL D 29 83.20 -8.88 -7.44
N THR D 30 83.26 -9.04 -8.76
CA THR D 30 83.09 -7.92 -9.69
C THR D 30 81.61 -7.83 -10.07
N GLN D 31 80.82 -7.29 -9.14
CA GLN D 31 79.38 -7.17 -9.32
C GLN D 31 78.97 -5.90 -10.06
N GLN D 32 79.92 -5.06 -10.45
CA GLN D 32 79.56 -3.82 -11.13
C GLN D 32 78.90 -4.09 -12.47
N GLU D 33 79.52 -4.94 -13.30
CA GLU D 33 78.95 -5.24 -14.60
C GLU D 33 77.67 -6.04 -14.49
N LEU D 34 77.59 -6.94 -13.50
CA LEU D 34 76.36 -7.68 -13.28
C LEU D 34 75.22 -6.75 -12.92
N ALA D 35 75.48 -5.77 -12.04
CA ALA D 35 74.46 -4.78 -11.70
C ALA D 35 74.08 -3.94 -12.91
N ALA D 36 75.07 -3.60 -13.75
CA ALA D 36 74.77 -2.84 -14.95
C ALA D 36 73.85 -3.62 -15.88
N TYR D 37 74.12 -4.91 -16.08
CA TYR D 37 73.25 -5.74 -16.90
C TYR D 37 71.86 -5.84 -16.30
N ARG D 38 71.79 -6.02 -14.97
CA ARG D 38 70.49 -6.10 -14.31
C ARG D 38 69.69 -4.82 -14.52
N LYS D 39 70.36 -3.66 -14.38
CA LYS D 39 69.67 -2.39 -14.55
C LYS D 39 69.23 -2.20 -16.00
N ALA D 40 70.05 -2.61 -16.97
CA ALA D 40 69.65 -2.50 -18.37
C ALA D 40 68.41 -3.36 -18.64
N ALA D 41 68.40 -4.59 -18.11
CA ALA D 41 67.23 -5.44 -18.26
C ALA D 41 66.02 -4.82 -17.60
N ASN D 42 66.20 -4.19 -16.44
CA ASN D 42 65.10 -3.54 -15.75
C ASN D 42 64.54 -2.40 -16.58
N ILE D 43 65.42 -1.59 -17.18
CA ILE D 43 64.96 -0.50 -18.03
C ILE D 43 64.18 -1.04 -19.22
N ALA D 44 64.68 -2.12 -19.83
CA ALA D 44 63.94 -2.74 -20.92
C ALA D 44 62.56 -3.20 -20.45
N LYS D 45 62.48 -3.78 -19.26
CA LYS D 45 61.21 -4.24 -18.73
C LYS D 45 60.25 -3.09 -18.48
N SER D 46 60.78 -1.94 -18.02
CA SER D 46 59.92 -0.85 -17.57
C SER D 46 59.00 -0.33 -18.67
N VAL D 47 59.31 -0.59 -19.94
CA VAL D 47 58.49 -0.08 -21.04
C VAL D 47 57.07 -0.61 -20.94
N PHE D 48 56.89 -1.79 -20.32
CA PHE D 48 55.58 -2.40 -20.25
C PHE D 48 54.58 -1.49 -19.54
N ASP D 49 54.99 -0.91 -18.40
CA ASP D 49 54.07 -0.13 -17.60
C ASP D 49 53.35 0.93 -18.42
N ARG D 50 54.03 1.50 -19.41
CA ARG D 50 53.42 2.48 -20.30
C ARG D 50 52.70 1.81 -21.46
N ASP D 51 53.42 0.97 -22.22
CA ASP D 51 52.87 0.47 -23.48
C ASP D 51 51.64 -0.41 -23.24
N LEU D 52 51.76 -1.40 -22.36
CA LEU D 52 50.65 -2.31 -22.12
C LEU D 52 49.46 -1.56 -21.53
N ALA D 53 49.73 -0.62 -20.62
CA ALA D 53 48.64 0.14 -20.01
C ALA D 53 47.87 0.92 -21.07
N VAL D 54 48.58 1.67 -21.92
CA VAL D 54 47.90 2.48 -22.91
C VAL D 54 47.15 1.60 -23.90
N GLN D 55 47.78 0.50 -24.33
CA GLN D 55 47.13 -0.40 -25.28
C GLN D 55 45.85 -0.97 -24.69
N LYS D 56 45.92 -1.43 -23.44
CA LYS D 56 44.76 -2.02 -22.79
C LYS D 56 43.63 -1.00 -22.64
N LYS D 57 43.97 0.21 -22.20
CA LYS D 57 42.93 1.23 -22.02
C LYS D 57 42.26 1.58 -23.35
N LEU D 58 43.06 1.79 -24.40
CA LEU D 58 42.50 2.14 -25.69
C LEU D 58 41.63 1.02 -26.23
N ASP D 59 42.11 -0.23 -26.12
CA ASP D 59 41.34 -1.35 -26.62
C ASP D 59 40.03 -1.50 -25.85
N SER D 60 40.05 -1.33 -24.53
CA SER D 60 38.83 -1.43 -23.75
C SER D 60 37.84 -0.35 -24.15
N MET D 61 38.31 0.89 -24.32
CA MET D 61 37.41 1.97 -24.71
C MET D 61 36.79 1.70 -26.07
N ALA D 62 37.62 1.29 -27.04
CA ALA D 62 37.10 1.01 -28.38
C ALA D 62 36.09 -0.12 -28.35
N GLU D 63 36.38 -1.19 -27.60
CA GLU D 63 35.46 -2.31 -27.54
C GLU D 63 34.14 -1.90 -26.89
N ARG D 64 34.19 -1.10 -25.82
CA ARG D 64 32.96 -0.65 -25.19
C ARG D 64 32.12 0.15 -26.18
N ALA D 65 32.74 1.11 -26.86
CA ALA D 65 31.99 1.95 -27.79
C ALA D 65 31.37 1.11 -28.91
N MET D 66 32.17 0.20 -29.49
CA MET D 66 31.68 -0.59 -30.61
C MET D 66 30.57 -1.55 -30.16
N THR D 67 30.69 -2.13 -28.96
CA THR D 67 29.64 -3.01 -28.47
C THR D 67 28.35 -2.24 -28.24
N THR D 68 28.44 -1.02 -27.68
CA THR D 68 27.24 -0.21 -27.53
C THR D 68 26.60 0.09 -28.88
N MET D 69 27.43 0.42 -29.87
CA MET D 69 26.89 0.69 -31.21
C MET D 69 26.18 -0.53 -31.77
N TYR D 70 26.79 -1.72 -31.60
CA TYR D 70 26.17 -2.94 -32.11
C TYR D 70 24.84 -3.21 -31.40
N LYS D 71 24.80 -3.02 -30.08
CA LYS D 71 23.56 -3.26 -29.35
C LYS D 71 22.46 -2.30 -29.81
N GLU D 72 22.80 -1.03 -30.03
CA GLU D 72 21.81 -0.10 -30.54
C GLU D 72 21.32 -0.52 -31.93
N ALA D 73 22.25 -0.91 -32.81
CA ALA D 73 21.86 -1.30 -34.16
C ALA D 73 21.02 -2.57 -34.15
N ARG D 74 21.16 -3.40 -33.13
CA ARG D 74 20.33 -4.61 -33.04
C ARG D 74 18.96 -4.30 -32.47
N VAL D 75 18.88 -3.50 -31.41
CA VAL D 75 17.58 -3.21 -30.82
C VAL D 75 16.71 -2.40 -31.77
N THR D 76 17.32 -1.46 -32.50
CA THR D 76 16.53 -0.69 -33.46
C THR D 76 15.95 -1.58 -34.55
N ASP D 77 16.75 -2.52 -35.06
CA ASP D 77 16.25 -3.44 -36.07
C ASP D 77 15.14 -4.32 -35.50
N ARG D 78 15.29 -4.76 -34.25
CA ARG D 78 14.24 -5.55 -33.62
C ARG D 78 12.94 -4.76 -33.55
N ARG D 79 13.03 -3.49 -33.17
CA ARG D 79 11.82 -2.67 -33.03
C ARG D 79 11.22 -2.28 -34.37
N ALA D 80 12.01 -2.27 -35.44
CA ALA D 80 11.52 -1.74 -36.72
C ALA D 80 10.34 -2.54 -37.27
N LYS D 81 10.23 -3.83 -36.92
CA LYS D 81 9.28 -4.72 -37.60
C LYS D 81 8.34 -5.39 -36.59
N LEU D 82 7.77 -4.59 -35.69
CA LEU D 82 7.12 -5.12 -34.50
C LEU D 82 5.91 -5.98 -34.85
N VAL D 83 5.00 -5.45 -35.66
CA VAL D 83 3.72 -6.15 -35.87
C VAL D 83 3.94 -7.44 -36.65
N SER D 84 4.79 -7.41 -37.68
CA SER D 84 5.06 -8.63 -38.42
C SER D 84 5.80 -9.64 -37.55
N SER D 85 6.69 -9.17 -36.68
CA SER D 85 7.33 -10.09 -35.74
C SER D 85 6.30 -10.74 -34.84
N LEU D 86 5.32 -9.97 -34.37
CA LEU D 86 4.29 -10.53 -33.51
C LEU D 86 3.46 -11.57 -34.25
N HIS D 87 3.10 -11.29 -35.50
CA HIS D 87 2.34 -12.27 -36.28
C HIS D 87 3.15 -13.56 -36.46
N ALA D 88 4.41 -13.43 -36.83
CA ALA D 88 5.24 -14.61 -37.02
C ALA D 88 5.38 -15.41 -35.74
N LEU D 89 5.60 -14.72 -34.62
CA LEU D 89 5.74 -15.41 -33.34
C LEU D 89 4.44 -16.11 -32.95
N LEU D 90 3.30 -15.45 -33.16
CA LEU D 90 2.03 -16.09 -32.82
C LEU D 90 1.80 -17.34 -33.65
N PHE D 91 2.10 -17.29 -34.95
CA PHE D 91 1.86 -18.47 -35.77
C PHE D 91 2.85 -19.58 -35.44
N SER D 92 4.11 -19.23 -35.16
CA SER D 92 5.07 -20.25 -34.74
C SER D 92 4.66 -20.90 -33.44
N MET D 93 4.05 -20.13 -32.53
CA MET D 93 3.58 -20.72 -31.28
C MET D 93 2.36 -21.60 -31.50
N LEU D 94 1.41 -21.15 -32.32
CA LEU D 94 0.23 -21.94 -32.60
C LEU D 94 0.61 -23.26 -33.27
N LYS D 95 1.62 -23.25 -34.13
CA LYS D 95 2.09 -24.50 -34.73
C LYS D 95 2.54 -25.49 -33.66
N LYS D 96 3.05 -24.99 -32.54
CA LYS D 96 3.57 -25.87 -31.50
C LYS D 96 2.44 -26.59 -30.76
N ILE D 97 1.31 -25.91 -30.56
CA ILE D 97 0.20 -26.47 -29.80
C ILE D 97 -0.52 -27.48 -30.69
N ASP D 98 -0.41 -28.76 -30.34
CA ASP D 98 -1.04 -29.83 -31.11
C ASP D 98 -2.49 -29.95 -30.64
N SER D 99 -3.40 -29.36 -31.41
CA SER D 99 -4.82 -29.42 -31.09
C SER D 99 -5.62 -29.38 -32.38
N GLU D 100 -6.36 -30.47 -32.66
CA GLU D 100 -7.18 -30.52 -33.85
C GLU D 100 -8.27 -29.45 -33.85
N LYS D 101 -8.64 -28.94 -32.68
CA LYS D 101 -9.65 -27.90 -32.61
C LYS D 101 -9.22 -26.64 -33.35
N LEU D 102 -8.02 -26.14 -33.03
CA LEU D 102 -7.54 -24.94 -33.70
C LEU D 102 -7.30 -25.21 -35.19
N ASN D 103 -6.86 -26.41 -35.53
CA ASN D 103 -6.67 -26.75 -36.94
C ASN D 103 -7.99 -26.69 -37.69
N VAL D 104 -9.05 -27.24 -37.10
CA VAL D 104 -10.36 -27.19 -37.74
C VAL D 104 -10.83 -25.76 -37.88
N LEU D 105 -10.64 -24.96 -36.83
CA LEU D 105 -11.05 -23.55 -36.90
C LEU D 105 -10.33 -22.83 -38.02
N PHE D 106 -9.02 -23.05 -38.14
CA PHE D 106 -8.24 -22.35 -39.16
C PHE D 106 -8.61 -22.84 -40.56
N ASP D 107 -8.87 -24.14 -40.71
CA ASP D 107 -9.31 -24.65 -42.00
C ASP D 107 -10.63 -24.03 -42.42
N GLN D 108 -11.58 -23.94 -41.47
CA GLN D 108 -12.86 -23.32 -41.79
C GLN D 108 -12.67 -21.84 -42.13
N ALA D 109 -11.81 -21.15 -41.39
CA ALA D 109 -11.56 -19.74 -41.69
C ALA D 109 -10.98 -19.57 -43.09
N ASN D 110 -10.03 -20.43 -43.47
CA ASN D 110 -9.47 -20.38 -44.81
C ASN D 110 -10.51 -20.75 -45.86
N SER D 111 -11.52 -21.56 -45.48
CA SER D 111 -12.54 -21.94 -46.45
C SER D 111 -13.29 -20.73 -46.96
N GLY D 112 -13.59 -19.77 -46.09
CA GLY D 112 -14.28 -18.57 -46.51
C GLY D 112 -15.31 -18.04 -45.51
N VAL D 113 -15.51 -18.75 -44.41
CA VAL D 113 -16.46 -18.35 -43.38
C VAL D 113 -15.71 -17.65 -42.28
N VAL D 114 -16.04 -16.38 -42.04
CA VAL D 114 -15.38 -15.56 -41.03
C VAL D 114 -16.39 -14.57 -40.47
N PRO D 115 -16.14 -13.97 -39.31
CA PRO D 115 -17.04 -12.94 -38.80
C PRO D 115 -17.23 -11.81 -39.81
N LEU D 116 -18.32 -11.07 -39.63
CA LEU D 116 -18.71 -10.06 -40.61
C LEU D 116 -17.76 -8.87 -40.66
N ALA D 117 -16.84 -8.74 -39.72
CA ALA D 117 -15.85 -7.68 -39.60
C ALA D 117 -16.45 -6.37 -39.11
N THR D 118 -17.77 -6.26 -38.99
CA THR D 118 -18.45 -5.13 -38.38
C THR D 118 -19.23 -5.63 -37.17
N VAL D 119 -20.01 -4.72 -36.57
CA VAL D 119 -20.73 -5.00 -35.34
C VAL D 119 -19.81 -5.84 -34.45
N PRO D 120 -18.74 -5.25 -33.91
CA PRO D 120 -17.69 -6.06 -33.27
C PRO D 120 -18.20 -7.10 -32.28
N ILE D 121 -17.41 -8.14 -32.05
CA ILE D 121 -17.79 -9.20 -31.14
C ILE D 121 -17.67 -8.69 -29.72
N VAL D 122 -18.75 -8.82 -28.95
CA VAL D 122 -18.81 -8.26 -27.60
C VAL D 122 -19.23 -9.27 -26.55
N CYS D 123 -19.84 -10.39 -26.91
CA CYS D 123 -20.32 -11.37 -25.95
C CYS D 123 -19.98 -12.77 -26.43
N SER D 124 -20.10 -13.72 -25.53
CA SER D 124 -19.81 -15.12 -25.81
C SER D 124 -21.01 -15.87 -26.36
N ASN D 125 -22.10 -15.17 -26.69
CA ASN D 125 -23.35 -15.81 -27.10
C ASN D 125 -23.88 -15.30 -28.43
N LYS D 126 -23.08 -14.58 -29.22
CA LYS D 126 -23.57 -14.06 -30.48
C LYS D 126 -22.42 -13.97 -31.48
N LEU D 127 -22.76 -14.11 -32.76
CA LEU D 127 -21.80 -14.03 -33.85
C LEU D 127 -22.51 -13.49 -35.09
N THR D 128 -21.75 -13.38 -36.18
CA THR D 128 -22.32 -12.99 -37.47
C THR D 128 -21.36 -13.47 -38.54
N LEU D 129 -21.76 -14.49 -39.29
CA LEU D 129 -20.89 -15.16 -40.25
C LEU D 129 -21.30 -14.82 -41.67
N VAL D 130 -20.39 -15.08 -42.61
CA VAL D 130 -20.65 -14.94 -44.03
C VAL D 130 -20.31 -16.28 -44.70
N ILE D 131 -21.23 -16.81 -45.48
CA ILE D 131 -21.05 -18.10 -46.13
C ILE D 131 -20.90 -17.88 -47.63
N PRO D 132 -19.69 -17.94 -48.19
CA PRO D 132 -19.51 -17.58 -49.60
C PRO D 132 -20.30 -18.43 -50.58
N ASP D 133 -20.08 -19.74 -50.57
CA ASP D 133 -20.53 -20.62 -51.64
C ASP D 133 -21.39 -21.75 -51.08
N PRO D 134 -22.21 -22.37 -51.92
CA PRO D 134 -23.06 -23.47 -51.43
C PRO D 134 -22.27 -24.63 -50.84
N GLU D 135 -21.07 -24.90 -51.34
CA GLU D 135 -20.31 -26.04 -50.85
C GLU D 135 -20.01 -25.91 -49.37
N THR D 136 -19.43 -24.78 -48.97
CA THR D 136 -19.12 -24.58 -47.55
C THR D 136 -20.40 -24.43 -46.72
N TRP D 137 -21.45 -23.88 -47.31
CA TRP D 137 -22.73 -23.81 -46.60
C TRP D 137 -23.22 -25.20 -46.24
N VAL D 138 -23.18 -26.13 -47.20
CA VAL D 138 -23.61 -27.51 -46.93
C VAL D 138 -22.65 -28.16 -45.93
N LYS D 139 -21.36 -27.86 -46.06
CA LYS D 139 -20.38 -28.46 -45.16
C LYS D 139 -20.59 -28.03 -43.71
N CYS D 140 -20.98 -26.77 -43.49
CA CYS D 140 -21.05 -26.22 -42.15
C CYS D 140 -22.42 -26.42 -41.50
N VAL D 141 -23.48 -25.89 -42.12
CA VAL D 141 -24.77 -25.87 -41.47
C VAL D 141 -25.48 -27.21 -41.64
N GLU D 142 -26.47 -27.44 -40.77
CA GLU D 142 -27.33 -28.62 -40.87
C GLU D 142 -28.70 -28.20 -40.34
N GLY D 143 -29.59 -27.82 -41.25
CA GLY D 143 -30.91 -27.37 -40.88
C GLY D 143 -30.87 -26.08 -40.07
N VAL D 144 -31.14 -26.18 -38.77
CA VAL D 144 -31.16 -25.01 -37.92
C VAL D 144 -29.82 -24.76 -37.23
N HIS D 145 -28.93 -25.75 -37.19
CA HIS D 145 -27.70 -25.67 -36.41
C HIS D 145 -26.49 -25.52 -37.33
N VAL D 146 -25.51 -24.75 -36.85
CA VAL D 146 -24.25 -24.56 -37.55
C VAL D 146 -23.12 -24.79 -36.56
N THR D 147 -21.97 -25.22 -37.08
CA THR D 147 -20.78 -25.51 -36.28
C THR D 147 -19.60 -24.78 -36.91
N TYR D 148 -19.40 -23.52 -36.54
CA TYR D 148 -18.24 -22.78 -37.00
C TYR D 148 -16.99 -23.19 -36.24
N SER D 149 -16.99 -23.00 -34.93
CA SER D 149 -15.97 -23.55 -34.06
C SER D 149 -16.37 -24.99 -33.71
N THR D 150 -15.69 -25.58 -32.73
CA THR D 150 -16.11 -26.90 -32.27
C THR D 150 -17.51 -26.88 -31.66
N VAL D 151 -17.98 -25.71 -31.25
CA VAL D 151 -19.30 -25.60 -30.62
C VAL D 151 -20.37 -25.51 -31.69
N VAL D 152 -21.61 -25.78 -31.29
CA VAL D 152 -22.77 -25.75 -32.18
C VAL D 152 -23.60 -24.51 -31.87
N TRP D 153 -23.93 -23.74 -32.90
CA TRP D 153 -24.70 -22.52 -32.76
C TRP D 153 -26.07 -22.69 -33.38
N ASN D 154 -27.02 -21.89 -32.90
CA ASN D 154 -28.38 -21.87 -33.44
C ASN D 154 -28.56 -20.65 -34.32
N ILE D 155 -29.22 -20.83 -35.46
CA ILE D 155 -29.47 -19.75 -36.41
C ILE D 155 -30.68 -18.96 -35.96
N ASP D 156 -30.65 -17.65 -36.21
CA ASP D 156 -31.77 -16.76 -35.91
C ASP D 156 -32.37 -16.13 -37.14
N CYS D 157 -31.54 -15.49 -37.97
CA CYS D 157 -32.03 -14.86 -39.19
C CYS D 157 -30.96 -14.95 -40.26
N VAL D 158 -31.38 -14.97 -41.52
CA VAL D 158 -30.50 -15.07 -42.67
C VAL D 158 -30.78 -13.90 -43.59
N THR D 159 -29.72 -13.30 -44.13
CA THR D 159 -29.83 -12.14 -44.99
C THR D 159 -28.99 -12.35 -46.24
N ASP D 160 -29.42 -11.73 -47.34
CA ASP D 160 -28.71 -11.77 -48.60
C ASP D 160 -28.05 -10.42 -48.85
N ALA D 161 -27.06 -10.42 -49.75
CA ALA D 161 -26.30 -9.20 -50.01
C ALA D 161 -27.19 -8.03 -50.40
N ASP D 162 -28.32 -8.31 -51.05
CA ASP D 162 -29.22 -7.24 -51.45
C ASP D 162 -30.09 -6.72 -50.31
N GLY D 163 -30.10 -7.39 -49.17
CA GLY D 163 -30.90 -6.98 -48.03
C GLY D 163 -32.16 -7.78 -47.82
N THR D 164 -32.58 -8.57 -48.80
CA THR D 164 -33.77 -9.40 -48.64
C THR D 164 -33.51 -10.49 -47.60
N GLU D 165 -34.49 -10.70 -46.72
CA GLU D 165 -34.38 -11.67 -45.64
C GLU D 165 -34.99 -13.00 -46.06
N LEU D 166 -34.30 -14.08 -45.74
CA LEU D 166 -34.71 -15.43 -46.10
C LEU D 166 -35.45 -16.08 -44.95
N HIS D 167 -36.24 -17.10 -45.29
CA HIS D 167 -37.06 -17.84 -44.35
C HIS D 167 -36.84 -19.33 -44.53
N PRO D 168 -37.08 -20.14 -43.50
CA PRO D 168 -36.88 -21.59 -43.62
C PRO D 168 -37.93 -22.23 -44.49
N THR D 169 -37.64 -23.47 -44.90
CA THR D 169 -38.55 -24.28 -45.70
C THR D 169 -39.09 -25.40 -44.83
N SER D 170 -40.41 -25.58 -44.85
CA SER D 170 -41.04 -26.61 -44.04
C SER D 170 -40.64 -28.00 -44.53
N THR D 171 -40.31 -28.88 -43.59
CA THR D 171 -39.96 -30.26 -43.91
C THR D 171 -40.22 -31.11 -42.68
N GLY D 172 -40.49 -32.41 -42.92
CA GLY D 172 -40.79 -33.30 -41.82
C GLY D 172 -39.69 -33.36 -40.78
N SER D 173 -38.44 -33.49 -41.24
CA SER D 173 -37.32 -33.55 -40.31
C SER D 173 -37.16 -32.25 -39.54
N GLY D 174 -37.31 -31.11 -40.20
CA GLY D 174 -37.16 -29.83 -39.55
C GLY D 174 -36.93 -28.74 -40.58
N LEU D 175 -36.68 -27.54 -40.05
CA LEU D 175 -36.44 -26.38 -40.90
C LEU D 175 -35.19 -26.59 -41.75
N THR D 176 -35.23 -26.09 -42.98
CA THR D 176 -34.13 -26.26 -43.91
C THR D 176 -34.00 -25.03 -44.79
N TYR D 177 -32.78 -24.77 -45.25
CA TYR D 177 -32.49 -23.63 -46.11
C TYR D 177 -31.68 -24.00 -47.35
N CYS D 178 -31.27 -25.27 -47.49
CA CYS D 178 -30.31 -25.62 -48.53
C CYS D 178 -30.86 -25.35 -49.93
N ILE D 179 -32.13 -25.68 -50.17
CA ILE D 179 -32.69 -25.54 -51.51
C ILE D 179 -32.61 -24.09 -51.97
N SER D 180 -32.72 -23.13 -51.05
CA SER D 180 -32.66 -21.72 -51.42
C SER D 180 -31.29 -21.31 -51.93
N GLY D 181 -30.25 -22.12 -51.68
CA GLY D 181 -28.91 -21.73 -52.10
C GLY D 181 -28.80 -21.53 -53.60
N ASP D 182 -29.38 -22.44 -54.38
CA ASP D 182 -29.27 -22.40 -55.84
C ASP D 182 -30.20 -21.38 -56.48
N ASN D 183 -31.13 -20.79 -55.72
CA ASN D 183 -32.10 -19.86 -56.27
C ASN D 183 -31.86 -18.41 -55.86
N ILE D 184 -30.94 -18.16 -54.92
CA ILE D 184 -30.68 -16.81 -54.43
C ILE D 184 -29.18 -16.54 -54.54
N ALA D 185 -28.85 -15.25 -54.63
CA ALA D 185 -27.47 -14.84 -54.81
C ALA D 185 -26.64 -15.13 -53.55
N TRP D 186 -25.37 -14.80 -53.63
CA TRP D 186 -24.39 -15.03 -52.57
C TRP D 186 -23.65 -13.73 -52.29
N PRO D 187 -23.07 -13.59 -51.08
CA PRO D 187 -23.04 -14.53 -49.95
C PRO D 187 -24.18 -14.29 -48.97
N LEU D 188 -24.35 -15.19 -48.00
CA LEU D 188 -25.39 -15.05 -46.98
C LEU D 188 -24.76 -14.67 -45.65
N LYS D 189 -25.47 -13.82 -44.91
CA LYS D 189 -25.05 -13.38 -43.58
C LYS D 189 -26.00 -13.99 -42.56
N VAL D 190 -25.46 -14.77 -41.64
CA VAL D 190 -26.25 -15.53 -40.66
C VAL D 190 -25.91 -15.02 -39.27
N ASN D 191 -26.93 -14.66 -38.51
CA ASN D 191 -26.77 -14.20 -37.13
C ASN D 191 -27.01 -15.39 -36.21
N LEU D 192 -25.95 -15.82 -35.52
CA LEU D 192 -25.98 -17.03 -34.71
C LEU D 192 -26.24 -16.67 -33.25
N THR D 193 -26.31 -17.71 -32.42
CA THR D 193 -26.47 -17.54 -30.98
C THR D 193 -26.04 -18.84 -30.30
N ARG D 194 -25.53 -18.70 -29.07
CA ARG D 194 -25.05 -19.87 -28.35
C ARG D 194 -26.19 -20.84 -28.07
N ASN D 195 -25.89 -22.14 -28.15
CA ASN D 195 -26.87 -23.18 -27.91
C ASN D 195 -26.88 -23.59 -26.44
ZN ZN G . -5.61 18.49 24.76
ZN ZN H . 13.37 19.93 15.09
#